data_1XWM
# 
_entry.id   1XWM 
# 
_audit_conform.dict_name       mmcif_pdbx.dic 
_audit_conform.dict_version    5.386 
_audit_conform.dict_location   http://mmcif.pdb.org/dictionaries/ascii/mmcif_pdbx.dic 
# 
loop_
_database_2.database_id 
_database_2.database_code 
_database_2.pdbx_database_accession 
_database_2.pdbx_DOI 
PDB   1XWM         pdb_00001xwm 10.2210/pdb1xwm/pdb 
RCSB  RCSB030850   ?            ?                   
WWPDB D_1000030850 ?            ?                   
# 
loop_
_pdbx_audit_revision_history.ordinal 
_pdbx_audit_revision_history.data_content_type 
_pdbx_audit_revision_history.major_revision 
_pdbx_audit_revision_history.minor_revision 
_pdbx_audit_revision_history.revision_date 
1 'Structure model' 1 0 2004-12-14 
2 'Structure model' 1 1 2008-04-30 
3 'Structure model' 1 2 2011-07-13 
4 'Structure model' 1 3 2024-02-14 
# 
_pdbx_audit_revision_details.ordinal             1 
_pdbx_audit_revision_details.revision_ordinal    1 
_pdbx_audit_revision_details.data_content_type   'Structure model' 
_pdbx_audit_revision_details.provider            repository 
_pdbx_audit_revision_details.type                'Initial release' 
_pdbx_audit_revision_details.description         ? 
_pdbx_audit_revision_details.details             ? 
# 
loop_
_pdbx_audit_revision_group.ordinal 
_pdbx_audit_revision_group.revision_ordinal 
_pdbx_audit_revision_group.data_content_type 
_pdbx_audit_revision_group.group 
1 2 'Structure model' 'Version format compliance' 
2 3 'Structure model' 'Version format compliance' 
3 4 'Structure model' 'Data collection'           
4 4 'Structure model' 'Database references'       
# 
loop_
_pdbx_audit_revision_category.ordinal 
_pdbx_audit_revision_category.revision_ordinal 
_pdbx_audit_revision_category.data_content_type 
_pdbx_audit_revision_category.category 
1 4 'Structure model' chem_comp_atom 
2 4 'Structure model' chem_comp_bond 
3 4 'Structure model' database_2     
# 
loop_
_pdbx_audit_revision_item.ordinal 
_pdbx_audit_revision_item.revision_ordinal 
_pdbx_audit_revision_item.data_content_type 
_pdbx_audit_revision_item.item 
1 4 'Structure model' '_database_2.pdbx_DOI'                
2 4 'Structure model' '_database_2.pdbx_database_accession' 
# 
_pdbx_database_status.status_code                     REL 
_pdbx_database_status.entry_id                        1XWM 
_pdbx_database_status.recvd_initial_deposition_date   2004-11-01 
_pdbx_database_status.deposit_site                    RCSB 
_pdbx_database_status.process_site                    RCSB 
_pdbx_database_status.SG_entry                        Y 
_pdbx_database_status.status_code_sf                  REL 
_pdbx_database_status.status_code_mr                  ? 
_pdbx_database_status.pdb_format_compatible           Y 
_pdbx_database_status.status_code_cs                  ? 
_pdbx_database_status.status_code_nmr_data            ? 
_pdbx_database_status.methods_development_category    ? 
# 
_pdbx_database_related.db_name        TargetDB 
_pdbx_database_related.db_id          APC36012 
_pdbx_database_related.details        . 
_pdbx_database_related.content_type   unspecified 
# 
loop_
_audit_author.name 
_audit_author.pdbx_ordinal 
'Zhang, R.'                                     1 
'Dementieva, I.'                                2 
'Moy, S.'                                       3 
'Joachimiak, A.'                                4 
'Midwest Center for Structural Genomics (MCSG)' 5 
# 
_citation.id                        primary 
_citation.title                     'The crystal structure of PhoU (phosphate uptake regulator)' 
_citation.journal_abbrev            'To be Published' 
_citation.journal_volume            ? 
_citation.page_first                ? 
_citation.page_last                 ? 
_citation.year                      ? 
_citation.journal_id_ASTM           ? 
_citation.country                   ? 
_citation.journal_id_ISSN           ? 
_citation.journal_id_CSD            0353 
_citation.book_publisher            ? 
_citation.pdbx_database_id_PubMed   ? 
_citation.pdbx_database_id_DOI      ? 
# 
loop_
_citation_author.citation_id 
_citation_author.name 
_citation_author.ordinal 
_citation_author.identifier_ORCID 
primary 'Zhang, R.'      1 ? 
primary 'Dementieva, I.' 2 ? 
primary 'Moy, S.'        3 ? 
primary 'Joachimiak, A.' 4 ? 
# 
loop_
_entity.id 
_entity.type 
_entity.src_method 
_entity.pdbx_description 
_entity.formula_weight 
_entity.pdbx_number_of_molecules 
_entity.pdbx_ec 
_entity.pdbx_mutation 
_entity.pdbx_fragment 
_entity.details 
1 polymer man 'phosphate uptake regulator' 23804.146 1 ? ? ? ? 
2 water   nat water                        18.015    5 ? ? ? ? 
# 
_entity_name_com.entity_id   1 
_entity_name_com.name        PhoU 
# 
_entity_poly.entity_id                      1 
_entity_poly.type                           'polypeptide(L)' 
_entity_poly.nstd_linkage                   no 
_entity_poly.nstd_monomer                   no 
_entity_poly.pdbx_seq_one_letter_code       
;MRETFADDLASLHNKLIEMGRLTEVALQQAIEAFQTQNANLAMAVIDGDGSIDALEEEVNDFALWLIAAQQPVATDLRRI
VAAIKIASDIERIADFAVNIAKACIRIGGQPFVMDIGPLVLMYRLATDMVSTAIAAYDREDASLAAQIADMDHRVDEQYG
EMMASLLAVAKTDAATLAQMNVLALVARYIERTADHATNIAEHLVYLVKGKHYDFND
;
_entity_poly.pdbx_seq_one_letter_code_can   
;MRETFADDLASLHNKLIEMGRLTEVALQQAIEAFQTQNANLAMAVIDGDGSIDALEEEVNDFALWLIAAQQPVATDLRRI
VAAIKIASDIERIADFAVNIAKACIRIGGQPFVMDIGPLVLMYRLATDMVSTAIAAYDREDASLAAQIADMDHRVDEQYG
EMMASLLAVAKTDAATLAQMNVLALVARYIERTADHATNIAEHLVYLVKGKHYDFND
;
_entity_poly.pdbx_strand_id                 A 
_entity_poly.pdbx_target_identifier         APC36012 
# 
_pdbx_entity_nonpoly.entity_id   2 
_pdbx_entity_nonpoly.name        water 
_pdbx_entity_nonpoly.comp_id     HOH 
# 
loop_
_entity_poly_seq.entity_id 
_entity_poly_seq.num 
_entity_poly_seq.mon_id 
_entity_poly_seq.hetero 
1 1   MET n 
1 2   ARG n 
1 3   GLU n 
1 4   THR n 
1 5   PHE n 
1 6   ALA n 
1 7   ASP n 
1 8   ASP n 
1 9   LEU n 
1 10  ALA n 
1 11  SER n 
1 12  LEU n 
1 13  HIS n 
1 14  ASN n 
1 15  LYS n 
1 16  LEU n 
1 17  ILE n 
1 18  GLU n 
1 19  MET n 
1 20  GLY n 
1 21  ARG n 
1 22  LEU n 
1 23  THR n 
1 24  GLU n 
1 25  VAL n 
1 26  ALA n 
1 27  LEU n 
1 28  GLN n 
1 29  GLN n 
1 30  ALA n 
1 31  ILE n 
1 32  GLU n 
1 33  ALA n 
1 34  PHE n 
1 35  GLN n 
1 36  THR n 
1 37  GLN n 
1 38  ASN n 
1 39  ALA n 
1 40  ASN n 
1 41  LEU n 
1 42  ALA n 
1 43  MET n 
1 44  ALA n 
1 45  VAL n 
1 46  ILE n 
1 47  ASP n 
1 48  GLY n 
1 49  ASP n 
1 50  GLY n 
1 51  SER n 
1 52  ILE n 
1 53  ASP n 
1 54  ALA n 
1 55  LEU n 
1 56  GLU n 
1 57  GLU n 
1 58  GLU n 
1 59  VAL n 
1 60  ASN n 
1 61  ASP n 
1 62  PHE n 
1 63  ALA n 
1 64  LEU n 
1 65  TRP n 
1 66  LEU n 
1 67  ILE n 
1 68  ALA n 
1 69  ALA n 
1 70  GLN n 
1 71  GLN n 
1 72  PRO n 
1 73  VAL n 
1 74  ALA n 
1 75  THR n 
1 76  ASP n 
1 77  LEU n 
1 78  ARG n 
1 79  ARG n 
1 80  ILE n 
1 81  VAL n 
1 82  ALA n 
1 83  ALA n 
1 84  ILE n 
1 85  LYS n 
1 86  ILE n 
1 87  ALA n 
1 88  SER n 
1 89  ASP n 
1 90  ILE n 
1 91  GLU n 
1 92  ARG n 
1 93  ILE n 
1 94  ALA n 
1 95  ASP n 
1 96  PHE n 
1 97  ALA n 
1 98  VAL n 
1 99  ASN n 
1 100 ILE n 
1 101 ALA n 
1 102 LYS n 
1 103 ALA n 
1 104 CYS n 
1 105 ILE n 
1 106 ARG n 
1 107 ILE n 
1 108 GLY n 
1 109 GLY n 
1 110 GLN n 
1 111 PRO n 
1 112 PHE n 
1 113 VAL n 
1 114 MET n 
1 115 ASP n 
1 116 ILE n 
1 117 GLY n 
1 118 PRO n 
1 119 LEU n 
1 120 VAL n 
1 121 LEU n 
1 122 MET n 
1 123 TYR n 
1 124 ARG n 
1 125 LEU n 
1 126 ALA n 
1 127 THR n 
1 128 ASP n 
1 129 MET n 
1 130 VAL n 
1 131 SER n 
1 132 THR n 
1 133 ALA n 
1 134 ILE n 
1 135 ALA n 
1 136 ALA n 
1 137 TYR n 
1 138 ASP n 
1 139 ARG n 
1 140 GLU n 
1 141 ASP n 
1 142 ALA n 
1 143 SER n 
1 144 LEU n 
1 145 ALA n 
1 146 ALA n 
1 147 GLN n 
1 148 ILE n 
1 149 ALA n 
1 150 ASP n 
1 151 MET n 
1 152 ASP n 
1 153 HIS n 
1 154 ARG n 
1 155 VAL n 
1 156 ASP n 
1 157 GLU n 
1 158 GLN n 
1 159 TYR n 
1 160 GLY n 
1 161 GLU n 
1 162 MET n 
1 163 MET n 
1 164 ALA n 
1 165 SER n 
1 166 LEU n 
1 167 LEU n 
1 168 ALA n 
1 169 VAL n 
1 170 ALA n 
1 171 LYS n 
1 172 THR n 
1 173 ASP n 
1 174 ALA n 
1 175 ALA n 
1 176 THR n 
1 177 LEU n 
1 178 ALA n 
1 179 GLN n 
1 180 MET n 
1 181 ASN n 
1 182 VAL n 
1 183 LEU n 
1 184 ALA n 
1 185 LEU n 
1 186 VAL n 
1 187 ALA n 
1 188 ARG n 
1 189 TYR n 
1 190 ILE n 
1 191 GLU n 
1 192 ARG n 
1 193 THR n 
1 194 ALA n 
1 195 ASP n 
1 196 HIS n 
1 197 ALA n 
1 198 THR n 
1 199 ASN n 
1 200 ILE n 
1 201 ALA n 
1 202 GLU n 
1 203 HIS n 
1 204 LEU n 
1 205 VAL n 
1 206 TYR n 
1 207 LEU n 
1 208 VAL n 
1 209 LYS n 
1 210 GLY n 
1 211 LYS n 
1 212 HIS n 
1 213 TYR n 
1 214 ASP n 
1 215 PHE n 
1 216 ASN n 
1 217 ASP n 
# 
_entity_src_gen.entity_id                          1 
_entity_src_gen.pdbx_src_id                        1 
_entity_src_gen.pdbx_alt_source_flag               sample 
_entity_src_gen.pdbx_seq_type                      ? 
_entity_src_gen.pdbx_beg_seq_num                   ? 
_entity_src_gen.pdbx_end_seq_num                   ? 
_entity_src_gen.gene_src_common_name               ? 
_entity_src_gen.gene_src_genus                     Geobacillus 
_entity_src_gen.pdbx_gene_src_gene                 RBSTP1653 
_entity_src_gen.gene_src_species                   ? 
_entity_src_gen.gene_src_strain                    ? 
_entity_src_gen.gene_src_tissue                    ? 
_entity_src_gen.gene_src_tissue_fraction           ? 
_entity_src_gen.gene_src_details                   ? 
_entity_src_gen.pdbx_gene_src_fragment             ? 
_entity_src_gen.pdbx_gene_src_scientific_name      'Geobacillus stearothermophilus' 
_entity_src_gen.pdbx_gene_src_ncbi_taxonomy_id     1422 
_entity_src_gen.pdbx_gene_src_variant              ? 
_entity_src_gen.pdbx_gene_src_cell_line            ? 
_entity_src_gen.pdbx_gene_src_atcc                 ? 
_entity_src_gen.pdbx_gene_src_organ                ? 
_entity_src_gen.pdbx_gene_src_organelle            ? 
_entity_src_gen.pdbx_gene_src_cell                 ? 
_entity_src_gen.pdbx_gene_src_cellular_location    ? 
_entity_src_gen.host_org_common_name               ? 
_entity_src_gen.pdbx_host_org_scientific_name      'Escherichia coli BL21' 
_entity_src_gen.pdbx_host_org_ncbi_taxonomy_id     511693 
_entity_src_gen.host_org_genus                     Escherichia 
_entity_src_gen.pdbx_host_org_gene                 ? 
_entity_src_gen.pdbx_host_org_organ                ? 
_entity_src_gen.host_org_species                   'Escherichia coli' 
_entity_src_gen.pdbx_host_org_tissue               ? 
_entity_src_gen.pdbx_host_org_tissue_fraction      ? 
_entity_src_gen.pdbx_host_org_strain               BL21 
_entity_src_gen.pdbx_host_org_variant              ? 
_entity_src_gen.pdbx_host_org_cell_line            ? 
_entity_src_gen.pdbx_host_org_atcc                 ? 
_entity_src_gen.pdbx_host_org_culture_collection   ? 
_entity_src_gen.pdbx_host_org_cell                 ? 
_entity_src_gen.pdbx_host_org_organelle            ? 
_entity_src_gen.pdbx_host_org_cellular_location    ? 
_entity_src_gen.pdbx_host_org_vector_type          Plasmid 
_entity_src_gen.pdbx_host_org_vector               ? 
_entity_src_gen.host_org_details                   ? 
_entity_src_gen.expression_system_id               ? 
_entity_src_gen.plasmid_name                       PDM68 
_entity_src_gen.plasmid_details                    ? 
_entity_src_gen.pdbx_description                   ? 
# 
loop_
_chem_comp.id 
_chem_comp.type 
_chem_comp.mon_nstd_flag 
_chem_comp.name 
_chem_comp.pdbx_synonyms 
_chem_comp.formula 
_chem_comp.formula_weight 
ALA 'L-peptide linking' y ALANINE         ? 'C3 H7 N O2'     89.093  
ARG 'L-peptide linking' y ARGININE        ? 'C6 H15 N4 O2 1' 175.209 
ASN 'L-peptide linking' y ASPARAGINE      ? 'C4 H8 N2 O3'    132.118 
ASP 'L-peptide linking' y 'ASPARTIC ACID' ? 'C4 H7 N O4'     133.103 
CYS 'L-peptide linking' y CYSTEINE        ? 'C3 H7 N O2 S'   121.158 
GLN 'L-peptide linking' y GLUTAMINE       ? 'C5 H10 N2 O3'   146.144 
GLU 'L-peptide linking' y 'GLUTAMIC ACID' ? 'C5 H9 N O4'     147.129 
GLY 'peptide linking'   y GLYCINE         ? 'C2 H5 N O2'     75.067  
HIS 'L-peptide linking' y HISTIDINE       ? 'C6 H10 N3 O2 1' 156.162 
HOH non-polymer         . WATER           ? 'H2 O'           18.015  
ILE 'L-peptide linking' y ISOLEUCINE      ? 'C6 H13 N O2'    131.173 
LEU 'L-peptide linking' y LEUCINE         ? 'C6 H13 N O2'    131.173 
LYS 'L-peptide linking' y LYSINE          ? 'C6 H15 N2 O2 1' 147.195 
MET 'L-peptide linking' y METHIONINE      ? 'C5 H11 N O2 S'  149.211 
PHE 'L-peptide linking' y PHENYLALANINE   ? 'C9 H11 N O2'    165.189 
PRO 'L-peptide linking' y PROLINE         ? 'C5 H9 N O2'     115.130 
SER 'L-peptide linking' y SERINE          ? 'C3 H7 N O3'     105.093 
THR 'L-peptide linking' y THREONINE       ? 'C4 H9 N O3'     119.119 
TRP 'L-peptide linking' y TRYPTOPHAN      ? 'C11 H12 N2 O2'  204.225 
TYR 'L-peptide linking' y TYROSINE        ? 'C9 H11 N O3'    181.189 
VAL 'L-peptide linking' y VALINE          ? 'C5 H11 N O2'    117.146 
# 
loop_
_pdbx_poly_seq_scheme.asym_id 
_pdbx_poly_seq_scheme.entity_id 
_pdbx_poly_seq_scheme.seq_id 
_pdbx_poly_seq_scheme.mon_id 
_pdbx_poly_seq_scheme.ndb_seq_num 
_pdbx_poly_seq_scheme.pdb_seq_num 
_pdbx_poly_seq_scheme.auth_seq_num 
_pdbx_poly_seq_scheme.pdb_mon_id 
_pdbx_poly_seq_scheme.auth_mon_id 
_pdbx_poly_seq_scheme.pdb_strand_id 
_pdbx_poly_seq_scheme.pdb_ins_code 
_pdbx_poly_seq_scheme.hetero 
A 1 1   MET 1   1   ?   ?   ?   A . n 
A 1 2   ARG 2   2   ?   ?   ?   A . n 
A 1 3   GLU 3   3   ?   ?   ?   A . n 
A 1 4   THR 4   4   4   THR THR A . n 
A 1 5   PHE 5   5   5   PHE PHE A . n 
A 1 6   ALA 6   6   6   ALA ALA A . n 
A 1 7   ASP 7   7   7   ASP ASP A . n 
A 1 8   ASP 8   8   8   ASP ASP A . n 
A 1 9   LEU 9   9   9   LEU LEU A . n 
A 1 10  ALA 10  10  10  ALA ALA A . n 
A 1 11  SER 11  11  11  SER SER A . n 
A 1 12  LEU 12  12  12  LEU LEU A . n 
A 1 13  HIS 13  13  13  HIS HIS A . n 
A 1 14  ASN 14  14  14  ASN ASN A . n 
A 1 15  LYS 15  15  15  LYS LYS A . n 
A 1 16  LEU 16  16  16  LEU LEU A . n 
A 1 17  ILE 17  17  17  ILE ILE A . n 
A 1 18  GLU 18  18  18  GLU GLU A . n 
A 1 19  MET 19  19  19  MET MET A . n 
A 1 20  GLY 20  20  20  GLY GLY A . n 
A 1 21  ARG 21  21  21  ARG ARG A . n 
A 1 22  LEU 22  22  22  LEU LEU A . n 
A 1 23  THR 23  23  23  THR THR A . n 
A 1 24  GLU 24  24  24  GLU GLU A . n 
A 1 25  VAL 25  25  25  VAL VAL A . n 
A 1 26  ALA 26  26  26  ALA ALA A . n 
A 1 27  LEU 27  27  27  LEU LEU A . n 
A 1 28  GLN 28  28  28  GLN GLN A . n 
A 1 29  GLN 29  29  29  GLN GLN A . n 
A 1 30  ALA 30  30  30  ALA ALA A . n 
A 1 31  ILE 31  31  31  ILE ILE A . n 
A 1 32  GLU 32  32  32  GLU GLU A . n 
A 1 33  ALA 33  33  33  ALA ALA A . n 
A 1 34  PHE 34  34  34  PHE PHE A . n 
A 1 35  GLN 35  35  35  GLN GLN A . n 
A 1 36  THR 36  36  36  THR THR A . n 
A 1 37  GLN 37  37  37  GLN GLN A . n 
A 1 38  ASN 38  38  38  ASN ASN A . n 
A 1 39  ALA 39  39  39  ALA ALA A . n 
A 1 40  ASN 40  40  40  ASN ASN A . n 
A 1 41  LEU 41  41  41  LEU LEU A . n 
A 1 42  ALA 42  42  42  ALA ALA A . n 
A 1 43  MET 43  43  43  MET MET A . n 
A 1 44  ALA 44  44  44  ALA ALA A . n 
A 1 45  VAL 45  45  45  VAL VAL A . n 
A 1 46  ILE 46  46  46  ILE ILE A . n 
A 1 47  ASP 47  47  47  ASP ASP A . n 
A 1 48  GLY 48  48  48  GLY GLY A . n 
A 1 49  ASP 49  49  49  ASP ASP A . n 
A 1 50  GLY 50  50  50  GLY GLY A . n 
A 1 51  SER 51  51  51  SER SER A . n 
A 1 52  ILE 52  52  52  ILE ILE A . n 
A 1 53  ASP 53  53  53  ASP ASP A . n 
A 1 54  ALA 54  54  54  ALA ALA A . n 
A 1 55  LEU 55  55  55  LEU LEU A . n 
A 1 56  GLU 56  56  56  GLU GLU A . n 
A 1 57  GLU 57  57  57  GLU GLU A . n 
A 1 58  GLU 58  58  58  GLU GLU A . n 
A 1 59  VAL 59  59  59  VAL VAL A . n 
A 1 60  ASN 60  60  60  ASN ASN A . n 
A 1 61  ASP 61  61  61  ASP ASP A . n 
A 1 62  PHE 62  62  62  PHE PHE A . n 
A 1 63  ALA 63  63  63  ALA ALA A . n 
A 1 64  LEU 64  64  64  LEU LEU A . n 
A 1 65  TRP 65  65  65  TRP TRP A . n 
A 1 66  LEU 66  66  66  LEU LEU A . n 
A 1 67  ILE 67  67  67  ILE ILE A . n 
A 1 68  ALA 68  68  68  ALA ALA A . n 
A 1 69  ALA 69  69  69  ALA ALA A . n 
A 1 70  GLN 70  70  70  GLN GLN A . n 
A 1 71  GLN 71  71  71  GLN GLN A . n 
A 1 72  PRO 72  72  72  PRO PRO A . n 
A 1 73  VAL 73  73  73  VAL VAL A . n 
A 1 74  ALA 74  74  74  ALA ALA A . n 
A 1 75  THR 75  75  75  THR THR A . n 
A 1 76  ASP 76  76  76  ASP ASP A . n 
A 1 77  LEU 77  77  77  LEU LEU A . n 
A 1 78  ARG 78  78  78  ARG ARG A . n 
A 1 79  ARG 79  79  79  ARG ARG A . n 
A 1 80  ILE 80  80  80  ILE ILE A . n 
A 1 81  VAL 81  81  81  VAL VAL A . n 
A 1 82  ALA 82  82  82  ALA ALA A . n 
A 1 83  ALA 83  83  83  ALA ALA A . n 
A 1 84  ILE 84  84  84  ILE ILE A . n 
A 1 85  LYS 85  85  85  LYS LYS A . n 
A 1 86  ILE 86  86  86  ILE ILE A . n 
A 1 87  ALA 87  87  87  ALA ALA A . n 
A 1 88  SER 88  88  88  SER SER A . n 
A 1 89  ASP 89  89  89  ASP ASP A . n 
A 1 90  ILE 90  90  90  ILE ILE A . n 
A 1 91  GLU 91  91  91  GLU GLU A . n 
A 1 92  ARG 92  92  92  ARG ARG A . n 
A 1 93  ILE 93  93  93  ILE ILE A . n 
A 1 94  ALA 94  94  94  ALA ALA A . n 
A 1 95  ASP 95  95  95  ASP ASP A . n 
A 1 96  PHE 96  96  96  PHE PHE A . n 
A 1 97  ALA 97  97  97  ALA ALA A . n 
A 1 98  VAL 98  98  98  VAL VAL A . n 
A 1 99  ASN 99  99  99  ASN ASN A . n 
A 1 100 ILE 100 100 100 ILE ILE A . n 
A 1 101 ALA 101 101 101 ALA ALA A . n 
A 1 102 LYS 102 102 102 LYS LYS A . n 
A 1 103 ALA 103 103 103 ALA ALA A . n 
A 1 104 CYS 104 104 104 CYS CYS A . n 
A 1 105 ILE 105 105 105 ILE ILE A . n 
A 1 106 ARG 106 106 106 ARG ARG A . n 
A 1 107 ILE 107 107 107 ILE ILE A . n 
A 1 108 GLY 108 108 108 GLY GLY A . n 
A 1 109 GLY 109 109 109 GLY GLY A . n 
A 1 110 GLN 110 110 110 GLN GLN A . n 
A 1 111 PRO 111 111 111 PRO PRO A . n 
A 1 112 PHE 112 112 112 PHE PHE A . n 
A 1 113 VAL 113 113 113 VAL VAL A . n 
A 1 114 MET 114 114 114 MET MET A . n 
A 1 115 ASP 115 115 115 ASP ASP A . n 
A 1 116 ILE 116 116 116 ILE ILE A . n 
A 1 117 GLY 117 117 117 GLY GLY A . n 
A 1 118 PRO 118 118 118 PRO PRO A . n 
A 1 119 LEU 119 119 119 LEU LEU A . n 
A 1 120 VAL 120 120 120 VAL VAL A . n 
A 1 121 LEU 121 121 121 LEU LEU A . n 
A 1 122 MET 122 122 122 MET MET A . n 
A 1 123 TYR 123 123 123 TYR TYR A . n 
A 1 124 ARG 124 124 124 ARG ARG A . n 
A 1 125 LEU 125 125 125 LEU LEU A . n 
A 1 126 ALA 126 126 126 ALA ALA A . n 
A 1 127 THR 127 127 127 THR THR A . n 
A 1 128 ASP 128 128 128 ASP ASP A . n 
A 1 129 MET 129 129 129 MET MET A . n 
A 1 130 VAL 130 130 130 VAL VAL A . n 
A 1 131 SER 131 131 131 SER SER A . n 
A 1 132 THR 132 132 132 THR THR A . n 
A 1 133 ALA 133 133 133 ALA ALA A . n 
A 1 134 ILE 134 134 134 ILE ILE A . n 
A 1 135 ALA 135 135 135 ALA ALA A . n 
A 1 136 ALA 136 136 136 ALA ALA A . n 
A 1 137 TYR 137 137 137 TYR TYR A . n 
A 1 138 ASP 138 138 138 ASP ASP A . n 
A 1 139 ARG 139 139 139 ARG ARG A . n 
A 1 140 GLU 140 140 140 GLU GLU A . n 
A 1 141 ASP 141 141 141 ASP ASP A . n 
A 1 142 ALA 142 142 142 ALA ALA A . n 
A 1 143 SER 143 143 143 SER SER A . n 
A 1 144 LEU 144 144 144 LEU LEU A . n 
A 1 145 ALA 145 145 145 ALA ALA A . n 
A 1 146 ALA 146 146 146 ALA ALA A . n 
A 1 147 GLN 147 147 147 GLN GLN A . n 
A 1 148 ILE 148 148 148 ILE ILE A . n 
A 1 149 ALA 149 149 149 ALA ALA A . n 
A 1 150 ASP 150 150 150 ASP ASP A . n 
A 1 151 MET 151 151 151 MET MET A . n 
A 1 152 ASP 152 152 152 ASP ASP A . n 
A 1 153 HIS 153 153 153 HIS HIS A . n 
A 1 154 ARG 154 154 154 ARG ARG A . n 
A 1 155 VAL 155 155 155 VAL VAL A . n 
A 1 156 ASP 156 156 156 ASP ASP A . n 
A 1 157 GLU 157 157 157 GLU GLU A . n 
A 1 158 GLN 158 158 158 GLN GLN A . n 
A 1 159 TYR 159 159 159 TYR TYR A . n 
A 1 160 GLY 160 160 160 GLY GLY A . n 
A 1 161 GLU 161 161 161 GLU GLU A . n 
A 1 162 MET 162 162 162 MET MET A . n 
A 1 163 MET 163 163 163 MET MET A . n 
A 1 164 ALA 164 164 164 ALA ALA A . n 
A 1 165 SER 165 165 165 SER SER A . n 
A 1 166 LEU 166 166 166 LEU LEU A . n 
A 1 167 LEU 167 167 167 LEU LEU A . n 
A 1 168 ALA 168 168 168 ALA ALA A . n 
A 1 169 VAL 169 169 169 VAL VAL A . n 
A 1 170 ALA 170 170 170 ALA ALA A . n 
A 1 171 LYS 171 171 171 LYS LYS A . n 
A 1 172 THR 172 172 172 THR THR A . n 
A 1 173 ASP 173 173 173 ASP ASP A . n 
A 1 174 ALA 174 174 174 ALA ALA A . n 
A 1 175 ALA 175 175 175 ALA ALA A . n 
A 1 176 THR 176 176 176 THR THR A . n 
A 1 177 LEU 177 177 177 LEU LEU A . n 
A 1 178 ALA 178 178 178 ALA ALA A . n 
A 1 179 GLN 179 179 179 GLN GLN A . n 
A 1 180 MET 180 180 180 MET MET A . n 
A 1 181 ASN 181 181 181 ASN ASN A . n 
A 1 182 VAL 182 182 182 VAL VAL A . n 
A 1 183 LEU 183 183 183 LEU LEU A . n 
A 1 184 ALA 184 184 184 ALA ALA A . n 
A 1 185 LEU 185 185 185 LEU LEU A . n 
A 1 186 VAL 186 186 186 VAL VAL A . n 
A 1 187 ALA 187 187 187 ALA ALA A . n 
A 1 188 ARG 188 188 188 ARG ARG A . n 
A 1 189 TYR 189 189 189 TYR TYR A . n 
A 1 190 ILE 190 190 190 ILE ILE A . n 
A 1 191 GLU 191 191 191 GLU GLU A . n 
A 1 192 ARG 192 192 192 ARG ARG A . n 
A 1 193 THR 193 193 193 THR THR A . n 
A 1 194 ALA 194 194 194 ALA ALA A . n 
A 1 195 ASP 195 195 195 ASP ASP A . n 
A 1 196 HIS 196 196 196 HIS HIS A . n 
A 1 197 ALA 197 197 197 ALA ALA A . n 
A 1 198 THR 198 198 198 THR THR A . n 
A 1 199 ASN 199 199 199 ASN ASN A . n 
A 1 200 ILE 200 200 200 ILE ILE A . n 
A 1 201 ALA 201 201 201 ALA ALA A . n 
A 1 202 GLU 202 202 202 GLU GLU A . n 
A 1 203 HIS 203 203 203 HIS HIS A . n 
A 1 204 LEU 204 204 204 LEU LEU A . n 
A 1 205 VAL 205 205 205 VAL VAL A . n 
A 1 206 TYR 206 206 206 TYR TYR A . n 
A 1 207 LEU 207 207 207 LEU LEU A . n 
A 1 208 VAL 208 208 208 VAL VAL A . n 
A 1 209 LYS 209 209 209 LYS LYS A . n 
A 1 210 GLY 210 210 210 GLY GLY A . n 
A 1 211 LYS 211 211 211 LYS LYS A . n 
A 1 212 HIS 212 212 212 HIS HIS A . n 
A 1 213 TYR 213 213 213 TYR TYR A . n 
A 1 214 ASP 214 214 214 ASP ASP A . n 
A 1 215 PHE 215 215 215 PHE PHE A . n 
A 1 216 ASN 216 216 ?   ?   ?   A . n 
A 1 217 ASP 217 217 ?   ?   ?   A . n 
# 
loop_
_pdbx_nonpoly_scheme.asym_id 
_pdbx_nonpoly_scheme.entity_id 
_pdbx_nonpoly_scheme.mon_id 
_pdbx_nonpoly_scheme.ndb_seq_num 
_pdbx_nonpoly_scheme.pdb_seq_num 
_pdbx_nonpoly_scheme.auth_seq_num 
_pdbx_nonpoly_scheme.pdb_mon_id 
_pdbx_nonpoly_scheme.auth_mon_id 
_pdbx_nonpoly_scheme.pdb_strand_id 
_pdbx_nonpoly_scheme.pdb_ins_code 
B 2 HOH 1 301 301 HOH TIP A . 
B 2 HOH 2 302 302 HOH TIP A . 
B 2 HOH 3 303 303 HOH TIP A . 
B 2 HOH 4 304 304 HOH TIP A . 
B 2 HOH 5 305 305 HOH TIP A . 
# 
loop_
_software.name 
_software.classification 
_software.version 
_software.citation_id 
_software.pdbx_ordinal 
CNS         refinement        1.1 ? 1 
SBC-Collect 'data collection' .   ? 2 
HKL-2000    'data scaling'    .   ? 3 
CNS         phasing           .   ? 4 
# 
_cell.entry_id           1XWM 
_cell.length_a           61.172 
_cell.length_b           61.172 
_cell.length_c           121.264 
_cell.angle_alpha        90.00 
_cell.angle_beta         90.00 
_cell.angle_gamma        90.00 
_cell.Z_PDB              8 
_cell.pdbx_unique_axis   ? 
# 
_symmetry.entry_id                         1XWM 
_symmetry.space_group_name_H-M             'P 43 21 2' 
_symmetry.pdbx_full_space_group_name_H-M   ? 
_symmetry.cell_setting                     ? 
_symmetry.Int_Tables_number                96 
_symmetry.space_group_name_Hall            ? 
# 
_exptl.entry_id          1XWM 
_exptl.method            'X-RAY DIFFRACTION' 
_exptl.crystals_number   1 
# 
_exptl_crystal.id                    1 
_exptl_crystal.density_meas          ? 
_exptl_crystal.density_Matthews      2.29 
_exptl_crystal.density_percent_sol   44.22 
_exptl_crystal.description           ? 
_exptl_crystal.F_000                 ? 
_exptl_crystal.preparation           ? 
# 
_exptl_crystal_grow.crystal_id      1 
_exptl_crystal_grow.method          'VAPOR DIFFUSION, HANGING DROP' 
_exptl_crystal_grow.temp            298 
_exptl_crystal_grow.temp_details    ? 
_exptl_crystal_grow.pH              5.9 
_exptl_crystal_grow.pdbx_details    
'16% PEG3350, 0.2M ammonium tartrate, 0.1M Bis-Tris buffer, pH 5.9, VAPOR DIFFUSION, HANGING DROP, temperature 298K' 
_exptl_crystal_grow.pdbx_pH_range   . 
# 
_diffrn.id                     1 
_diffrn.ambient_temp           100 
_diffrn.ambient_temp_details   ? 
_diffrn.crystal_id             1 
# 
_diffrn_detector.diffrn_id              1 
_diffrn_detector.detector               CCD 
_diffrn_detector.type                   SBC-2 
_diffrn_detector.pdbx_collection_date   2003-11-19 
_diffrn_detector.details                mirrors 
# 
_diffrn_radiation.diffrn_id                        1 
_diffrn_radiation.wavelength_id                    1 
_diffrn_radiation.pdbx_monochromatic_or_laue_m_l   M 
_diffrn_radiation.monochromator                    'Si 111 channel' 
_diffrn_radiation.pdbx_diffrn_protocol             MAD 
_diffrn_radiation.pdbx_scattering_type             x-ray 
# 
loop_
_diffrn_radiation_wavelength.id 
_diffrn_radiation_wavelength.wavelength 
_diffrn_radiation_wavelength.wt 
1 0.9795  1.0 
2 0.94656 1.0 
# 
_diffrn_source.diffrn_id                   1 
_diffrn_source.source                      SYNCHROTRON 
_diffrn_source.type                        'APS BEAMLINE 19-ID' 
_diffrn_source.pdbx_synchrotron_site       APS 
_diffrn_source.pdbx_synchrotron_beamline   19-ID 
_diffrn_source.pdbx_wavelength             ? 
_diffrn_source.pdbx_wavelength_list        '0.9795, 0.94656' 
# 
_reflns.entry_id                     1XWM 
_reflns.observed_criterion_sigma_I   2.0 
_reflns.observed_criterion_sigma_F   2.0 
_reflns.d_resolution_low             50 
_reflns.d_resolution_high            2.5 
_reflns.number_obs                   15295 
_reflns.number_all                   15341 
_reflns.percent_possible_obs         99.7 
_reflns.pdbx_Rmerge_I_obs            0.104 
_reflns.pdbx_Rsym_value              ? 
_reflns.pdbx_netI_over_sigmaI        22.6 
_reflns.B_iso_Wilson_estimate        23.3 
_reflns.pdbx_redundancy              8.5 
_reflns.R_free_details               ? 
_reflns.limit_h_max                  ? 
_reflns.limit_h_min                  ? 
_reflns.limit_k_max                  ? 
_reflns.limit_k_min                  ? 
_reflns.limit_l_max                  ? 
_reflns.limit_l_min                  ? 
_reflns.observed_criterion_F_max     ? 
_reflns.observed_criterion_F_min     ? 
_reflns.pdbx_chi_squared             ? 
_reflns.pdbx_scaling_rejects         ? 
_reflns.pdbx_diffrn_id               1 
_reflns.pdbx_ordinal                 1 
# 
_reflns_shell.d_res_high             2.50 
_reflns_shell.d_res_low              2.59 
_reflns_shell.percent_possible_all   98.6 
_reflns_shell.Rmerge_I_obs           0.667 
_reflns_shell.pdbx_Rsym_value        ? 
_reflns_shell.meanI_over_sigI_obs    1.87 
_reflns_shell.pdbx_redundancy        7.8 
_reflns_shell.percent_possible_obs   ? 
_reflns_shell.number_unique_all      1524 
_reflns_shell.number_measured_all    ? 
_reflns_shell.number_measured_obs    ? 
_reflns_shell.number_unique_obs      ? 
_reflns_shell.pdbx_chi_squared       ? 
_reflns_shell.pdbx_diffrn_id         ? 
_reflns_shell.pdbx_ordinal           1 
# 
_refine.entry_id                                 1XWM 
_refine.ls_number_reflns_obs                     14024 
_refine.ls_number_reflns_all                     15243 
_refine.pdbx_ls_sigma_I                          ? 
_refine.pdbx_ls_sigma_F                          0.0 
_refine.pdbx_data_cutoff_high_absF               342821.05 
_refine.pdbx_data_cutoff_low_absF                0.000000 
_refine.pdbx_data_cutoff_high_rms_absF           ? 
_refine.ls_d_res_low                             30.59 
_refine.ls_d_res_high                            2.50 
_refine.ls_percent_reflns_obs                    92.0 
_refine.ls_R_factor_obs                          0.243 
_refine.ls_R_factor_all                          ? 
_refine.ls_R_factor_R_work                       0.243 
_refine.ls_R_factor_R_free                       0.334 
_refine.ls_R_factor_R_free_error                 0.013 
_refine.ls_R_factor_R_free_error_details         ? 
_refine.ls_percent_reflns_R_free                 4.9 
_refine.ls_number_reflns_R_free                  691 
_refine.ls_number_parameters                     ? 
_refine.ls_number_restraints                     ? 
_refine.occupancy_min                            ? 
_refine.occupancy_max                            ? 
_refine.correlation_coeff_Fo_to_Fc               ? 
_refine.correlation_coeff_Fo_to_Fc_free          ? 
_refine.B_iso_mean                               49.3 
_refine.aniso_B[1][1]                            6.02 
_refine.aniso_B[2][2]                            6.02 
_refine.aniso_B[3][3]                            -12.04 
_refine.aniso_B[1][2]                            0.00 
_refine.aniso_B[1][3]                            0.00 
_refine.aniso_B[2][3]                            0.00 
_refine.solvent_model_details                    'FLAT MODEL' 
_refine.solvent_model_param_ksol                 0.309509 
_refine.solvent_model_param_bsol                 42.6805 
_refine.pdbx_solvent_vdw_probe_radii             ? 
_refine.pdbx_solvent_ion_probe_radii             ? 
_refine.pdbx_solvent_shrinkage_radii             ? 
_refine.pdbx_ls_cross_valid_method               THROUGHOUT 
_refine.details                                  ? 
_refine.pdbx_starting_model                      ? 
_refine.pdbx_method_to_determine_struct          MAD 
_refine.pdbx_isotropic_thermal_model             RESTRAINED 
_refine.pdbx_stereochemistry_target_values       ? 
_refine.pdbx_stereochem_target_val_spec_case     ? 
_refine.pdbx_R_Free_selection_details            RANDOM 
_refine.pdbx_overall_ESU_R                       ? 
_refine.pdbx_overall_ESU_R_Free                  ? 
_refine.overall_SU_ML                            ? 
_refine.overall_SU_B                             ? 
_refine.ls_redundancy_reflns_obs                 ? 
_refine.B_iso_min                                ? 
_refine.B_iso_max                                ? 
_refine.overall_SU_R_Cruickshank_DPI             ? 
_refine.overall_SU_R_free                        ? 
_refine.ls_wR_factor_R_free                      ? 
_refine.ls_wR_factor_R_work                      ? 
_refine.overall_FOM_free_R_set                   ? 
_refine.overall_FOM_work_R_set                   ? 
_refine.pdbx_refine_id                           'X-RAY DIFFRACTION' 
_refine.pdbx_diffrn_id                           1 
_refine.pdbx_TLS_residual_ADP_flag               ? 
_refine.pdbx_overall_phase_error                 ? 
_refine.pdbx_overall_SU_R_free_Cruickshank_DPI   ? 
_refine.pdbx_overall_SU_R_Blow_DPI               ? 
_refine.pdbx_overall_SU_R_free_Blow_DPI          ? 
# 
_refine_analyze.entry_id                        1XWM 
_refine_analyze.Luzzati_coordinate_error_obs    0.39 
_refine_analyze.Luzzati_sigma_a_obs             0.59 
_refine_analyze.Luzzati_d_res_low_obs           5.00 
_refine_analyze.Luzzati_coordinate_error_free   0.47 
_refine_analyze.Luzzati_sigma_a_free            0.39 
_refine_analyze.Luzzati_d_res_low_free          ? 
_refine_analyze.number_disordered_residues      ? 
_refine_analyze.occupancy_sum_hydrogen          ? 
_refine_analyze.occupancy_sum_non_hydrogen      ? 
_refine_analyze.pdbx_Luzzati_d_res_high_obs     ? 
_refine_analyze.pdbx_refine_id                  'X-RAY DIFFRACTION' 
# 
_refine_hist.pdbx_refine_id                   'X-RAY DIFFRACTION' 
_refine_hist.cycle_id                         LAST 
_refine_hist.pdbx_number_atoms_protein        1621 
_refine_hist.pdbx_number_atoms_nucleic_acid   0 
_refine_hist.pdbx_number_atoms_ligand         0 
_refine_hist.number_atoms_solvent             5 
_refine_hist.number_atoms_total               1626 
_refine_hist.d_res_high                       2.50 
_refine_hist.d_res_low                        30.59 
# 
loop_
_refine_ls_restr.type 
_refine_ls_restr.dev_ideal 
_refine_ls_restr.dev_ideal_target 
_refine_ls_restr.weight 
_refine_ls_restr.number 
_refine_ls_restr.pdbx_refine_id 
_refine_ls_restr.pdbx_restraint_function 
c_bond_d           0.010 ? ? ? 'X-RAY DIFFRACTION' ? 
c_angle_deg        1.3   ? ? ? 'X-RAY DIFFRACTION' ? 
c_dihedral_angle_d 18.3  ? ? ? 'X-RAY DIFFRACTION' ? 
c_improper_angle_d 0.94  ? ? ? 'X-RAY DIFFRACTION' ? 
# 
_refine_ls_shell.pdbx_total_number_of_bins_used   6 
_refine_ls_shell.d_res_high                       2.50 
_refine_ls_shell.d_res_low                        2.66 
_refine_ls_shell.number_reflns_R_work             1781 
_refine_ls_shell.R_factor_R_work                  0.346 
_refine_ls_shell.percent_reflns_obs               72.7 
_refine_ls_shell.R_factor_R_free                  0.392 
_refine_ls_shell.R_factor_R_free_error            0.037 
_refine_ls_shell.percent_reflns_R_free            4.7 
_refine_ls_shell.number_reflns_R_free             87 
_refine_ls_shell.number_reflns_obs                ? 
_refine_ls_shell.redundancy_reflns_obs            ? 
_refine_ls_shell.number_reflns_all                ? 
_refine_ls_shell.pdbx_refine_id                   'X-RAY DIFFRACTION' 
_refine_ls_shell.R_factor_all                     ? 
# 
loop_
_pdbx_xplor_file.serial_no 
_pdbx_xplor_file.param_file 
_pdbx_xplor_file.topol_file 
_pdbx_xplor_file.pdbx_refine_id 
1 PROTEIN_REP.PARAM PROTEIN.TOP 'X-RAY DIFFRACTION' 
2 WATER_REP.PARAM   ?           'X-RAY DIFFRACTION' 
3 ION.PARAM         ?           'X-RAY DIFFRACTION' 
# 
_struct.entry_id                  1XWM 
_struct.title                     'The crystal structure of PhoU (phosphate uptake regulator), Structural genomics' 
_struct.pdbx_model_details        ? 
_struct.pdbx_CASP_flag            ? 
_struct.pdbx_model_type_details   ? 
# 
_struct_keywords.entry_id        1XWM 
_struct_keywords.pdbx_keywords   'STRUCTURAL GENOMICS, UNKNOWN FUNCTION' 
_struct_keywords.text            
;PhoU, Negative phosphate uptake regulator, Structural genomics, protein structure initiative, PSI, MCSG, Midwest center for structural genomics, UNKNOWN FUNCTION
;
# 
loop_
_struct_asym.id 
_struct_asym.pdbx_blank_PDB_chainid_flag 
_struct_asym.pdbx_modified 
_struct_asym.entity_id 
_struct_asym.details 
A N N 1 ? 
B N N 2 ? 
# 
_struct_ref.id                         1 
_struct_ref.entity_id                  1 
_struct_ref.db_name                    PDB 
_struct_ref.db_code                    1XWM 
_struct_ref.pdbx_db_accession          1XWM 
_struct_ref.pdbx_db_isoform            ? 
_struct_ref.pdbx_seq_one_letter_code   ? 
_struct_ref.pdbx_align_begin           ? 
# 
_struct_ref_seq.align_id                      1 
_struct_ref_seq.ref_id                        1 
_struct_ref_seq.pdbx_PDB_id_code              1XWM 
_struct_ref_seq.pdbx_strand_id                A 
_struct_ref_seq.seq_align_beg                 1 
_struct_ref_seq.pdbx_seq_align_beg_ins_code   ? 
_struct_ref_seq.seq_align_end                 217 
_struct_ref_seq.pdbx_seq_align_end_ins_code   ? 
_struct_ref_seq.pdbx_db_accession             1XWM 
_struct_ref_seq.db_align_beg                  1 
_struct_ref_seq.pdbx_db_align_beg_ins_code    ? 
_struct_ref_seq.db_align_end                  217 
_struct_ref_seq.pdbx_db_align_end_ins_code    ? 
_struct_ref_seq.pdbx_auth_seq_align_beg       1 
_struct_ref_seq.pdbx_auth_seq_align_end       217 
# 
_pdbx_struct_assembly.id                   1 
_pdbx_struct_assembly.details              author_defined_assembly 
_pdbx_struct_assembly.method_details       ? 
_pdbx_struct_assembly.oligomeric_details   dimeric 
_pdbx_struct_assembly.oligomeric_count     2 
# 
_pdbx_struct_assembly_gen.assembly_id       1 
_pdbx_struct_assembly_gen.oper_expression   1,2 
_pdbx_struct_assembly_gen.asym_id_list      A,B 
# 
loop_
_pdbx_struct_oper_list.id 
_pdbx_struct_oper_list.type 
_pdbx_struct_oper_list.name 
_pdbx_struct_oper_list.symmetry_operation 
_pdbx_struct_oper_list.matrix[1][1] 
_pdbx_struct_oper_list.matrix[1][2] 
_pdbx_struct_oper_list.matrix[1][3] 
_pdbx_struct_oper_list.vector[1] 
_pdbx_struct_oper_list.matrix[2][1] 
_pdbx_struct_oper_list.matrix[2][2] 
_pdbx_struct_oper_list.matrix[2][3] 
_pdbx_struct_oper_list.vector[2] 
_pdbx_struct_oper_list.matrix[3][1] 
_pdbx_struct_oper_list.matrix[3][2] 
_pdbx_struct_oper_list.matrix[3][3] 
_pdbx_struct_oper_list.vector[3] 
1 'identity operation'         1_555 x,y,z  1.0000000000  0.0000000000  0.0000000000  0.0000000000  0.0000000000  1.0000000000  0.0000000000 0.0000000000 0.0000000000  0.0000000000 1.0000000000  0.0000000000   
2 'crystal symmetry operation' 7_555 y,x,-z -0.6037021846 -0.5641249067 -0.5632998863 -9.8872056922 -0.5641249067 -0.1969753604 0.8018502335 8.1290567735 -0.5632998863 0.8018502335 -0.1993224550 -15.0968988572 
# 
_struct_biol.id                    1 
_struct_biol.details               
'This protein exists as dimer. The second part of the dimer is generated by crystallographic two fold axis.' 
_struct_biol.pdbx_parent_biol_id   ? 
# 
loop_
_struct_conf.conf_type_id 
_struct_conf.id 
_struct_conf.pdbx_PDB_helix_id 
_struct_conf.beg_label_comp_id 
_struct_conf.beg_label_asym_id 
_struct_conf.beg_label_seq_id 
_struct_conf.pdbx_beg_PDB_ins_code 
_struct_conf.end_label_comp_id 
_struct_conf.end_label_asym_id 
_struct_conf.end_label_seq_id 
_struct_conf.pdbx_end_PDB_ins_code 
_struct_conf.beg_auth_comp_id 
_struct_conf.beg_auth_asym_id 
_struct_conf.beg_auth_seq_id 
_struct_conf.end_auth_comp_id 
_struct_conf.end_auth_asym_id 
_struct_conf.end_auth_seq_id 
_struct_conf.pdbx_PDB_helix_class 
_struct_conf.details 
_struct_conf.pdbx_PDB_helix_length 
HELX_P HELX_P1 1 THR A 4   ? GLN A 37  ? THR A 4   GLN A 37  1 ? 34 
HELX_P HELX_P2 2 ASN A 38  ? GLY A 48  ? ASN A 38  GLY A 48  1 ? 11 
HELX_P HELX_P3 3 ASP A 49  ? ALA A 69  ? ASP A 49  ALA A 69  1 ? 21 
HELX_P HELX_P4 4 VAL A 73  ? ILE A 107 ? VAL A 73  ILE A 107 1 ? 35 
HELX_P HELX_P5 5 ILE A 116 ? GLU A 140 ? ILE A 116 GLU A 140 1 ? 25 
HELX_P HELX_P6 6 SER A 143 ? ALA A 168 ? SER A 143 ALA A 168 1 ? 26 
HELX_P HELX_P7 7 ASP A 173 ? GLY A 210 ? ASP A 173 GLY A 210 1 ? 38 
# 
_struct_conf_type.id          HELX_P 
_struct_conf_type.criteria    ? 
_struct_conf_type.reference   ? 
# 
loop_
_pdbx_validate_torsion.id 
_pdbx_validate_torsion.PDB_model_num 
_pdbx_validate_torsion.auth_comp_id 
_pdbx_validate_torsion.auth_asym_id 
_pdbx_validate_torsion.auth_seq_id 
_pdbx_validate_torsion.PDB_ins_code 
_pdbx_validate_torsion.label_alt_id 
_pdbx_validate_torsion.phi 
_pdbx_validate_torsion.psi 
1  1 ALA A 69  ? ? -108.62 -72.99 
2  1 GLN A 70  ? ? -69.67  3.97   
3  1 ALA A 74  ? ? -6.41   -71.92 
4  1 GLN A 110 ? ? -112.71 54.50  
5  1 PRO A 111 ? ? 24.27   126.26 
6  1 ASP A 138 ? ? -52.22  -70.82 
7  1 GLU A 140 ? ? 73.09   43.08  
8  1 ALA A 145 ? ? -45.76  -73.79 
9  1 GLU A 161 ? ? -61.24  8.39   
10 1 ALA A 164 ? ? -53.49  -79.75 
11 1 SER A 165 ? ? -56.07  -2.72  
12 1 LEU A 166 ? ? -100.88 -72.91 
13 1 LEU A 167 ? ? -68.00  2.56   
14 1 ALA A 168 ? ? -91.88  -63.01 
15 1 VAL A 169 ? ? -37.52  114.21 
16 1 LYS A 171 ? ? 166.36  53.81  
17 1 VAL A 208 ? ? -80.36  -76.03 
# 
_pdbx_SG_project.id                    1 
_pdbx_SG_project.project_name          'PSI, Protein Structure Initiative' 
_pdbx_SG_project.full_name_of_center   'Midwest Center for Structural Genomics' 
_pdbx_SG_project.initial_of_center     MCSG 
# 
loop_
_pdbx_unobs_or_zero_occ_residues.id 
_pdbx_unobs_or_zero_occ_residues.PDB_model_num 
_pdbx_unobs_or_zero_occ_residues.polymer_flag 
_pdbx_unobs_or_zero_occ_residues.occupancy_flag 
_pdbx_unobs_or_zero_occ_residues.auth_asym_id 
_pdbx_unobs_or_zero_occ_residues.auth_comp_id 
_pdbx_unobs_or_zero_occ_residues.auth_seq_id 
_pdbx_unobs_or_zero_occ_residues.PDB_ins_code 
_pdbx_unobs_or_zero_occ_residues.label_asym_id 
_pdbx_unobs_or_zero_occ_residues.label_comp_id 
_pdbx_unobs_or_zero_occ_residues.label_seq_id 
1 1 Y 1 A MET 1   ? A MET 1   
2 1 Y 1 A ARG 2   ? A ARG 2   
3 1 Y 1 A GLU 3   ? A GLU 3   
4 1 Y 1 A ASN 216 ? A ASN 216 
5 1 Y 1 A ASP 217 ? A ASP 217 
# 
loop_
_chem_comp_atom.comp_id 
_chem_comp_atom.atom_id 
_chem_comp_atom.type_symbol 
_chem_comp_atom.pdbx_aromatic_flag 
_chem_comp_atom.pdbx_stereo_config 
_chem_comp_atom.pdbx_ordinal 
ALA N    N N N 1   
ALA CA   C N S 2   
ALA C    C N N 3   
ALA O    O N N 4   
ALA CB   C N N 5   
ALA OXT  O N N 6   
ALA H    H N N 7   
ALA H2   H N N 8   
ALA HA   H N N 9   
ALA HB1  H N N 10  
ALA HB2  H N N 11  
ALA HB3  H N N 12  
ALA HXT  H N N 13  
ARG N    N N N 14  
ARG CA   C N S 15  
ARG C    C N N 16  
ARG O    O N N 17  
ARG CB   C N N 18  
ARG CG   C N N 19  
ARG CD   C N N 20  
ARG NE   N N N 21  
ARG CZ   C N N 22  
ARG NH1  N N N 23  
ARG NH2  N N N 24  
ARG OXT  O N N 25  
ARG H    H N N 26  
ARG H2   H N N 27  
ARG HA   H N N 28  
ARG HB2  H N N 29  
ARG HB3  H N N 30  
ARG HG2  H N N 31  
ARG HG3  H N N 32  
ARG HD2  H N N 33  
ARG HD3  H N N 34  
ARG HE   H N N 35  
ARG HH11 H N N 36  
ARG HH12 H N N 37  
ARG HH21 H N N 38  
ARG HH22 H N N 39  
ARG HXT  H N N 40  
ASN N    N N N 41  
ASN CA   C N S 42  
ASN C    C N N 43  
ASN O    O N N 44  
ASN CB   C N N 45  
ASN CG   C N N 46  
ASN OD1  O N N 47  
ASN ND2  N N N 48  
ASN OXT  O N N 49  
ASN H    H N N 50  
ASN H2   H N N 51  
ASN HA   H N N 52  
ASN HB2  H N N 53  
ASN HB3  H N N 54  
ASN HD21 H N N 55  
ASN HD22 H N N 56  
ASN HXT  H N N 57  
ASP N    N N N 58  
ASP CA   C N S 59  
ASP C    C N N 60  
ASP O    O N N 61  
ASP CB   C N N 62  
ASP CG   C N N 63  
ASP OD1  O N N 64  
ASP OD2  O N N 65  
ASP OXT  O N N 66  
ASP H    H N N 67  
ASP H2   H N N 68  
ASP HA   H N N 69  
ASP HB2  H N N 70  
ASP HB3  H N N 71  
ASP HD2  H N N 72  
ASP HXT  H N N 73  
CYS N    N N N 74  
CYS CA   C N R 75  
CYS C    C N N 76  
CYS O    O N N 77  
CYS CB   C N N 78  
CYS SG   S N N 79  
CYS OXT  O N N 80  
CYS H    H N N 81  
CYS H2   H N N 82  
CYS HA   H N N 83  
CYS HB2  H N N 84  
CYS HB3  H N N 85  
CYS HG   H N N 86  
CYS HXT  H N N 87  
GLN N    N N N 88  
GLN CA   C N S 89  
GLN C    C N N 90  
GLN O    O N N 91  
GLN CB   C N N 92  
GLN CG   C N N 93  
GLN CD   C N N 94  
GLN OE1  O N N 95  
GLN NE2  N N N 96  
GLN OXT  O N N 97  
GLN H    H N N 98  
GLN H2   H N N 99  
GLN HA   H N N 100 
GLN HB2  H N N 101 
GLN HB3  H N N 102 
GLN HG2  H N N 103 
GLN HG3  H N N 104 
GLN HE21 H N N 105 
GLN HE22 H N N 106 
GLN HXT  H N N 107 
GLU N    N N N 108 
GLU CA   C N S 109 
GLU C    C N N 110 
GLU O    O N N 111 
GLU CB   C N N 112 
GLU CG   C N N 113 
GLU CD   C N N 114 
GLU OE1  O N N 115 
GLU OE2  O N N 116 
GLU OXT  O N N 117 
GLU H    H N N 118 
GLU H2   H N N 119 
GLU HA   H N N 120 
GLU HB2  H N N 121 
GLU HB3  H N N 122 
GLU HG2  H N N 123 
GLU HG3  H N N 124 
GLU HE2  H N N 125 
GLU HXT  H N N 126 
GLY N    N N N 127 
GLY CA   C N N 128 
GLY C    C N N 129 
GLY O    O N N 130 
GLY OXT  O N N 131 
GLY H    H N N 132 
GLY H2   H N N 133 
GLY HA2  H N N 134 
GLY HA3  H N N 135 
GLY HXT  H N N 136 
HIS N    N N N 137 
HIS CA   C N S 138 
HIS C    C N N 139 
HIS O    O N N 140 
HIS CB   C N N 141 
HIS CG   C Y N 142 
HIS ND1  N Y N 143 
HIS CD2  C Y N 144 
HIS CE1  C Y N 145 
HIS NE2  N Y N 146 
HIS OXT  O N N 147 
HIS H    H N N 148 
HIS H2   H N N 149 
HIS HA   H N N 150 
HIS HB2  H N N 151 
HIS HB3  H N N 152 
HIS HD1  H N N 153 
HIS HD2  H N N 154 
HIS HE1  H N N 155 
HIS HE2  H N N 156 
HIS HXT  H N N 157 
HOH O    O N N 158 
HOH H1   H N N 159 
HOH H2   H N N 160 
ILE N    N N N 161 
ILE CA   C N S 162 
ILE C    C N N 163 
ILE O    O N N 164 
ILE CB   C N S 165 
ILE CG1  C N N 166 
ILE CG2  C N N 167 
ILE CD1  C N N 168 
ILE OXT  O N N 169 
ILE H    H N N 170 
ILE H2   H N N 171 
ILE HA   H N N 172 
ILE HB   H N N 173 
ILE HG12 H N N 174 
ILE HG13 H N N 175 
ILE HG21 H N N 176 
ILE HG22 H N N 177 
ILE HG23 H N N 178 
ILE HD11 H N N 179 
ILE HD12 H N N 180 
ILE HD13 H N N 181 
ILE HXT  H N N 182 
LEU N    N N N 183 
LEU CA   C N S 184 
LEU C    C N N 185 
LEU O    O N N 186 
LEU CB   C N N 187 
LEU CG   C N N 188 
LEU CD1  C N N 189 
LEU CD2  C N N 190 
LEU OXT  O N N 191 
LEU H    H N N 192 
LEU H2   H N N 193 
LEU HA   H N N 194 
LEU HB2  H N N 195 
LEU HB3  H N N 196 
LEU HG   H N N 197 
LEU HD11 H N N 198 
LEU HD12 H N N 199 
LEU HD13 H N N 200 
LEU HD21 H N N 201 
LEU HD22 H N N 202 
LEU HD23 H N N 203 
LEU HXT  H N N 204 
LYS N    N N N 205 
LYS CA   C N S 206 
LYS C    C N N 207 
LYS O    O N N 208 
LYS CB   C N N 209 
LYS CG   C N N 210 
LYS CD   C N N 211 
LYS CE   C N N 212 
LYS NZ   N N N 213 
LYS OXT  O N N 214 
LYS H    H N N 215 
LYS H2   H N N 216 
LYS HA   H N N 217 
LYS HB2  H N N 218 
LYS HB3  H N N 219 
LYS HG2  H N N 220 
LYS HG3  H N N 221 
LYS HD2  H N N 222 
LYS HD3  H N N 223 
LYS HE2  H N N 224 
LYS HE3  H N N 225 
LYS HZ1  H N N 226 
LYS HZ2  H N N 227 
LYS HZ3  H N N 228 
LYS HXT  H N N 229 
MET N    N N N 230 
MET CA   C N S 231 
MET C    C N N 232 
MET O    O N N 233 
MET CB   C N N 234 
MET CG   C N N 235 
MET SD   S N N 236 
MET CE   C N N 237 
MET OXT  O N N 238 
MET H    H N N 239 
MET H2   H N N 240 
MET HA   H N N 241 
MET HB2  H N N 242 
MET HB3  H N N 243 
MET HG2  H N N 244 
MET HG3  H N N 245 
MET HE1  H N N 246 
MET HE2  H N N 247 
MET HE3  H N N 248 
MET HXT  H N N 249 
PHE N    N N N 250 
PHE CA   C N S 251 
PHE C    C N N 252 
PHE O    O N N 253 
PHE CB   C N N 254 
PHE CG   C Y N 255 
PHE CD1  C Y N 256 
PHE CD2  C Y N 257 
PHE CE1  C Y N 258 
PHE CE2  C Y N 259 
PHE CZ   C Y N 260 
PHE OXT  O N N 261 
PHE H    H N N 262 
PHE H2   H N N 263 
PHE HA   H N N 264 
PHE HB2  H N N 265 
PHE HB3  H N N 266 
PHE HD1  H N N 267 
PHE HD2  H N N 268 
PHE HE1  H N N 269 
PHE HE2  H N N 270 
PHE HZ   H N N 271 
PHE HXT  H N N 272 
PRO N    N N N 273 
PRO CA   C N S 274 
PRO C    C N N 275 
PRO O    O N N 276 
PRO CB   C N N 277 
PRO CG   C N N 278 
PRO CD   C N N 279 
PRO OXT  O N N 280 
PRO H    H N N 281 
PRO HA   H N N 282 
PRO HB2  H N N 283 
PRO HB3  H N N 284 
PRO HG2  H N N 285 
PRO HG3  H N N 286 
PRO HD2  H N N 287 
PRO HD3  H N N 288 
PRO HXT  H N N 289 
SER N    N N N 290 
SER CA   C N S 291 
SER C    C N N 292 
SER O    O N N 293 
SER CB   C N N 294 
SER OG   O N N 295 
SER OXT  O N N 296 
SER H    H N N 297 
SER H2   H N N 298 
SER HA   H N N 299 
SER HB2  H N N 300 
SER HB3  H N N 301 
SER HG   H N N 302 
SER HXT  H N N 303 
THR N    N N N 304 
THR CA   C N S 305 
THR C    C N N 306 
THR O    O N N 307 
THR CB   C N R 308 
THR OG1  O N N 309 
THR CG2  C N N 310 
THR OXT  O N N 311 
THR H    H N N 312 
THR H2   H N N 313 
THR HA   H N N 314 
THR HB   H N N 315 
THR HG1  H N N 316 
THR HG21 H N N 317 
THR HG22 H N N 318 
THR HG23 H N N 319 
THR HXT  H N N 320 
TRP N    N N N 321 
TRP CA   C N S 322 
TRP C    C N N 323 
TRP O    O N N 324 
TRP CB   C N N 325 
TRP CG   C Y N 326 
TRP CD1  C Y N 327 
TRP CD2  C Y N 328 
TRP NE1  N Y N 329 
TRP CE2  C Y N 330 
TRP CE3  C Y N 331 
TRP CZ2  C Y N 332 
TRP CZ3  C Y N 333 
TRP CH2  C Y N 334 
TRP OXT  O N N 335 
TRP H    H N N 336 
TRP H2   H N N 337 
TRP HA   H N N 338 
TRP HB2  H N N 339 
TRP HB3  H N N 340 
TRP HD1  H N N 341 
TRP HE1  H N N 342 
TRP HE3  H N N 343 
TRP HZ2  H N N 344 
TRP HZ3  H N N 345 
TRP HH2  H N N 346 
TRP HXT  H N N 347 
TYR N    N N N 348 
TYR CA   C N S 349 
TYR C    C N N 350 
TYR O    O N N 351 
TYR CB   C N N 352 
TYR CG   C Y N 353 
TYR CD1  C Y N 354 
TYR CD2  C Y N 355 
TYR CE1  C Y N 356 
TYR CE2  C Y N 357 
TYR CZ   C Y N 358 
TYR OH   O N N 359 
TYR OXT  O N N 360 
TYR H    H N N 361 
TYR H2   H N N 362 
TYR HA   H N N 363 
TYR HB2  H N N 364 
TYR HB3  H N N 365 
TYR HD1  H N N 366 
TYR HD2  H N N 367 
TYR HE1  H N N 368 
TYR HE2  H N N 369 
TYR HH   H N N 370 
TYR HXT  H N N 371 
VAL N    N N N 372 
VAL CA   C N S 373 
VAL C    C N N 374 
VAL O    O N N 375 
VAL CB   C N N 376 
VAL CG1  C N N 377 
VAL CG2  C N N 378 
VAL OXT  O N N 379 
VAL H    H N N 380 
VAL H2   H N N 381 
VAL HA   H N N 382 
VAL HB   H N N 383 
VAL HG11 H N N 384 
VAL HG12 H N N 385 
VAL HG13 H N N 386 
VAL HG21 H N N 387 
VAL HG22 H N N 388 
VAL HG23 H N N 389 
VAL HXT  H N N 390 
# 
loop_
_chem_comp_bond.comp_id 
_chem_comp_bond.atom_id_1 
_chem_comp_bond.atom_id_2 
_chem_comp_bond.value_order 
_chem_comp_bond.pdbx_aromatic_flag 
_chem_comp_bond.pdbx_stereo_config 
_chem_comp_bond.pdbx_ordinal 
ALA N   CA   sing N N 1   
ALA N   H    sing N N 2   
ALA N   H2   sing N N 3   
ALA CA  C    sing N N 4   
ALA CA  CB   sing N N 5   
ALA CA  HA   sing N N 6   
ALA C   O    doub N N 7   
ALA C   OXT  sing N N 8   
ALA CB  HB1  sing N N 9   
ALA CB  HB2  sing N N 10  
ALA CB  HB3  sing N N 11  
ALA OXT HXT  sing N N 12  
ARG N   CA   sing N N 13  
ARG N   H    sing N N 14  
ARG N   H2   sing N N 15  
ARG CA  C    sing N N 16  
ARG CA  CB   sing N N 17  
ARG CA  HA   sing N N 18  
ARG C   O    doub N N 19  
ARG C   OXT  sing N N 20  
ARG CB  CG   sing N N 21  
ARG CB  HB2  sing N N 22  
ARG CB  HB3  sing N N 23  
ARG CG  CD   sing N N 24  
ARG CG  HG2  sing N N 25  
ARG CG  HG3  sing N N 26  
ARG CD  NE   sing N N 27  
ARG CD  HD2  sing N N 28  
ARG CD  HD3  sing N N 29  
ARG NE  CZ   sing N N 30  
ARG NE  HE   sing N N 31  
ARG CZ  NH1  sing N N 32  
ARG CZ  NH2  doub N N 33  
ARG NH1 HH11 sing N N 34  
ARG NH1 HH12 sing N N 35  
ARG NH2 HH21 sing N N 36  
ARG NH2 HH22 sing N N 37  
ARG OXT HXT  sing N N 38  
ASN N   CA   sing N N 39  
ASN N   H    sing N N 40  
ASN N   H2   sing N N 41  
ASN CA  C    sing N N 42  
ASN CA  CB   sing N N 43  
ASN CA  HA   sing N N 44  
ASN C   O    doub N N 45  
ASN C   OXT  sing N N 46  
ASN CB  CG   sing N N 47  
ASN CB  HB2  sing N N 48  
ASN CB  HB3  sing N N 49  
ASN CG  OD1  doub N N 50  
ASN CG  ND2  sing N N 51  
ASN ND2 HD21 sing N N 52  
ASN ND2 HD22 sing N N 53  
ASN OXT HXT  sing N N 54  
ASP N   CA   sing N N 55  
ASP N   H    sing N N 56  
ASP N   H2   sing N N 57  
ASP CA  C    sing N N 58  
ASP CA  CB   sing N N 59  
ASP CA  HA   sing N N 60  
ASP C   O    doub N N 61  
ASP C   OXT  sing N N 62  
ASP CB  CG   sing N N 63  
ASP CB  HB2  sing N N 64  
ASP CB  HB3  sing N N 65  
ASP CG  OD1  doub N N 66  
ASP CG  OD2  sing N N 67  
ASP OD2 HD2  sing N N 68  
ASP OXT HXT  sing N N 69  
CYS N   CA   sing N N 70  
CYS N   H    sing N N 71  
CYS N   H2   sing N N 72  
CYS CA  C    sing N N 73  
CYS CA  CB   sing N N 74  
CYS CA  HA   sing N N 75  
CYS C   O    doub N N 76  
CYS C   OXT  sing N N 77  
CYS CB  SG   sing N N 78  
CYS CB  HB2  sing N N 79  
CYS CB  HB3  sing N N 80  
CYS SG  HG   sing N N 81  
CYS OXT HXT  sing N N 82  
GLN N   CA   sing N N 83  
GLN N   H    sing N N 84  
GLN N   H2   sing N N 85  
GLN CA  C    sing N N 86  
GLN CA  CB   sing N N 87  
GLN CA  HA   sing N N 88  
GLN C   O    doub N N 89  
GLN C   OXT  sing N N 90  
GLN CB  CG   sing N N 91  
GLN CB  HB2  sing N N 92  
GLN CB  HB3  sing N N 93  
GLN CG  CD   sing N N 94  
GLN CG  HG2  sing N N 95  
GLN CG  HG3  sing N N 96  
GLN CD  OE1  doub N N 97  
GLN CD  NE2  sing N N 98  
GLN NE2 HE21 sing N N 99  
GLN NE2 HE22 sing N N 100 
GLN OXT HXT  sing N N 101 
GLU N   CA   sing N N 102 
GLU N   H    sing N N 103 
GLU N   H2   sing N N 104 
GLU CA  C    sing N N 105 
GLU CA  CB   sing N N 106 
GLU CA  HA   sing N N 107 
GLU C   O    doub N N 108 
GLU C   OXT  sing N N 109 
GLU CB  CG   sing N N 110 
GLU CB  HB2  sing N N 111 
GLU CB  HB3  sing N N 112 
GLU CG  CD   sing N N 113 
GLU CG  HG2  sing N N 114 
GLU CG  HG3  sing N N 115 
GLU CD  OE1  doub N N 116 
GLU CD  OE2  sing N N 117 
GLU OE2 HE2  sing N N 118 
GLU OXT HXT  sing N N 119 
GLY N   CA   sing N N 120 
GLY N   H    sing N N 121 
GLY N   H2   sing N N 122 
GLY CA  C    sing N N 123 
GLY CA  HA2  sing N N 124 
GLY CA  HA3  sing N N 125 
GLY C   O    doub N N 126 
GLY C   OXT  sing N N 127 
GLY OXT HXT  sing N N 128 
HIS N   CA   sing N N 129 
HIS N   H    sing N N 130 
HIS N   H2   sing N N 131 
HIS CA  C    sing N N 132 
HIS CA  CB   sing N N 133 
HIS CA  HA   sing N N 134 
HIS C   O    doub N N 135 
HIS C   OXT  sing N N 136 
HIS CB  CG   sing N N 137 
HIS CB  HB2  sing N N 138 
HIS CB  HB3  sing N N 139 
HIS CG  ND1  sing Y N 140 
HIS CG  CD2  doub Y N 141 
HIS ND1 CE1  doub Y N 142 
HIS ND1 HD1  sing N N 143 
HIS CD2 NE2  sing Y N 144 
HIS CD2 HD2  sing N N 145 
HIS CE1 NE2  sing Y N 146 
HIS CE1 HE1  sing N N 147 
HIS NE2 HE2  sing N N 148 
HIS OXT HXT  sing N N 149 
HOH O   H1   sing N N 150 
HOH O   H2   sing N N 151 
ILE N   CA   sing N N 152 
ILE N   H    sing N N 153 
ILE N   H2   sing N N 154 
ILE CA  C    sing N N 155 
ILE CA  CB   sing N N 156 
ILE CA  HA   sing N N 157 
ILE C   O    doub N N 158 
ILE C   OXT  sing N N 159 
ILE CB  CG1  sing N N 160 
ILE CB  CG2  sing N N 161 
ILE CB  HB   sing N N 162 
ILE CG1 CD1  sing N N 163 
ILE CG1 HG12 sing N N 164 
ILE CG1 HG13 sing N N 165 
ILE CG2 HG21 sing N N 166 
ILE CG2 HG22 sing N N 167 
ILE CG2 HG23 sing N N 168 
ILE CD1 HD11 sing N N 169 
ILE CD1 HD12 sing N N 170 
ILE CD1 HD13 sing N N 171 
ILE OXT HXT  sing N N 172 
LEU N   CA   sing N N 173 
LEU N   H    sing N N 174 
LEU N   H2   sing N N 175 
LEU CA  C    sing N N 176 
LEU CA  CB   sing N N 177 
LEU CA  HA   sing N N 178 
LEU C   O    doub N N 179 
LEU C   OXT  sing N N 180 
LEU CB  CG   sing N N 181 
LEU CB  HB2  sing N N 182 
LEU CB  HB3  sing N N 183 
LEU CG  CD1  sing N N 184 
LEU CG  CD2  sing N N 185 
LEU CG  HG   sing N N 186 
LEU CD1 HD11 sing N N 187 
LEU CD1 HD12 sing N N 188 
LEU CD1 HD13 sing N N 189 
LEU CD2 HD21 sing N N 190 
LEU CD2 HD22 sing N N 191 
LEU CD2 HD23 sing N N 192 
LEU OXT HXT  sing N N 193 
LYS N   CA   sing N N 194 
LYS N   H    sing N N 195 
LYS N   H2   sing N N 196 
LYS CA  C    sing N N 197 
LYS CA  CB   sing N N 198 
LYS CA  HA   sing N N 199 
LYS C   O    doub N N 200 
LYS C   OXT  sing N N 201 
LYS CB  CG   sing N N 202 
LYS CB  HB2  sing N N 203 
LYS CB  HB3  sing N N 204 
LYS CG  CD   sing N N 205 
LYS CG  HG2  sing N N 206 
LYS CG  HG3  sing N N 207 
LYS CD  CE   sing N N 208 
LYS CD  HD2  sing N N 209 
LYS CD  HD3  sing N N 210 
LYS CE  NZ   sing N N 211 
LYS CE  HE2  sing N N 212 
LYS CE  HE3  sing N N 213 
LYS NZ  HZ1  sing N N 214 
LYS NZ  HZ2  sing N N 215 
LYS NZ  HZ3  sing N N 216 
LYS OXT HXT  sing N N 217 
MET N   CA   sing N N 218 
MET N   H    sing N N 219 
MET N   H2   sing N N 220 
MET CA  C    sing N N 221 
MET CA  CB   sing N N 222 
MET CA  HA   sing N N 223 
MET C   O    doub N N 224 
MET C   OXT  sing N N 225 
MET CB  CG   sing N N 226 
MET CB  HB2  sing N N 227 
MET CB  HB3  sing N N 228 
MET CG  SD   sing N N 229 
MET CG  HG2  sing N N 230 
MET CG  HG3  sing N N 231 
MET SD  CE   sing N N 232 
MET CE  HE1  sing N N 233 
MET CE  HE2  sing N N 234 
MET CE  HE3  sing N N 235 
MET OXT HXT  sing N N 236 
PHE N   CA   sing N N 237 
PHE N   H    sing N N 238 
PHE N   H2   sing N N 239 
PHE CA  C    sing N N 240 
PHE CA  CB   sing N N 241 
PHE CA  HA   sing N N 242 
PHE C   O    doub N N 243 
PHE C   OXT  sing N N 244 
PHE CB  CG   sing N N 245 
PHE CB  HB2  sing N N 246 
PHE CB  HB3  sing N N 247 
PHE CG  CD1  doub Y N 248 
PHE CG  CD2  sing Y N 249 
PHE CD1 CE1  sing Y N 250 
PHE CD1 HD1  sing N N 251 
PHE CD2 CE2  doub Y N 252 
PHE CD2 HD2  sing N N 253 
PHE CE1 CZ   doub Y N 254 
PHE CE1 HE1  sing N N 255 
PHE CE2 CZ   sing Y N 256 
PHE CE2 HE2  sing N N 257 
PHE CZ  HZ   sing N N 258 
PHE OXT HXT  sing N N 259 
PRO N   CA   sing N N 260 
PRO N   CD   sing N N 261 
PRO N   H    sing N N 262 
PRO CA  C    sing N N 263 
PRO CA  CB   sing N N 264 
PRO CA  HA   sing N N 265 
PRO C   O    doub N N 266 
PRO C   OXT  sing N N 267 
PRO CB  CG   sing N N 268 
PRO CB  HB2  sing N N 269 
PRO CB  HB3  sing N N 270 
PRO CG  CD   sing N N 271 
PRO CG  HG2  sing N N 272 
PRO CG  HG3  sing N N 273 
PRO CD  HD2  sing N N 274 
PRO CD  HD3  sing N N 275 
PRO OXT HXT  sing N N 276 
SER N   CA   sing N N 277 
SER N   H    sing N N 278 
SER N   H2   sing N N 279 
SER CA  C    sing N N 280 
SER CA  CB   sing N N 281 
SER CA  HA   sing N N 282 
SER C   O    doub N N 283 
SER C   OXT  sing N N 284 
SER CB  OG   sing N N 285 
SER CB  HB2  sing N N 286 
SER CB  HB3  sing N N 287 
SER OG  HG   sing N N 288 
SER OXT HXT  sing N N 289 
THR N   CA   sing N N 290 
THR N   H    sing N N 291 
THR N   H2   sing N N 292 
THR CA  C    sing N N 293 
THR CA  CB   sing N N 294 
THR CA  HA   sing N N 295 
THR C   O    doub N N 296 
THR C   OXT  sing N N 297 
THR CB  OG1  sing N N 298 
THR CB  CG2  sing N N 299 
THR CB  HB   sing N N 300 
THR OG1 HG1  sing N N 301 
THR CG2 HG21 sing N N 302 
THR CG2 HG22 sing N N 303 
THR CG2 HG23 sing N N 304 
THR OXT HXT  sing N N 305 
TRP N   CA   sing N N 306 
TRP N   H    sing N N 307 
TRP N   H2   sing N N 308 
TRP CA  C    sing N N 309 
TRP CA  CB   sing N N 310 
TRP CA  HA   sing N N 311 
TRP C   O    doub N N 312 
TRP C   OXT  sing N N 313 
TRP CB  CG   sing N N 314 
TRP CB  HB2  sing N N 315 
TRP CB  HB3  sing N N 316 
TRP CG  CD1  doub Y N 317 
TRP CG  CD2  sing Y N 318 
TRP CD1 NE1  sing Y N 319 
TRP CD1 HD1  sing N N 320 
TRP CD2 CE2  doub Y N 321 
TRP CD2 CE3  sing Y N 322 
TRP NE1 CE2  sing Y N 323 
TRP NE1 HE1  sing N N 324 
TRP CE2 CZ2  sing Y N 325 
TRP CE3 CZ3  doub Y N 326 
TRP CE3 HE3  sing N N 327 
TRP CZ2 CH2  doub Y N 328 
TRP CZ2 HZ2  sing N N 329 
TRP CZ3 CH2  sing Y N 330 
TRP CZ3 HZ3  sing N N 331 
TRP CH2 HH2  sing N N 332 
TRP OXT HXT  sing N N 333 
TYR N   CA   sing N N 334 
TYR N   H    sing N N 335 
TYR N   H2   sing N N 336 
TYR CA  C    sing N N 337 
TYR CA  CB   sing N N 338 
TYR CA  HA   sing N N 339 
TYR C   O    doub N N 340 
TYR C   OXT  sing N N 341 
TYR CB  CG   sing N N 342 
TYR CB  HB2  sing N N 343 
TYR CB  HB3  sing N N 344 
TYR CG  CD1  doub Y N 345 
TYR CG  CD2  sing Y N 346 
TYR CD1 CE1  sing Y N 347 
TYR CD1 HD1  sing N N 348 
TYR CD2 CE2  doub Y N 349 
TYR CD2 HD2  sing N N 350 
TYR CE1 CZ   doub Y N 351 
TYR CE1 HE1  sing N N 352 
TYR CE2 CZ   sing Y N 353 
TYR CE2 HE2  sing N N 354 
TYR CZ  OH   sing N N 355 
TYR OH  HH   sing N N 356 
TYR OXT HXT  sing N N 357 
VAL N   CA   sing N N 358 
VAL N   H    sing N N 359 
VAL N   H2   sing N N 360 
VAL CA  C    sing N N 361 
VAL CA  CB   sing N N 362 
VAL CA  HA   sing N N 363 
VAL C   O    doub N N 364 
VAL C   OXT  sing N N 365 
VAL CB  CG1  sing N N 366 
VAL CB  CG2  sing N N 367 
VAL CB  HB   sing N N 368 
VAL CG1 HG11 sing N N 369 
VAL CG1 HG12 sing N N 370 
VAL CG1 HG13 sing N N 371 
VAL CG2 HG21 sing N N 372 
VAL CG2 HG22 sing N N 373 
VAL CG2 HG23 sing N N 374 
VAL OXT HXT  sing N N 375 
# 
_atom_sites.entry_id                    1XWM 
_atom_sites.fract_transf_matrix[1][1]   -0.00370268 
_atom_sites.fract_transf_matrix[1][2]   -0.00025588 
_atom_sites.fract_transf_matrix[1][3]   0.01592009 
_atom_sites.fract_transf_matrix[2][1]   -0.00658812 
_atom_sites.fract_transf_matrix[2][2]   0.01490470 
_atom_sites.fract_transf_matrix[2][3]   -0.00129269 
_atom_sites.fract_transf_matrix[3][1]   -0.00731190 
_atom_sites.fract_transf_matrix[3][2]   -0.00338419 
_atom_sites.fract_transf_matrix[3][3]   -0.00175499 
_atom_sites.fract_transf_vector[1]      0.742936 
_atom_sites.fract_transf_vector[2]      0.537121 
_atom_sites.fract_transf_vector[3]      -0.035639 
# 
loop_
_atom_type.symbol 
C 
N 
O 
S 
# 
loop_
_atom_site.group_PDB 
_atom_site.id 
_atom_site.type_symbol 
_atom_site.label_atom_id 
_atom_site.label_alt_id 
_atom_site.label_comp_id 
_atom_site.label_asym_id 
_atom_site.label_entity_id 
_atom_site.label_seq_id 
_atom_site.pdbx_PDB_ins_code 
_atom_site.Cartn_x 
_atom_site.Cartn_y 
_atom_site.Cartn_z 
_atom_site.occupancy 
_atom_site.B_iso_or_equiv 
_atom_site.pdbx_formal_charge 
_atom_site.auth_seq_id 
_atom_site.auth_comp_id 
_atom_site.auth_asym_id 
_atom_site.auth_atom_id 
_atom_site.pdbx_PDB_model_num 
ATOM   1    N N   . THR A 1 4   ? -5.629  23.144  23.187  1.00 78.11 ? 4   THR A N   1 
ATOM   2    C CA  . THR A 1 4   ? -5.479  21.680  22.952  1.00 78.51 ? 4   THR A CA  1 
ATOM   3    C C   . THR A 1 4   ? -5.493  21.440  21.438  1.00 78.10 ? 4   THR A C   1 
ATOM   4    O O   . THR A 1 4   ? -5.053  20.392  20.958  1.00 78.28 ? 4   THR A O   1 
ATOM   5    C CB  . THR A 1 4   ? -6.653  20.860  23.608  1.00 78.69 ? 4   THR A CB  1 
ATOM   6    O OG1 . THR A 1 4   ? -7.043  21.464  24.850  1.00 78.93 ? 4   THR A OG1 1 
ATOM   7    C CG2 . THR A 1 4   ? -6.215  19.418  23.895  1.00 78.09 ? 4   THR A CG2 1 
ATOM   8    N N   . PHE A 1 5   ? -5.987  22.422  20.689  1.00 76.91 ? 5   PHE A N   1 
ATOM   9    C CA  . PHE A 1 5   ? -6.072  22.283  19.244  1.00 75.47 ? 5   PHE A CA  1 
ATOM   10   C C   . PHE A 1 5   ? -4.810  21.731  18.609  1.00 74.97 ? 5   PHE A C   1 
ATOM   11   O O   . PHE A 1 5   ? -4.830  20.655  18.026  1.00 75.88 ? 5   PHE A O   1 
ATOM   12   C CB  . PHE A 1 5   ? -6.404  23.609  18.583  1.00 74.33 ? 5   PHE A CB  1 
ATOM   13   C CG  . PHE A 1 5   ? -6.575  23.499  17.103  1.00 72.29 ? 5   PHE A CG  1 
ATOM   14   C CD1 . PHE A 1 5   ? -7.547  22.665  16.570  1.00 72.35 ? 5   PHE A CD1 1 
ATOM   15   C CD2 . PHE A 1 5   ? -5.773  24.223  16.242  1.00 71.44 ? 5   PHE A CD2 1 
ATOM   16   C CE1 . PHE A 1 5   ? -7.720  22.556  15.194  1.00 72.07 ? 5   PHE A CE1 1 
ATOM   17   C CE2 . PHE A 1 5   ? -5.939  24.121  14.866  1.00 71.40 ? 5   PHE A CE2 1 
ATOM   18   C CZ  . PHE A 1 5   ? -6.916  23.285  14.341  1.00 71.24 ? 5   PHE A CZ  1 
ATOM   19   N N   . ALA A 1 6   ? -3.716  22.476  18.705  1.00 74.36 ? 6   ALA A N   1 
ATOM   20   C CA  . ALA A 1 6   ? -2.452  22.030  18.128  1.00 72.84 ? 6   ALA A CA  1 
ATOM   21   C C   . ALA A 1 6   ? -2.229  20.555  18.456  1.00 71.69 ? 6   ALA A C   1 
ATOM   22   O O   . ALA A 1 6   ? -1.799  19.771  17.608  1.00 70.88 ? 6   ALA A O   1 
ATOM   23   C CB  . ALA A 1 6   ? -1.305  22.871  18.676  1.00 72.54 ? 6   ALA A CB  1 
ATOM   24   N N   . ASP A 1 7   ? -2.542  20.189  19.693  1.00 70.64 ? 7   ASP A N   1 
ATOM   25   C CA  . ASP A 1 7   ? -2.380  18.819  20.152  1.00 70.38 ? 7   ASP A CA  1 
ATOM   26   C C   . ASP A 1 7   ? -3.278  17.867  19.389  1.00 69.23 ? 7   ASP A C   1 
ATOM   27   O O   . ASP A 1 7   ? -2.863  16.759  19.054  1.00 70.24 ? 7   ASP A O   1 
ATOM   28   C CB  . ASP A 1 7   ? -2.693  18.716  21.643  1.00 72.60 ? 7   ASP A CB  1 
ATOM   29   C CG  . ASP A 1 7   ? -1.646  19.388  22.505  1.00 74.07 ? 7   ASP A CG  1 
ATOM   30   O OD1 . ASP A 1 7   ? -0.462  18.999  22.402  1.00 74.77 ? 7   ASP A OD1 1 
ATOM   31   O OD2 . ASP A 1 7   ? -2.010  20.301  23.284  1.00 74.93 ? 7   ASP A OD2 1 
ATOM   32   N N   . ASP A 1 8   ? -4.513  18.291  19.133  1.00 67.22 ? 8   ASP A N   1 
ATOM   33   C CA  . ASP A 1 8   ? -5.465  17.467  18.388  1.00 64.74 ? 8   ASP A CA  1 
ATOM   34   C C   . ASP A 1 8   ? -4.856  17.084  17.036  1.00 63.26 ? 8   ASP A C   1 
ATOM   35   O O   . ASP A 1 8   ? -4.724  15.901  16.703  1.00 64.42 ? 8   ASP A O   1 
ATOM   36   C CB  . ASP A 1 8   ? -6.776  18.236  18.171  1.00 64.78 ? 8   ASP A CB  1 
ATOM   37   C CG  . ASP A 1 8   ? -7.495  18.554  19.477  1.00 65.44 ? 8   ASP A CG  1 
ATOM   38   O OD1 . ASP A 1 8   ? -8.031  17.624  20.117  1.00 64.36 ? 8   ASP A OD1 1 
ATOM   39   O OD2 . ASP A 1 8   ? -7.519  19.739  19.868  1.00 67.13 ? 8   ASP A OD2 1 
ATOM   40   N N   . LEU A 1 9   ? -4.471  18.092  16.262  1.00 60.16 ? 9   LEU A N   1 
ATOM   41   C CA  . LEU A 1 9   ? -3.875  17.851  14.966  1.00 57.50 ? 9   LEU A CA  1 
ATOM   42   C C   . LEU A 1 9   ? -2.636  16.971  15.062  1.00 56.30 ? 9   LEU A C   1 
ATOM   43   O O   . LEU A 1 9   ? -2.240  16.344  14.081  1.00 57.45 ? 9   LEU A O   1 
ATOM   44   C CB  . LEU A 1 9   ? -3.524  19.178  14.314  1.00 57.81 ? 9   LEU A CB  1 
ATOM   45   C CG  . LEU A 1 9   ? -4.739  20.060  14.019  1.00 58.54 ? 9   LEU A CG  1 
ATOM   46   C CD1 . LEU A 1 9   ? -4.287  21.407  13.472  1.00 58.16 ? 9   LEU A CD1 1 
ATOM   47   C CD2 . LEU A 1 9   ? -5.637  19.350  13.019  1.00 59.60 ? 9   LEU A CD2 1 
ATOM   48   N N   . ALA A 1 10  ? -2.016  16.921  16.236  1.00 54.35 ? 10  ALA A N   1 
ATOM   49   C CA  . ALA A 1 10  ? -0.826  16.094  16.408  1.00 52.92 ? 10  ALA A CA  1 
ATOM   50   C C   . ALA A 1 10  ? -1.229  14.634  16.530  1.00 51.29 ? 10  ALA A C   1 
ATOM   51   O O   . ALA A 1 10  ? -0.511  13.750  16.078  1.00 51.50 ? 10  ALA A O   1 
ATOM   52   C CB  . ALA A 1 10  ? -0.035  16.532  17.653  1.00 52.90 ? 10  ALA A CB  1 
ATOM   53   N N   . SER A 1 11  ? -2.388  14.386  17.130  1.00 49.56 ? 11  SER A N   1 
ATOM   54   C CA  . SER A 1 11  ? -2.866  13.020  17.326  1.00 49.19 ? 11  SER A CA  1 
ATOM   55   C C   . SER A 1 11  ? -3.497  12.489  16.055  1.00 47.40 ? 11  SER A C   1 
ATOM   56   O O   . SER A 1 11  ? -3.345  11.312  15.726  1.00 47.37 ? 11  SER A O   1 
ATOM   57   C CB  . SER A 1 11  ? -3.888  12.963  18.459  1.00 50.63 ? 11  SER A CB  1 
ATOM   58   O OG  . SER A 1 11  ? -5.103  13.568  18.068  1.00 52.95 ? 11  SER A OG  1 
ATOM   59   N N   . LEU A 1 12  ? -4.226  13.355  15.358  1.00 44.85 ? 12  LEU A N   1 
ATOM   60   C CA  . LEU A 1 12  ? -4.845  12.975  14.095  1.00 42.55 ? 12  LEU A CA  1 
ATOM   61   C C   . LEU A 1 12  ? -3.704  12.524  13.200  1.00 42.20 ? 12  LEU A C   1 
ATOM   62   O O   . LEU A 1 12  ? -3.827  11.589  12.422  1.00 43.13 ? 12  LEU A O   1 
ATOM   63   C CB  . LEU A 1 12  ? -5.531  14.177  13.454  1.00 39.64 ? 12  LEU A CB  1 
ATOM   64   C CG  . LEU A 1 12  ? -5.957  13.952  12.007  1.00 37.45 ? 12  LEU A CG  1 
ATOM   65   C CD1 . LEU A 1 12  ? -7.101  12.983  11.987  1.00 37.44 ? 12  LEU A CD1 1 
ATOM   66   C CD2 . LEU A 1 12  ? -6.374  15.259  11.366  1.00 37.98 ? 12  LEU A CD2 1 
ATOM   67   N N   . HIS A 1 13  ? -2.583  13.217  13.335  1.00 42.53 ? 13  HIS A N   1 
ATOM   68   C CA  . HIS A 1 13  ? -1.391  12.936  12.569  1.00 42.99 ? 13  HIS A CA  1 
ATOM   69   C C   . HIS A 1 13  ? -0.833  11.581  12.944  1.00 43.79 ? 13  HIS A C   1 
ATOM   70   O O   . HIS A 1 13  ? -0.381  10.825  12.096  1.00 45.34 ? 13  HIS A O   1 
ATOM   71   C CB  . HIS A 1 13  ? -0.342  13.999  12.852  1.00 43.92 ? 13  HIS A CB  1 
ATOM   72   C CG  . HIS A 1 13  ? 0.952   13.756  12.151  1.00 44.85 ? 13  HIS A CG  1 
ATOM   73   N ND1 . HIS A 1 13  ? 1.169   14.130  10.843  1.00 44.69 ? 13  HIS A ND1 1 
ATOM   74   C CD2 . HIS A 1 13  ? 2.084   13.141  12.563  1.00 44.91 ? 13  HIS A CD2 1 
ATOM   75   C CE1 . HIS A 1 13  ? 2.382   13.757  10.480  1.00 46.07 ? 13  HIS A CE1 1 
ATOM   76   N NE2 . HIS A 1 13  ? 2.957   13.155  11.504  1.00 46.38 ? 13  HIS A NE2 1 
ATOM   77   N N   . ASN A 1 14  ? -0.857  11.284  14.230  1.00 45.04 ? 14  ASN A N   1 
ATOM   78   C CA  . ASN A 1 14  ? -0.351  10.016  14.733  1.00 45.77 ? 14  ASN A CA  1 
ATOM   79   C C   . ASN A 1 14  ? -1.327  8.882   14.455  1.00 46.23 ? 14  ASN A C   1 
ATOM   80   O O   . ASN A 1 14  ? -0.917  7.728   14.393  1.00 47.18 ? 14  ASN A O   1 
ATOM   81   C CB  . ASN A 1 14  ? -0.092  10.110  16.240  1.00 46.11 ? 14  ASN A CB  1 
ATOM   82   C CG  . ASN A 1 14  ? 0.882   11.220  16.596  1.00 45.30 ? 14  ASN A CG  1 
ATOM   83   O OD1 . ASN A 1 14  ? 0.649   11.992  17.535  1.00 43.60 ? 14  ASN A OD1 1 
ATOM   84   N ND2 . ASN A 1 14  ? 1.983   11.302  15.849  1.00 45.55 ? 14  ASN A ND2 1 
ATOM   85   N N   . LYS A 1 15  ? -2.617  9.198   14.314  1.00 46.43 ? 15  LYS A N   1 
ATOM   86   C CA  . LYS A 1 15  ? -3.612  8.166   14.019  1.00 47.04 ? 15  LYS A CA  1 
ATOM   87   C C   . LYS A 1 15  ? -3.233  7.547   12.703  1.00 46.79 ? 15  LYS A C   1 
ATOM   88   O O   . LYS A 1 15  ? -3.161  6.321   12.583  1.00 46.34 ? 15  LYS A O   1 
ATOM   89   C CB  . LYS A 1 15  ? -5.015  8.746   13.881  1.00 48.29 ? 15  LYS A CB  1 
ATOM   90   C CG  . LYS A 1 15  ? -5.726  8.959   15.192  1.00 50.84 ? 15  LYS A CG  1 
ATOM   91   C CD  . LYS A 1 15  ? -7.135  9.497   14.976  1.00 52.53 ? 15  LYS A CD  1 
ATOM   92   C CE  . LYS A 1 15  ? -7.792  9.826   16.314  1.00 53.62 ? 15  LYS A CE  1 
ATOM   93   N NZ  . LYS A 1 15  ? -7.830  8.644   17.240  1.00 52.90 ? 15  LYS A NZ  1 
ATOM   94   N N   . LEU A 1 16  ? -2.998  8.417   11.720  1.00 46.10 ? 16  LEU A N   1 
ATOM   95   C CA  . LEU A 1 16  ? -2.602  7.999   10.381  1.00 45.77 ? 16  LEU A CA  1 
ATOM   96   C C   . LEU A 1 16  ? -1.265  7.248   10.407  1.00 45.36 ? 16  LEU A C   1 
ATOM   97   O O   . LEU A 1 16  ? -1.195  6.070   10.046  1.00 45.29 ? 16  LEU A O   1 
ATOM   98   C CB  . LEU A 1 16  ? -2.517  9.219   9.465   1.00 45.95 ? 16  LEU A CB  1 
ATOM   99   C CG  . LEU A 1 16  ? -3.792  9.520   8.676   1.00 46.28 ? 16  LEU A CG  1 
ATOM   100  C CD1 . LEU A 1 16  ? -3.744  10.908  8.069   1.00 47.63 ? 16  LEU A CD1 1 
ATOM   101  C CD2 . LEU A 1 16  ? -3.942  8.481   7.592   1.00 46.56 ? 16  LEU A CD2 1 
ATOM   102  N N   . ILE A 1 17  ? -0.208  7.932   10.835  1.00 45.20 ? 17  ILE A N   1 
ATOM   103  C CA  . ILE A 1 17  ? 1.108   7.316   10.925  1.00 44.56 ? 17  ILE A CA  1 
ATOM   104  C C   . ILE A 1 17  ? 0.967   5.933   11.570  1.00 43.66 ? 17  ILE A C   1 
ATOM   105  O O   . ILE A 1 17  ? 1.760   5.025   11.316  1.00 44.11 ? 17  ILE A O   1 
ATOM   106  C CB  . ILE A 1 17  ? 2.065   8.208   11.763  1.00 45.08 ? 17  ILE A CB  1 
ATOM   107  C CG1 . ILE A 1 17  ? 3.097   8.882   10.853  1.00 47.19 ? 17  ILE A CG1 1 
ATOM   108  C CG2 . ILE A 1 17  ? 2.784   7.383   12.799  1.00 45.63 ? 17  ILE A CG2 1 
ATOM   109  C CD1 . ILE A 1 17  ? 2.516   9.848   9.834   1.00 47.00 ? 17  ILE A CD1 1 
ATOM   110  N N   . GLU A 1 18  ? -0.056  5.787   12.403  1.00 43.34 ? 18  GLU A N   1 
ATOM   111  C CA  . GLU A 1 18  ? -0.333  4.536   13.090  1.00 42.65 ? 18  GLU A CA  1 
ATOM   112  C C   . GLU A 1 18  ? -0.892  3.495   12.123  1.00 41.75 ? 18  GLU A C   1 
ATOM   113  O O   . GLU A 1 18  ? -0.450  2.340   12.117  1.00 41.85 ? 18  GLU A O   1 
ATOM   114  C CB  . GLU A 1 18  ? -1.332  4.768   14.225  1.00 45.30 ? 18  GLU A CB  1 
ATOM   115  C CG  . GLU A 1 18  ? -1.722  3.496   14.957  1.00 48.12 ? 18  GLU A CG  1 
ATOM   116  C CD  . GLU A 1 18  ? -0.501  2.680   15.372  1.00 50.92 ? 18  GLU A CD  1 
ATOM   117  O OE1 . GLU A 1 18  ? -0.667  1.633   16.046  1.00 50.69 ? 18  GLU A OE1 1 
ATOM   118  O OE2 . GLU A 1 18  ? 0.631   3.088   15.019  1.00 53.70 ? 18  GLU A OE2 1 
ATOM   119  N N   . MET A 1 19  ? -1.877  3.908   11.327  1.00 39.39 ? 19  MET A N   1 
ATOM   120  C CA  . MET A 1 19  ? -2.478  3.030   10.331  1.00 36.70 ? 19  MET A CA  1 
ATOM   121  C C   . MET A 1 19  ? -1.350  2.513   9.448   1.00 36.62 ? 19  MET A C   1 
ATOM   122  O O   . MET A 1 19  ? -1.322  1.344   9.078   1.00 37.18 ? 19  MET A O   1 
ATOM   123  C CB  . MET A 1 19  ? -3.473  3.793   9.455   1.00 33.49 ? 19  MET A CB  1 
ATOM   124  C CG  . MET A 1 19  ? -4.785  4.188   10.112  1.00 30.04 ? 19  MET A CG  1 
ATOM   125  S SD  . MET A 1 19  ? -5.898  4.966   8.896   1.00 24.10 ? 19  MET A SD  1 
ATOM   126  C CE  . MET A 1 19  ? -6.169  3.574   7.818   1.00 25.40 ? 19  MET A CE  1 
ATOM   127  N N   . GLY A 1 20  ? -0.420  3.399   9.115   1.00 35.57 ? 20  GLY A N   1 
ATOM   128  C CA  . GLY A 1 20  ? 0.701   3.013   8.276   1.00 35.66 ? 20  GLY A CA  1 
ATOM   129  C C   . GLY A 1 20  ? 1.648   2.023   8.930   1.00 36.18 ? 20  GLY A C   1 
ATOM   130  O O   . GLY A 1 20  ? 2.172   1.125   8.280   1.00 36.32 ? 20  GLY A O   1 
ATOM   131  N N   . ARG A 1 21  ? 1.879   2.195   10.222  1.00 37.22 ? 21  ARG A N   1 
ATOM   132  C CA  . ARG A 1 21  ? 2.761   1.312   10.965  1.00 38.89 ? 21  ARG A CA  1 
ATOM   133  C C   . ARG A 1 21  ? 2.221   -0.122  10.848  1.00 39.75 ? 21  ARG A C   1 
ATOM   134  O O   . ARG A 1 21  ? 2.984   -1.085  10.671  1.00 39.19 ? 21  ARG A O   1 
ATOM   135  C CB  . ARG A 1 21  ? 2.791   1.776   12.425  1.00 40.45 ? 21  ARG A CB  1 
ATOM   136  C CG  . ARG A 1 21  ? 4.061   1.454   13.193  1.00 42.45 ? 21  ARG A CG  1 
ATOM   137  C CD  . ARG A 1 21  ? 3.911   0.161   13.952  1.00 44.21 ? 21  ARG A CD  1 
ATOM   138  N NE  . ARG A 1 21  ? 2.752   0.203   14.842  1.00 45.80 ? 21  ARG A NE  1 
ATOM   139  C CZ  . ARG A 1 21  ? 2.228   -0.869  15.434  1.00 48.04 ? 21  ARG A CZ  1 
ATOM   140  N NH1 . ARG A 1 21  ? 2.762   -2.068  15.231  1.00 48.36 ? 21  ARG A NH1 1 
ATOM   141  N NH2 . ARG A 1 21  ? 1.163   -0.746  16.220  1.00 48.11 ? 21  ARG A NH2 1 
ATOM   142  N N   . LEU A 1 22  ? 0.894   -0.246  10.936  1.00 38.89 ? 22  LEU A N   1 
ATOM   143  C CA  . LEU A 1 22  ? 0.205   -1.531  10.836  1.00 37.30 ? 22  LEU A CA  1 
ATOM   144  C C   . LEU A 1 22  ? 0.140   -2.061  9.401   1.00 38.64 ? 22  LEU A C   1 
ATOM   145  O O   . LEU A 1 22  ? 0.459   -3.225  9.152   1.00 40.53 ? 22  LEU A O   1 
ATOM   146  C CB  . LEU A 1 22  ? -1.207  -1.402  11.382  1.00 35.12 ? 22  LEU A CB  1 
ATOM   147  C CG  . LEU A 1 22  ? -1.316  -0.978  12.840  1.00 32.89 ? 22  LEU A CG  1 
ATOM   148  C CD1 . LEU A 1 22  ? -2.760  -1.065  13.284  1.00 31.47 ? 22  LEU A CD1 1 
ATOM   149  C CD2 . LEU A 1 22  ? -0.462  -1.882  13.688  1.00 32.98 ? 22  LEU A CD2 1 
ATOM   150  N N   . THR A 1 23  ? -0.301  -1.225  8.462   1.00 38.12 ? 23  THR A N   1 
ATOM   151  C CA  . THR A 1 23  ? -0.357  -1.632  7.064   1.00 36.98 ? 23  THR A CA  1 
ATOM   152  C C   . THR A 1 23  ? 1.055   -2.073  6.663   1.00 38.81 ? 23  THR A C   1 
ATOM   153  O O   . THR A 1 23  ? 1.222   -3.005  5.879   1.00 40.21 ? 23  THR A O   1 
ATOM   154  C CB  . THR A 1 23  ? -0.804  -0.464  6.147   1.00 35.29 ? 23  THR A CB  1 
ATOM   155  O OG1 . THR A 1 23  ? -2.161  -0.113  6.435   1.00 31.74 ? 23  THR A OG1 1 
ATOM   156  C CG2 . THR A 1 23  ? -0.679  -0.854  4.676   1.00 33.09 ? 23  THR A CG2 1 
ATOM   157  N N   . GLU A 1 24  ? 2.067   -1.407  7.218   1.00 39.20 ? 24  GLU A N   1 
ATOM   158  C CA  . GLU A 1 24  ? 3.471   -1.716  6.933   1.00 40.10 ? 24  GLU A CA  1 
ATOM   159  C C   . GLU A 1 24  ? 3.716   -3.176  7.237   1.00 39.47 ? 24  GLU A C   1 
ATOM   160  O O   . GLU A 1 24  ? 4.199   -3.941  6.407   1.00 37.64 ? 24  GLU A O   1 
ATOM   161  C CB  . GLU A 1 24  ? 4.379   -0.886  7.827   1.00 43.32 ? 24  GLU A CB  1 
ATOM   162  C CG  . GLU A 1 24  ? 5.730   -0.540  7.230   1.00 48.52 ? 24  GLU A CG  1 
ATOM   163  C CD  . GLU A 1 24  ? 5.637   0.615   6.239   1.00 52.10 ? 24  GLU A CD  1 
ATOM   164  O OE1 . GLU A 1 24  ? 5.328   0.361   5.050   1.00 54.15 ? 24  GLU A OE1 1 
ATOM   165  O OE2 . GLU A 1 24  ? 5.857   1.783   6.649   1.00 53.78 ? 24  GLU A OE2 1 
ATOM   166  N N   . VAL A 1 25  ? 3.375   -3.537  8.463   1.00 39.58 ? 25  VAL A N   1 
ATOM   167  C CA  . VAL A 1 25  ? 3.518   -4.892  8.953   1.00 39.97 ? 25  VAL A CA  1 
ATOM   168  C C   . VAL A 1 25  ? 2.755   -5.854  8.069   1.00 39.52 ? 25  VAL A C   1 
ATOM   169  O O   . VAL A 1 25  ? 3.323   -6.776  7.497   1.00 41.53 ? 25  VAL A O   1 
ATOM   170  C CB  . VAL A 1 25  ? 2.959   -4.991  10.360  1.00 40.43 ? 25  VAL A CB  1 
ATOM   171  C CG1 . VAL A 1 25  ? 3.012   -6.430  10.839  1.00 41.63 ? 25  VAL A CG1 1 
ATOM   172  C CG2 . VAL A 1 25  ? 3.738   -4.055  11.283  1.00 39.97 ? 25  VAL A CG2 1 
ATOM   173  N N   . ALA A 1 26  ? 1.454   -5.632  7.979   1.00 38.95 ? 26  ALA A N   1 
ATOM   174  C CA  . ALA A 1 26  ? 0.591   -6.460  7.159   1.00 38.09 ? 26  ALA A CA  1 
ATOM   175  C C   . ALA A 1 26  ? 1.216   -6.712  5.794   1.00 37.55 ? 26  ALA A C   1 
ATOM   176  O O   . ALA A 1 26  ? 1.152   -7.815  5.255   1.00 37.86 ? 26  ALA A O   1 
ATOM   177  C CB  . ALA A 1 26  ? -0.747  -5.781  6.992   1.00 38.48 ? 26  ALA A CB  1 
ATOM   178  N N   . LEU A 1 27  ? 1.809   -5.681  5.218   1.00 36.86 ? 27  LEU A N   1 
ATOM   179  C CA  . LEU A 1 27  ? 2.437   -5.849  3.929   1.00 37.10 ? 27  LEU A CA  1 
ATOM   180  C C   . LEU A 1 27  ? 3.638   -6.778  4.082   1.00 38.04 ? 27  LEU A C   1 
ATOM   181  O O   . LEU A 1 27  ? 3.801   -7.720  3.314   1.00 36.99 ? 27  LEU A O   1 
ATOM   182  C CB  . LEU A 1 27  ? 2.872   -4.491  3.386   1.00 36.85 ? 27  LEU A CB  1 
ATOM   183  C CG  . LEU A 1 27  ? 2.122   -3.989  2.153   1.00 37.05 ? 27  LEU A CG  1 
ATOM   184  C CD1 . LEU A 1 27  ? 0.641   -4.210  2.346   1.00 37.94 ? 27  LEU A CD1 1 
ATOM   185  C CD2 . LEU A 1 27  ? 2.422   -2.511  1.911   1.00 36.97 ? 27  LEU A CD2 1 
ATOM   186  N N   . GLN A 1 28  ? 4.470   -6.518  5.085   1.00 39.24 ? 28  GLN A N   1 
ATOM   187  C CA  . GLN A 1 28  ? 5.648   -7.336  5.323   1.00 40.64 ? 28  GLN A CA  1 
ATOM   188  C C   . GLN A 1 28  ? 5.312   -8.820  5.360   1.00 42.02 ? 28  GLN A C   1 
ATOM   189  O O   . GLN A 1 28  ? 5.948   -9.631  4.685   1.00 42.32 ? 28  GLN A O   1 
ATOM   190  C CB  . GLN A 1 28  ? 6.301   -6.955  6.644   1.00 42.09 ? 28  GLN A CB  1 
ATOM   191  C CG  . GLN A 1 28  ? 7.685   -6.359  6.506   1.00 45.53 ? 28  GLN A CG  1 
ATOM   192  C CD  . GLN A 1 28  ? 7.686   -4.834  6.600   1.00 49.67 ? 28  GLN A CD  1 
ATOM   193  O OE1 . GLN A 1 28  ? 7.014   -4.141  5.822   1.00 54.11 ? 28  GLN A OE1 1 
ATOM   194  N NE2 . GLN A 1 28  ? 8.444   -4.303  7.557   1.00 51.64 ? 28  GLN A NE2 1 
ATOM   195  N N   . GLN A 1 29  ? 4.309   -9.177  6.155   1.00 42.79 ? 29  GLN A N   1 
ATOM   196  C CA  . GLN A 1 29  ? 3.930   -10.576 6.291   1.00 43.82 ? 29  GLN A CA  1 
ATOM   197  C C   . GLN A 1 29  ? 3.194   -11.134 5.094   1.00 43.75 ? 29  GLN A C   1 
ATOM   198  O O   . GLN A 1 29  ? 3.432   -12.264 4.697   1.00 44.02 ? 29  GLN A O   1 
ATOM   199  C CB  . GLN A 1 29  ? 3.099   -10.775 7.555   1.00 44.26 ? 29  GLN A CB  1 
ATOM   200  C CG  . GLN A 1 29  ? 1.891   -9.915  7.646   1.00 45.29 ? 29  GLN A CG  1 
ATOM   201  C CD  . GLN A 1 29  ? 1.465   -9.709  9.080   1.00 46.97 ? 29  GLN A CD  1 
ATOM   202  O OE1 . GLN A 1 29  ? 0.483   -9.021  9.356   1.00 50.07 ? 29  GLN A OE1 1 
ATOM   203  N NE2 . GLN A 1 29  ? 2.208   -10.298 10.007  1.00 45.64 ? 29  GLN A NE2 1 
ATOM   204  N N   . ALA A 1 30  ? 2.300   -10.346 4.517   1.00 44.86 ? 30  ALA A N   1 
ATOM   205  C CA  . ALA A 1 30  ? 1.564   -10.803 3.350   1.00 46.38 ? 30  ALA A CA  1 
ATOM   206  C C   . ALA A 1 30  ? 2.536   -11.413 2.340   1.00 46.91 ? 30  ALA A C   1 
ATOM   207  O O   . ALA A 1 30  ? 2.336   -12.533 1.874   1.00 48.02 ? 30  ALA A O   1 
ATOM   208  C CB  . ALA A 1 30  ? 0.802   -9.638  2.714   1.00 46.08 ? 30  ALA A CB  1 
ATOM   209  N N   . ILE A 1 31  ? 3.599   -10.681 2.025   1.00 46.28 ? 31  ILE A N   1 
ATOM   210  C CA  . ILE A 1 31  ? 4.590   -11.146 1.065   1.00 45.90 ? 31  ILE A CA  1 
ATOM   211  C C   . ILE A 1 31  ? 5.371   -12.358 1.555   1.00 46.96 ? 31  ILE A C   1 
ATOM   212  O O   . ILE A 1 31  ? 5.535   -13.334 0.825   1.00 48.00 ? 31  ILE A O   1 
ATOM   213  C CB  . ILE A 1 31  ? 5.591   -10.018 0.711   1.00 45.55 ? 31  ILE A CB  1 
ATOM   214  C CG1 . ILE A 1 31  ? 6.586   -10.502 -0.337  1.00 44.17 ? 31  ILE A CG1 1 
ATOM   215  C CG2 . ILE A 1 31  ? 6.350   -9.576  1.949   1.00 45.65 ? 31  ILE A CG2 1 
ATOM   216  C CD1 . ILE A 1 31  ? 5.941   -11.089 -1.550  1.00 42.46 ? 31  ILE A CD1 1 
ATOM   217  N N   . GLU A 1 32  ? 5.865   -12.300 2.785   1.00 47.68 ? 32  GLU A N   1 
ATOM   218  C CA  . GLU A 1 32  ? 6.625   -13.413 3.325   1.00 48.38 ? 32  GLU A CA  1 
ATOM   219  C C   . GLU A 1 32  ? 5.753   -14.650 3.245   1.00 48.70 ? 32  GLU A C   1 
ATOM   220  O O   . GLU A 1 32  ? 6.179   -15.696 2.747   1.00 49.51 ? 32  GLU A O   1 
ATOM   221  C CB  . GLU A 1 32  ? 6.995   -13.139 4.773   1.00 49.35 ? 32  GLU A CB  1 
ATOM   222  C CG  . GLU A 1 32  ? 7.599   -14.320 5.487   1.00 50.68 ? 32  GLU A CG  1 
ATOM   223  C CD  . GLU A 1 32  ? 7.870   -14.018 6.944   1.00 52.40 ? 32  GLU A CD  1 
ATOM   224  O OE1 . GLU A 1 32  ? 8.613   -13.041 7.218   1.00 53.51 ? 32  GLU A OE1 1 
ATOM   225  O OE2 . GLU A 1 32  ? 7.337   -14.749 7.812   1.00 52.09 ? 32  GLU A OE2 1 
ATOM   226  N N   . ALA A 1 33  ? 4.521   -14.502 3.725   1.00 47.61 ? 33  ALA A N   1 
ATOM   227  C CA  . ALA A 1 33  ? 3.535   -15.577 3.732   1.00 46.99 ? 33  ALA A CA  1 
ATOM   228  C C   . ALA A 1 33  ? 3.413   -16.210 2.360   1.00 46.82 ? 33  ALA A C   1 
ATOM   229  O O   . ALA A 1 33  ? 3.437   -17.430 2.217   1.00 47.00 ? 33  ALA A O   1 
ATOM   230  C CB  . ALA A 1 33  ? 2.186   -15.039 4.164   1.00 46.00 ? 33  ALA A CB  1 
ATOM   231  N N   . PHE A 1 34  ? 3.281   -15.365 1.351   1.00 46.27 ? 34  PHE A N   1 
ATOM   232  C CA  . PHE A 1 34  ? 3.147   -15.839 -0.010  1.00 46.58 ? 34  PHE A CA  1 
ATOM   233  C C   . PHE A 1 34  ? 4.395   -16.523 -0.546  1.00 47.81 ? 34  PHE A C   1 
ATOM   234  O O   . PHE A 1 34  ? 4.312   -17.623 -1.100  1.00 48.63 ? 34  PHE A O   1 
ATOM   235  C CB  . PHE A 1 34  ? 2.767   -14.676 -0.914  1.00 44.81 ? 34  PHE A CB  1 
ATOM   236  C CG  . PHE A 1 34  ? 2.702   -15.027 -2.373  1.00 43.86 ? 34  PHE A CG  1 
ATOM   237  C CD1 . PHE A 1 34  ? 3.861   -15.057 -3.151  1.00 42.75 ? 34  PHE A CD1 1 
ATOM   238  C CD2 . PHE A 1 34  ? 1.473   -15.295 -2.981  1.00 42.93 ? 34  PHE A CD2 1 
ATOM   239  C CE1 . PHE A 1 34  ? 3.799   -15.343 -4.521  1.00 42.05 ? 34  PHE A CE1 1 
ATOM   240  C CE2 . PHE A 1 34  ? 1.399   -15.582 -4.349  1.00 43.20 ? 34  PHE A CE2 1 
ATOM   241  C CZ  . PHE A 1 34  ? 2.564   -15.606 -5.122  1.00 42.54 ? 34  PHE A CZ  1 
ATOM   242  N N   . GLN A 1 35  ? 5.549   -15.882 -0.384  1.00 49.57 ? 35  GLN A N   1 
ATOM   243  C CA  . GLN A 1 35  ? 6.795   -16.454 -0.898  1.00 51.79 ? 35  GLN A CA  1 
ATOM   244  C C   . GLN A 1 35  ? 7.183   -17.771 -0.239  1.00 52.12 ? 35  GLN A C   1 
ATOM   245  O O   . GLN A 1 35  ? 7.729   -18.671 -0.892  1.00 51.43 ? 35  GLN A O   1 
ATOM   246  C CB  . GLN A 1 35  ? 7.954   -15.470 -0.753  1.00 52.42 ? 35  GLN A CB  1 
ATOM   247  C CG  . GLN A 1 35  ? 8.480   -15.314 0.655   1.00 54.45 ? 35  GLN A CG  1 
ATOM   248  C CD  . GLN A 1 35  ? 9.942   -14.885 0.668   1.00 56.09 ? 35  GLN A CD  1 
ATOM   249  O OE1 . GLN A 1 35  ? 10.458  -14.423 1.695   1.00 57.25 ? 35  GLN A OE1 1 
ATOM   250  N NE2 . GLN A 1 35  ? 10.622  -15.047 -0.474  1.00 54.94 ? 35  GLN A NE2 1 
ATOM   251  N N   . THR A 1 36  ? 6.911   -17.873 1.056   1.00 51.57 ? 36  THR A N   1 
ATOM   252  C CA  . THR A 1 36  ? 7.226   -19.076 1.798   1.00 51.64 ? 36  THR A CA  1 
ATOM   253  C C   . THR A 1 36  ? 6.032   -20.009 1.780   1.00 52.53 ? 36  THR A C   1 
ATOM   254  O O   . THR A 1 36  ? 6.107   -21.140 2.257   1.00 54.02 ? 36  THR A O   1 
ATOM   255  C CB  . THR A 1 36  ? 7.566   -18.749 3.251   1.00 51.22 ? 36  THR A CB  1 
ATOM   256  O OG1 . THR A 1 36  ? 6.531   -17.931 3.806   1.00 51.71 ? 36  THR A OG1 1 
ATOM   257  C CG2 . THR A 1 36  ? 8.893   -18.022 3.334   1.00 51.82 ? 36  THR A CG2 1 
ATOM   258  N N   . GLN A 1 37  ? 4.926   -19.536 1.224   1.00 52.89 ? 37  GLN A N   1 
ATOM   259  C CA  . GLN A 1 37  ? 3.721   -20.343 1.173   1.00 52.96 ? 37  GLN A CA  1 
ATOM   260  C C   . GLN A 1 37  ? 3.286   -20.736 2.587   1.00 52.52 ? 37  GLN A C   1 
ATOM   261  O O   . GLN A 1 37  ? 3.154   -21.921 2.892   1.00 53.58 ? 37  GLN A O   1 
ATOM   262  C CB  . GLN A 1 37  ? 3.971   -21.608 0.359   1.00 53.49 ? 37  GLN A CB  1 
ATOM   263  C CG  . GLN A 1 37  ? 4.302   -21.361 -1.092  1.00 57.06 ? 37  GLN A CG  1 
ATOM   264  C CD  . GLN A 1 37  ? 4.408   -22.656 -1.869  1.00 58.22 ? 37  GLN A CD  1 
ATOM   265  O OE1 . GLN A 1 37  ? 5.303   -23.472 -1.629  1.00 60.11 ? 37  GLN A OE1 1 
ATOM   266  N NE2 . GLN A 1 37  ? 3.485   -22.860 -2.797  1.00 59.34 ? 37  GLN A NE2 1 
ATOM   267  N N   . ASN A 1 38  ? 3.065   -19.748 3.447   1.00 51.63 ? 38  ASN A N   1 
ATOM   268  C CA  . ASN A 1 38  ? 2.649   -20.018 4.818   1.00 51.81 ? 38  ASN A CA  1 
ATOM   269  C C   . ASN A 1 38  ? 1.169   -19.702 5.031   1.00 53.33 ? 38  ASN A C   1 
ATOM   270  O O   . ASN A 1 38  ? 0.809   -18.546 5.238   1.00 54.04 ? 38  ASN A O   1 
ATOM   271  C CB  . ASN A 1 38  ? 3.474   -19.183 5.782   1.00 49.67 ? 38  ASN A CB  1 
ATOM   272  C CG  . ASN A 1 38  ? 3.050   -19.377 7.210   1.00 48.96 ? 38  ASN A CG  1 
ATOM   273  O OD1 . ASN A 1 38  ? 1.867   -19.517 7.502   1.00 49.31 ? 38  ASN A OD1 1 
ATOM   274  N ND2 . ASN A 1 38  ? 4.013   -19.371 8.116   1.00 49.13 ? 38  ASN A ND2 1 
ATOM   275  N N   . ALA A 1 39  ? 0.318   -20.726 5.010   1.00 54.64 ? 39  ALA A N   1 
ATOM   276  C CA  . ALA A 1 39  ? -1.120  -20.520 5.188   1.00 54.66 ? 39  ALA A CA  1 
ATOM   277  C C   . ALA A 1 39  ? -1.452  -19.866 6.517   1.00 54.28 ? 39  ALA A C   1 
ATOM   278  O O   . ALA A 1 39  ? -2.222  -18.910 6.572   1.00 55.18 ? 39  ALA A O   1 
ATOM   279  C CB  . ALA A 1 39  ? -1.866  -21.840 5.063   1.00 54.06 ? 39  ALA A CB  1 
ATOM   280  N N   . ASN A 1 40  ? -0.875  -20.381 7.592   1.00 53.19 ? 40  ASN A N   1 
ATOM   281  C CA  . ASN A 1 40  ? -1.142  -19.824 8.906   1.00 52.68 ? 40  ASN A CA  1 
ATOM   282  C C   . ASN A 1 40  ? -0.842  -18.343 8.948   1.00 51.87 ? 40  ASN A C   1 
ATOM   283  O O   . ASN A 1 40  ? -1.497  -17.587 9.661   1.00 52.46 ? 40  ASN A O   1 
ATOM   284  C CB  . ASN A 1 40  ? -0.310  -20.542 9.958   1.00 54.01 ? 40  ASN A CB  1 
ATOM   285  C CG  . ASN A 1 40  ? -0.863  -21.913 10.297  1.00 55.86 ? 40  ASN A CG  1 
ATOM   286  O OD1 . ASN A 1 40  ? -0.231  -22.695 11.015  1.00 56.69 ? 40  ASN A OD1 1 
ATOM   287  N ND2 . ASN A 1 40  ? -2.058  -22.208 9.788   1.00 55.76 ? 40  ASN A ND2 1 
ATOM   288  N N   . LEU A 1 41  ? 0.150   -17.925 8.175   1.00 51.15 ? 41  LEU A N   1 
ATOM   289  C CA  . LEU A 1 41  ? 0.530   -16.524 8.140   1.00 50.74 ? 41  LEU A CA  1 
ATOM   290  C C   . LEU A 1 41  ? -0.463  -15.731 7.287   1.00 50.97 ? 41  LEU A C   1 
ATOM   291  O O   . LEU A 1 41  ? -0.942  -14.676 7.708   1.00 51.37 ? 41  LEU A O   1 
ATOM   292  C CB  . LEU A 1 41  ? 1.951   -16.376 7.586   1.00 50.02 ? 41  LEU A CB  1 
ATOM   293  C CG  . LEU A 1 41  ? 2.768   -15.187 8.103   1.00 50.03 ? 41  LEU A CG  1 
ATOM   294  C CD1 . LEU A 1 41  ? 4.108   -15.134 7.396   1.00 50.18 ? 41  LEU A CD1 1 
ATOM   295  C CD2 . LEU A 1 41  ? 2.007   -13.899 7.877   1.00 51.14 ? 41  LEU A CD2 1 
ATOM   296  N N   . ALA A 1 42  ? -0.771  -16.237 6.094   1.00 50.57 ? 42  ALA A N   1 
ATOM   297  C CA  . ALA A 1 42  ? -1.717  -15.567 5.207   1.00 49.32 ? 42  ALA A CA  1 
ATOM   298  C C   . ALA A 1 42  ? -2.976  -15.193 6.014   1.00 49.71 ? 42  ALA A C   1 
ATOM   299  O O   . ALA A 1 42  ? -3.566  -14.117 5.830   1.00 48.74 ? 42  ALA A O   1 
ATOM   300  C CB  . ALA A 1 42  ? -2.069  -16.490 4.046   1.00 48.31 ? 42  ALA A CB  1 
ATOM   301  N N   . MET A 1 43  ? -3.362  -16.084 6.930   1.00 50.60 ? 43  MET A N   1 
ATOM   302  C CA  . MET A 1 43  ? -4.532  -15.879 7.799   1.00 52.10 ? 43  MET A CA  1 
ATOM   303  C C   . MET A 1 43  ? -4.310  -14.765 8.828   1.00 53.55 ? 43  MET A C   1 
ATOM   304  O O   . MET A 1 43  ? -5.232  -13.966 9.119   1.00 53.90 ? 43  MET A O   1 
ATOM   305  C CB  . MET A 1 43  ? -4.895  -17.174 8.534   1.00 51.14 ? 43  MET A CB  1 
ATOM   306  C CG  . MET A 1 43  ? -5.590  -18.228 7.663   1.00 50.97 ? 43  MET A CG  1 
ATOM   307  S SD  . MET A 1 43  ? -7.267  -17.715 7.071   1.00 51.66 ? 43  MET A SD  1 
ATOM   308  C CE  . MET A 1 43  ? -7.770  -16.311 8.286   1.00 47.75 ? 43  MET A CE  1 
ATOM   309  N N   . ALA A 1 44  ? -3.109  -14.716 9.398   1.00 55.46 ? 44  ALA A N   1 
ATOM   310  C CA  . ALA A 1 44  ? -2.806  -13.668 10.360  1.00 57.14 ? 44  ALA A CA  1 
ATOM   311  C C   . ALA A 1 44  ? -3.176  -12.342 9.688   1.00 57.83 ? 44  ALA A C   1 
ATOM   312  O O   . ALA A 1 44  ? -3.768  -11.448 10.302  1.00 57.79 ? 44  ALA A O   1 
ATOM   313  C CB  . ALA A 1 44  ? -1.321  -13.691 10.700  1.00 56.75 ? 44  ALA A CB  1 
ATOM   314  N N   . VAL A 1 45  ? -2.842  -12.259 8.404   1.00 58.55 ? 45  VAL A N   1 
ATOM   315  C CA  . VAL A 1 45  ? -3.088  -11.079 7.588   1.00 59.53 ? 45  VAL A CA  1 
ATOM   316  C C   . VAL A 1 45  ? -4.573  -10.751 7.406   1.00 60.85 ? 45  VAL A C   1 
ATOM   317  O O   . VAL A 1 45  ? -4.993  -9.590  7.534   1.00 61.12 ? 45  VAL A O   1 
ATOM   318  C CB  . VAL A 1 45  ? -2.434  -11.255 6.201   1.00 59.11 ? 45  VAL A CB  1 
ATOM   319  C CG1 . VAL A 1 45  ? -2.716  -10.036 5.340   1.00 58.58 ? 45  VAL A CG1 1 
ATOM   320  C CG2 . VAL A 1 45  ? -0.926  -11.484 6.360   1.00 57.30 ? 45  VAL A CG2 1 
ATOM   321  N N   . ILE A 1 46  ? -5.360  -11.779 7.106   1.00 61.37 ? 46  ILE A N   1 
ATOM   322  C CA  . ILE A 1 46  ? -6.790  -11.614 6.899   1.00 61.49 ? 46  ILE A CA  1 
ATOM   323  C C   . ILE A 1 46  ? -7.491  -11.239 8.206   1.00 63.80 ? 46  ILE A C   1 
ATOM   324  O O   . ILE A 1 46  ? -8.073  -10.161 8.334   1.00 64.38 ? 46  ILE A O   1 
ATOM   325  C CB  . ILE A 1 46  ? -7.390  -12.914 6.364   1.00 58.90 ? 46  ILE A CB  1 
ATOM   326  C CG1 . ILE A 1 46  ? -6.426  -13.539 5.368   1.00 57.39 ? 46  ILE A CG1 1 
ATOM   327  C CG2 . ILE A 1 46  ? -8.705  -12.640 5.677   1.00 58.76 ? 46  ILE A CG2 1 
ATOM   328  C CD1 . ILE A 1 46  ? -6.885  -14.852 4.845   1.00 56.48 ? 46  ILE A CD1 1 
ATOM   329  N N   . ASP A 1 47  ? -7.406  -12.140 9.175   1.00 65.50 ? 47  ASP A N   1 
ATOM   330  C CA  . ASP A 1 47  ? -8.034  -11.969 10.477  1.00 68.22 ? 47  ASP A CA  1 
ATOM   331  C C   . ASP A 1 47  ? -7.741  -10.654 11.168  1.00 69.27 ? 47  ASP A C   1 
ATOM   332  O O   . ASP A 1 47  ? -8.586  -10.119 11.885  1.00 70.17 ? 47  ASP A O   1 
ATOM   333  C CB  . ASP A 1 47  ? -7.620  -13.124 11.376  1.00 68.77 ? 47  ASP A CB  1 
ATOM   334  C CG  . ASP A 1 47  ? -8.019  -14.469 10.798  1.00 69.96 ? 47  ASP A CG  1 
ATOM   335  O OD1 . ASP A 1 47  ? -7.249  -15.437 10.973  1.00 70.52 ? 47  ASP A OD1 1 
ATOM   336  O OD2 . ASP A 1 47  ? -9.104  -14.560 10.171  1.00 69.05 ? 47  ASP A OD2 1 
ATOM   337  N N   . GLY A 1 48  ? -6.547  -10.130 10.955  1.00 69.92 ? 48  GLY A N   1 
ATOM   338  C CA  . GLY A 1 48  ? -6.201  -8.885  11.600  1.00 71.66 ? 48  GLY A CA  1 
ATOM   339  C C   . GLY A 1 48  ? -6.299  -7.656  10.720  1.00 73.13 ? 48  GLY A C   1 
ATOM   340  O O   . GLY A 1 48  ? -5.510  -6.723  10.894  1.00 74.53 ? 48  GLY A O   1 
ATOM   341  N N   . ASP A 1 49  ? -7.248  -7.621  9.786   1.00 72.95 ? 49  ASP A N   1 
ATOM   342  C CA  . ASP A 1 49  ? -7.351  -6.440  8.930   1.00 73.11 ? 49  ASP A CA  1 
ATOM   343  C C   . ASP A 1 49  ? -8.506  -5.506  9.252   1.00 73.06 ? 49  ASP A C   1 
ATOM   344  O O   . ASP A 1 49  ? -8.325  -4.284  9.251   1.00 73.26 ? 49  ASP A O   1 
ATOM   345  C CB  . ASP A 1 49  ? -7.428  -6.817  7.448   1.00 73.55 ? 49  ASP A CB  1 
ATOM   346  C CG  . ASP A 1 49  ? -7.455  -5.582  6.537   1.00 73.68 ? 49  ASP A CG  1 
ATOM   347  O OD1 . ASP A 1 49  ? -8.489  -4.876  6.496   1.00 72.58 ? 49  ASP A OD1 1 
ATOM   348  O OD2 . ASP A 1 49  ? -6.429  -5.311  5.870   1.00 74.91 ? 49  ASP A OD2 1 
ATOM   349  N N   . GLY A 1 50  ? -9.690  -6.060  9.507   1.00 71.87 ? 50  GLY A N   1 
ATOM   350  C CA  . GLY A 1 50  ? -10.824 -5.210  9.825   1.00 69.74 ? 50  GLY A CA  1 
ATOM   351  C C   . GLY A 1 50  ? -10.416 -4.151  10.836  1.00 68.10 ? 50  GLY A C   1 
ATOM   352  O O   . GLY A 1 50  ? -11.087 -3.130  10.996  1.00 68.24 ? 50  GLY A O   1 
ATOM   353  N N   . SER A 1 51  ? -9.297  -4.403  11.514  1.00 66.14 ? 51  SER A N   1 
ATOM   354  C CA  . SER A 1 51  ? -8.758  -3.501  12.523  1.00 64.43 ? 51  SER A CA  1 
ATOM   355  C C   . SER A 1 51  ? -8.382  -2.132  11.944  1.00 63.54 ? 51  SER A C   1 
ATOM   356  O O   . SER A 1 51  ? -8.584  -1.103  12.597  1.00 63.16 ? 51  SER A O   1 
ATOM   357  C CB  . SER A 1 51  ? -7.535  -4.140  13.185  1.00 64.02 ? 51  SER A CB  1 
ATOM   358  O OG  . SER A 1 51  ? -7.180  -3.441  14.365  1.00 63.62 ? 51  SER A OG  1 
ATOM   359  N N   . ILE A 1 52  ? -7.835  -2.124  10.726  1.00 61.43 ? 52  ILE A N   1 
ATOM   360  C CA  . ILE A 1 52  ? -7.443  -0.878  10.059  1.00 59.15 ? 52  ILE A CA  1 
ATOM   361  C C   . ILE A 1 52  ? -8.669  -0.163  9.493   1.00 57.99 ? 52  ILE A C   1 
ATOM   362  O O   . ILE A 1 52  ? -8.707  1.069   9.430   1.00 57.56 ? 52  ILE A O   1 
ATOM   363  C CB  . ILE A 1 52  ? -6.425  -1.145  8.932   1.00 58.24 ? 52  ILE A CB  1 
ATOM   364  C CG1 . ILE A 1 52  ? -5.163  -1.754  9.536   1.00 58.46 ? 52  ILE A CG1 1 
ATOM   365  C CG2 . ILE A 1 52  ? -6.068  0.150   8.213   1.00 57.40 ? 52  ILE A CG2 1 
ATOM   366  C CD1 . ILE A 1 52  ? -4.135  -2.164  8.517   1.00 58.35 ? 52  ILE A CD1 1 
ATOM   367  N N   . ASP A 1 53  ? -9.671  -0.928  9.075   1.00 56.92 ? 53  ASP A N   1 
ATOM   368  C CA  . ASP A 1 53  ? -10.887 -0.313  8.571   1.00 56.34 ? 53  ASP A CA  1 
ATOM   369  C C   . ASP A 1 53  ? -11.408 0.490   9.756   1.00 56.24 ? 53  ASP A C   1 
ATOM   370  O O   . ASP A 1 53  ? -12.035 1.539   9.588   1.00 56.95 ? 53  ASP A O   1 
ATOM   371  C CB  . ASP A 1 53  ? -11.932 -1.367  8.188   1.00 57.71 ? 53  ASP A CB  1 
ATOM   372  C CG  . ASP A 1 53  ? -11.561 -2.156  6.942   1.00 59.97 ? 53  ASP A CG  1 
ATOM   373  O OD1 . ASP A 1 53  ? -12.418 -2.947  6.485   1.00 60.69 ? 53  ASP A OD1 1 
ATOM   374  O OD2 . ASP A 1 53  ? -10.430 -1.998  6.421   1.00 61.54 ? 53  ASP A OD2 1 
ATOM   375  N N   . ALA A 1 54  ? -11.132 -0.025  10.958  1.00 55.37 ? 54  ALA A N   1 
ATOM   376  C CA  . ALA A 1 54  ? -11.553 0.602   12.214  1.00 53.96 ? 54  ALA A CA  1 
ATOM   377  C C   . ALA A 1 54  ? -10.880 1.958   12.386  1.00 52.57 ? 54  ALA A C   1 
ATOM   378  O O   . ALA A 1 54  ? -11.543 2.967   12.663  1.00 52.22 ? 54  ALA A O   1 
ATOM   379  C CB  . ALA A 1 54  ? -11.220 -0.310  13.406  1.00 53.78 ? 54  ALA A CB  1 
ATOM   380  N N   . LEU A 1 55  ? -9.561  1.973   12.216  1.00 50.38 ? 55  LEU A N   1 
ATOM   381  C CA  . LEU A 1 55  ? -8.810  3.206   12.334  1.00 48.42 ? 55  LEU A CA  1 
ATOM   382  C C   . LEU A 1 55  ? -9.256  4.236   11.306  1.00 47.34 ? 55  LEU A C   1 
ATOM   383  O O   . LEU A 1 55  ? -9.355  5.420   11.629  1.00 47.56 ? 55  LEU A O   1 
ATOM   384  C CB  . LEU A 1 55  ? -7.312  2.955   12.176  1.00 48.87 ? 55  LEU A CB  1 
ATOM   385  C CG  . LEU A 1 55  ? -6.570  2.281   13.331  1.00 48.88 ? 55  LEU A CG  1 
ATOM   386  C CD1 . LEU A 1 55  ? -6.760  0.773   13.252  1.00 48.13 ? 55  LEU A CD1 1 
ATOM   387  C CD2 . LEU A 1 55  ? -5.083  2.643   13.257  1.00 49.74 ? 55  LEU A CD2 1 
ATOM   388  N N   . GLU A 1 56  ? -9.531  3.815   10.075  1.00 45.51 ? 56  GLU A N   1 
ATOM   389  C CA  . GLU A 1 56  ? -9.951  4.802   9.101   1.00 45.04 ? 56  GLU A CA  1 
ATOM   390  C C   . GLU A 1 56  ? -11.218 5.501   9.536   1.00 45.95 ? 56  GLU A C   1 
ATOM   391  O O   . GLU A 1 56  ? -11.346 6.711   9.359   1.00 47.49 ? 56  GLU A O   1 
ATOM   392  C CB  . GLU A 1 56  ? -10.198 4.210   7.720   1.00 43.54 ? 56  GLU A CB  1 
ATOM   393  C CG  . GLU A 1 56  ? -10.705 5.299   6.756   1.00 43.36 ? 56  GLU A CG  1 
ATOM   394  C CD  . GLU A 1 56  ? -10.964 4.824   5.328   1.00 43.86 ? 56  GLU A CD  1 
ATOM   395  O OE1 . GLU A 1 56  ? -11.238 5.691   4.457   1.00 44.47 ? 56  GLU A OE1 1 
ATOM   396  O OE2 . GLU A 1 56  ? -10.900 3.599   5.076   1.00 43.50 ? 56  GLU A OE2 1 
ATOM   397  N N   . GLU A 1 57  ? -12.168 4.754   10.090  1.00 46.18 ? 57  GLU A N   1 
ATOM   398  C CA  . GLU A 1 57  ? -13.406 5.388   10.515  1.00 47.16 ? 57  GLU A CA  1 
ATOM   399  C C   . GLU A 1 57  ? -13.039 6.430   11.559  1.00 46.85 ? 57  GLU A C   1 
ATOM   400  O O   . GLU A 1 57  ? -13.471 7.581   11.488  1.00 47.79 ? 57  GLU A O   1 
ATOM   401  C CB  . GLU A 1 57  ? -14.382 4.356   11.094  1.00 49.55 ? 57  GLU A CB  1 
ATOM   402  C CG  . GLU A 1 57  ? -15.752 4.942   11.493  1.00 53.55 ? 57  GLU A CG  1 
ATOM   403  C CD  . GLU A 1 57  ? -16.913 3.942   11.358  1.00 57.08 ? 57  GLU A CD  1 
ATOM   404  O OE1 . GLU A 1 57  ? -17.248 3.568   10.210  1.00 58.89 ? 57  GLU A OE1 1 
ATOM   405  O OE2 . GLU A 1 57  ? -17.494 3.528   12.391  1.00 57.89 ? 57  GLU A OE2 1 
ATOM   406  N N   . GLU A 1 58  ? -12.212 6.023   12.517  1.00 45.56 ? 58  GLU A N   1 
ATOM   407  C CA  . GLU A 1 58  ? -11.780 6.913   13.578  1.00 44.01 ? 58  GLU A CA  1 
ATOM   408  C C   . GLU A 1 58  ? -11.230 8.204   13.019  1.00 42.45 ? 58  GLU A C   1 
ATOM   409  O O   . GLU A 1 58  ? -11.562 9.296   13.482  1.00 42.68 ? 58  GLU A O   1 
ATOM   410  C CB  . GLU A 1 58  ? -10.699 6.244   14.413  1.00 44.97 ? 58  GLU A CB  1 
ATOM   411  C CG  . GLU A 1 58  ? -11.211 5.234   15.402  1.00 47.35 ? 58  GLU A CG  1 
ATOM   412  C CD  . GLU A 1 58  ? -10.141 4.825   16.398  1.00 49.07 ? 58  GLU A CD  1 
ATOM   413  O OE1 . GLU A 1 58  ? -9.353  5.707   16.813  1.00 49.95 ? 58  GLU A OE1 1 
ATOM   414  O OE2 . GLU A 1 58  ? -10.099 3.635   16.776  1.00 49.00 ? 58  GLU A OE2 1 
ATOM   415  N N   . VAL A 1 59  ? -10.377 8.064   12.018  1.00 40.14 ? 59  VAL A N   1 
ATOM   416  C CA  . VAL A 1 59  ? -9.754  9.208   11.401  1.00 39.63 ? 59  VAL A CA  1 
ATOM   417  C C   . VAL A 1 59  ? -10.720 10.122  10.659  1.00 40.07 ? 59  VAL A C   1 
ATOM   418  O O   . VAL A 1 59  ? -10.451 11.309  10.507  1.00 39.88 ? 59  VAL A O   1 
ATOM   419  C CB  . VAL A 1 59  ? -8.626  8.757   10.468  1.00 38.59 ? 59  VAL A CB  1 
ATOM   420  C CG1 . VAL A 1 59  ? -8.091  9.928   9.677   1.00 39.14 ? 59  VAL A CG1 1 
ATOM   421  C CG2 . VAL A 1 59  ? -7.511  8.164   11.293  1.00 38.09 ? 59  VAL A CG2 1 
ATOM   422  N N   . ASN A 1 60  ? -11.844 9.591   10.199  1.00 40.57 ? 60  ASN A N   1 
ATOM   423  C CA  . ASN A 1 60  ? -12.805 10.437  9.502   1.00 42.67 ? 60  ASN A CA  1 
ATOM   424  C C   . ASN A 1 60  ? -13.688 11.138  10.522  1.00 44.12 ? 60  ASN A C   1 
ATOM   425  O O   . ASN A 1 60  ? -13.953 12.336  10.410  1.00 44.52 ? 60  ASN A O   1 
ATOM   426  C CB  . ASN A 1 60  ? -13.649 9.612   8.522   1.00 43.37 ? 60  ASN A CB  1 
ATOM   427  C CG  . ASN A 1 60  ? -12.936 9.390   7.180   1.00 45.00 ? 60  ASN A CG  1 
ATOM   428  O OD1 . ASN A 1 60  ? -11.772 8.966   7.132   1.00 45.31 ? 60  ASN A OD1 1 
ATOM   429  N ND2 . ASN A 1 60  ? -13.640 9.677   6.082   1.00 45.71 ? 60  ASN A ND2 1 
ATOM   430  N N   . ASP A 1 61  ? -14.125 10.385  11.526  1.00 44.71 ? 61  ASP A N   1 
ATOM   431  C CA  . ASP A 1 61  ? -14.957 10.928  12.591  1.00 45.19 ? 61  ASP A CA  1 
ATOM   432  C C   . ASP A 1 61  ? -14.207 12.053  13.291  1.00 45.43 ? 61  ASP A C   1 
ATOM   433  O O   . ASP A 1 61  ? -14.744 13.140  13.505  1.00 45.98 ? 61  ASP A O   1 
ATOM   434  C CB  . ASP A 1 61  ? -15.288 9.838   13.609  1.00 46.73 ? 61  ASP A CB  1 
ATOM   435  C CG  . ASP A 1 61  ? -16.251 8.801   13.062  1.00 49.34 ? 61  ASP A CG  1 
ATOM   436  O OD1 . ASP A 1 61  ? -16.232 7.659   13.574  1.00 49.67 ? 61  ASP A OD1 1 
ATOM   437  O OD2 . ASP A 1 61  ? -17.030 9.125   12.132  1.00 50.63 ? 61  ASP A OD2 1 
ATOM   438  N N   . PHE A 1 62  ? -12.957 11.785  13.649  1.00 45.35 ? 62  PHE A N   1 
ATOM   439  C CA  . PHE A 1 62  ? -12.140 12.775  14.326  1.00 44.16 ? 62  PHE A CA  1 
ATOM   440  C C   . PHE A 1 62  ? -11.961 14.025  13.467  1.00 42.06 ? 62  PHE A C   1 
ATOM   441  O O   . PHE A 1 62  ? -12.287 15.127  13.898  1.00 41.83 ? 62  PHE A O   1 
ATOM   442  C CB  . PHE A 1 62  ? -10.786 12.161  14.695  1.00 46.63 ? 62  PHE A CB  1 
ATOM   443  C CG  . PHE A 1 62  ? -9.912  13.068  15.506  1.00 47.58 ? 62  PHE A CG  1 
ATOM   444  C CD1 . PHE A 1 62  ? -10.429 13.764  16.592  1.00 47.89 ? 62  PHE A CD1 1 
ATOM   445  C CD2 . PHE A 1 62  ? -8.574  13.251  15.170  1.00 49.93 ? 62  PHE A CD2 1 
ATOM   446  C CE1 . PHE A 1 62  ? -9.628  14.640  17.332  1.00 48.70 ? 62  PHE A CE1 1 
ATOM   447  C CE2 . PHE A 1 62  ? -7.759  14.127  15.908  1.00 49.92 ? 62  PHE A CE2 1 
ATOM   448  C CZ  . PHE A 1 62  ? -8.291  14.823  16.989  1.00 48.56 ? 62  PHE A CZ  1 
ATOM   449  N N   . ALA A 1 63  ? -11.467 13.859  12.247  1.00 40.56 ? 63  ALA A N   1 
ATOM   450  C CA  . ALA A 1 63  ? -11.266 15.008  11.356  1.00 39.69 ? 63  ALA A CA  1 
ATOM   451  C C   . ALA A 1 63  ? -12.549 15.797  11.084  1.00 38.31 ? 63  ALA A C   1 
ATOM   452  O O   . ALA A 1 63  ? -12.573 17.009  11.234  1.00 38.90 ? 63  ALA A O   1 
ATOM   453  C CB  . ALA A 1 63  ? -10.647 14.549  10.034  1.00 38.61 ? 63  ALA A CB  1 
ATOM   454  N N   . LEU A 1 64  ? -13.602 15.106  10.674  1.00 38.98 ? 64  LEU A N   1 
ATOM   455  C CA  . LEU A 1 64  ? -14.892 15.736  10.387  1.00 39.59 ? 64  LEU A CA  1 
ATOM   456  C C   . LEU A 1 64  ? -15.356 16.565  11.563  1.00 39.70 ? 64  LEU A C   1 
ATOM   457  O O   . LEU A 1 64  ? -16.000 17.600  11.415  1.00 38.86 ? 64  LEU A O   1 
ATOM   458  C CB  . LEU A 1 64  ? -15.936 14.666  10.113  1.00 39.72 ? 64  LEU A CB  1 
ATOM   459  C CG  . LEU A 1 64  ? -15.855 13.935  8.774   1.00 40.66 ? 64  LEU A CG  1 
ATOM   460  C CD1 . LEU A 1 64  ? -16.376 12.510  8.909   1.00 40.52 ? 64  LEU A CD1 1 
ATOM   461  C CD2 . LEU A 1 64  ? -16.664 14.717  7.754   1.00 41.76 ? 64  LEU A CD2 1 
ATOM   462  N N   . TRP A 1 65  ? -15.028 16.076  12.743  1.00 40.43 ? 65  TRP A N   1 
ATOM   463  C CA  . TRP A 1 65  ? -15.389 16.743  13.967  1.00 42.30 ? 65  TRP A CA  1 
ATOM   464  C C   . TRP A 1 65  ? -14.683 18.090  14.044  1.00 43.17 ? 65  TRP A C   1 
ATOM   465  O O   . TRP A 1 65  ? -15.337 19.125  14.183  1.00 43.29 ? 65  TRP A O   1 
ATOM   466  C CB  . TRP A 1 65  ? -15.008 15.860  15.149  1.00 43.55 ? 65  TRP A CB  1 
ATOM   467  C CG  . TRP A 1 65  ? -15.118 16.536  16.459  1.00 45.96 ? 65  TRP A CG  1 
ATOM   468  C CD1 . TRP A 1 65  ? -16.223 17.136  16.989  1.00 47.23 ? 65  TRP A CD1 1 
ATOM   469  C CD2 . TRP A 1 65  ? -14.074 16.695  17.418  1.00 47.31 ? 65  TRP A CD2 1 
ATOM   470  N NE1 . TRP A 1 65  ? -15.929 17.662  18.225  1.00 46.28 ? 65  TRP A NE1 1 
ATOM   471  C CE2 . TRP A 1 65  ? -14.614 17.404  18.510  1.00 46.95 ? 65  TRP A CE2 1 
ATOM   472  C CE3 . TRP A 1 65  ? -12.729 16.307  17.460  1.00 47.13 ? 65  TRP A CE3 1 
ATOM   473  C CZ2 . TRP A 1 65  ? -13.856 17.732  19.630  1.00 47.09 ? 65  TRP A CZ2 1 
ATOM   474  C CZ3 . TRP A 1 65  ? -11.982 16.631  18.567  1.00 47.18 ? 65  TRP A CZ3 1 
ATOM   475  C CH2 . TRP A 1 65  ? -12.545 17.339  19.642  1.00 47.36 ? 65  TRP A CH2 1 
ATOM   476  N N   . LEU A 1 66  ? -13.354 18.069  13.949  1.00 42.54 ? 66  LEU A N   1 
ATOM   477  C CA  . LEU A 1 66  ? -12.556 19.287  13.993  1.00 41.57 ? 66  LEU A CA  1 
ATOM   478  C C   . LEU A 1 66  ? -13.072 20.272  12.967  1.00 42.82 ? 66  LEU A C   1 
ATOM   479  O O   . LEU A 1 66  ? -13.303 21.440  13.273  1.00 42.77 ? 66  LEU A O   1 
ATOM   480  C CB  . LEU A 1 66  ? -11.098 18.974  13.694  1.00 40.54 ? 66  LEU A CB  1 
ATOM   481  C CG  . LEU A 1 66  ? -10.438 18.082  14.742  1.00 41.88 ? 66  LEU A CG  1 
ATOM   482  C CD1 . LEU A 1 66  ? -9.067  17.587  14.284  1.00 40.07 ? 66  LEU A CD1 1 
ATOM   483  C CD2 . LEU A 1 66  ? -10.330 18.885  16.028  1.00 43.86 ? 66  LEU A CD2 1 
ATOM   484  N N   . ILE A 1 67  ? -13.269 19.791  11.744  1.00 45.28 ? 67  ILE A N   1 
ATOM   485  C CA  . ILE A 1 67  ? -13.754 20.636  10.654  1.00 47.08 ? 67  ILE A CA  1 
ATOM   486  C C   . ILE A 1 67  ? -15.078 21.279  10.988  1.00 49.34 ? 67  ILE A C   1 
ATOM   487  O O   . ILE A 1 67  ? -15.460 22.271  10.378  1.00 49.94 ? 67  ILE A O   1 
ATOM   488  C CB  . ILE A 1 67  ? -13.967 19.839  9.380   1.00 45.67 ? 67  ILE A CB  1 
ATOM   489  C CG1 . ILE A 1 67  ? -12.701 19.069  9.037   1.00 45.11 ? 67  ILE A CG1 1 
ATOM   490  C CG2 . ILE A 1 67  ? -14.361 20.777  8.253   1.00 45.55 ? 67  ILE A CG2 1 
ATOM   491  C CD1 . ILE A 1 67  ? -12.889 18.109  7.902   1.00 46.10 ? 67  ILE A CD1 1 
ATOM   492  N N   . ALA A 1 68  ? -15.781 20.701  11.952  1.00 52.15 ? 68  ALA A N   1 
ATOM   493  C CA  . ALA A 1 68  ? -17.078 21.220  12.347  1.00 54.96 ? 68  ALA A CA  1 
ATOM   494  C C   . ALA A 1 68  ? -17.109 21.824  13.757  1.00 57.13 ? 68  ALA A C   1 
ATOM   495  O O   . ALA A 1 68  ? -18.039 22.559  14.098  1.00 57.77 ? 68  ALA A O   1 
ATOM   496  C CB  . ALA A 1 68  ? -18.116 20.120  12.231  1.00 54.91 ? 68  ALA A CB  1 
ATOM   497  N N   . ALA A 1 69  ? -16.092 21.533  14.567  1.00 58.81 ? 69  ALA A N   1 
ATOM   498  C CA  . ALA A 1 69  ? -16.045 22.038  15.940  1.00 59.41 ? 69  ALA A CA  1 
ATOM   499  C C   . ALA A 1 69  ? -14.997 23.128  16.195  1.00 59.74 ? 69  ALA A C   1 
ATOM   500  O O   . ALA A 1 69  ? -15.350 24.296  16.356  1.00 59.77 ? 69  ALA A O   1 
ATOM   501  C CB  . ALA A 1 69  ? -15.841 20.866  16.918  1.00 58.97 ? 69  ALA A CB  1 
ATOM   502  N N   . GLN A 1 70  ? -13.720 22.748  16.230  1.00 60.50 ? 70  GLN A N   1 
ATOM   503  C CA  . GLN A 1 70  ? -12.636 23.701  16.487  1.00 60.96 ? 70  GLN A CA  1 
ATOM   504  C C   . GLN A 1 70  ? -12.349 24.723  15.377  1.00 60.46 ? 70  GLN A C   1 
ATOM   505  O O   . GLN A 1 70  ? -11.408 25.515  15.490  1.00 60.62 ? 70  GLN A O   1 
ATOM   506  C CB  . GLN A 1 70  ? -11.349 22.948  16.847  1.00 62.53 ? 70  GLN A CB  1 
ATOM   507  C CG  . GLN A 1 70  ? -11.461 22.149  18.147  1.00 65.81 ? 70  GLN A CG  1 
ATOM   508  C CD  . GLN A 1 70  ? -10.111 21.853  18.790  1.00 67.44 ? 70  GLN A CD  1 
ATOM   509  O OE1 . GLN A 1 70  ? -9.320  22.761  19.068  1.00 67.32 ? 70  GLN A OE1 1 
ATOM   510  N NE2 . GLN A 1 70  ? -9.845  20.576  19.036  1.00 68.70 ? 70  GLN A NE2 1 
ATOM   511  N N   . GLN A 1 71  ? -13.161 24.703  14.321  1.00 59.24 ? 71  GLN A N   1 
ATOM   512  C CA  . GLN A 1 71  ? -13.045 25.627  13.187  1.00 59.08 ? 71  GLN A CA  1 
ATOM   513  C C   . GLN A 1 71  ? -11.648 25.867  12.612  1.00 58.72 ? 71  GLN A C   1 
ATOM   514  O O   . GLN A 1 71  ? -11.150 26.992  12.626  1.00 58.03 ? 71  GLN A O   1 
ATOM   515  C CB  . GLN A 1 71  ? -13.667 26.970  13.566  1.00 60.52 ? 71  GLN A CB  1 
ATOM   516  C CG  . GLN A 1 71  ? -14.758 27.401  12.606  1.00 62.82 ? 71  GLN A CG  1 
ATOM   517  C CD  . GLN A 1 71  ? -15.881 26.375  12.499  1.00 63.94 ? 71  GLN A CD  1 
ATOM   518  O OE1 . GLN A 1 71  ? -15.707 25.205  12.862  1.00 65.09 ? 71  GLN A OE1 1 
ATOM   519  N NE2 . GLN A 1 71  ? -17.034 26.805  11.983  1.00 63.23 ? 71  GLN A NE2 1 
ATOM   520  N N   . PRO A 1 72  ? -11.020 24.816  12.056  1.00 59.03 ? 72  PRO A N   1 
ATOM   521  C CA  . PRO A 1 72  ? -9.675  24.874  11.467  1.00 59.12 ? 72  PRO A CA  1 
ATOM   522  C C   . PRO A 1 72  ? -9.458  26.024  10.484  1.00 59.18 ? 72  PRO A C   1 
ATOM   523  O O   . PRO A 1 72  ? -10.347 26.368  9.690   1.00 59.98 ? 72  PRO A O   1 
ATOM   524  C CB  . PRO A 1 72  ? -9.540  23.517  10.776  1.00 59.24 ? 72  PRO A CB  1 
ATOM   525  C CG  . PRO A 1 72  ? -10.426 22.630  11.581  1.00 58.83 ? 72  PRO A CG  1 
ATOM   526  C CD  . PRO A 1 72  ? -11.632 23.499  11.814  1.00 58.84 ? 72  PRO A CD  1 
ATOM   527  N N   . VAL A 1 73  ? -8.273  26.618  10.532  1.00 57.98 ? 73  VAL A N   1 
ATOM   528  C CA  . VAL A 1 73  ? -7.983  27.700  9.612   1.00 57.10 ? 73  VAL A CA  1 
ATOM   529  C C   . VAL A 1 73  ? -7.300  27.110  8.374   1.00 55.53 ? 73  VAL A C   1 
ATOM   530  O O   . VAL A 1 73  ? -6.527  26.157  8.481   1.00 54.72 ? 73  VAL A O   1 
ATOM   531  C CB  . VAL A 1 73  ? -7.091  28.787  10.270  1.00 57.64 ? 73  VAL A CB  1 
ATOM   532  C CG1 . VAL A 1 73  ? -5.711  28.224  10.609  1.00 56.98 ? 73  VAL A CG1 1 
ATOM   533  C CG2 . VAL A 1 73  ? -6.996  29.989  9.335   1.00 58.82 ? 73  VAL A CG2 1 
ATOM   534  N N   . ALA A 1 74  ? -7.616  27.669  7.207   1.00 54.07 ? 74  ALA A N   1 
ATOM   535  C CA  . ALA A 1 74  ? -7.070  27.219  5.925   1.00 52.37 ? 74  ALA A CA  1 
ATOM   536  C C   . ALA A 1 74  ? -5.976  26.148  5.978   1.00 50.19 ? 74  ALA A C   1 
ATOM   537  O O   . ALA A 1 74  ? -6.209  24.995  5.623   1.00 49.54 ? 74  ALA A O   1 
ATOM   538  C CB  . ALA A 1 74  ? -6.564  28.415  5.143   1.00 53.87 ? 74  ALA A CB  1 
ATOM   539  N N   . THR A 1 75  ? -4.786  26.539  6.420   1.00 48.56 ? 75  THR A N   1 
ATOM   540  C CA  . THR A 1 75  ? -3.634  25.629  6.504   1.00 47.59 ? 75  THR A CA  1 
ATOM   541  C C   . THR A 1 75  ? -3.915  24.331  7.278   1.00 46.35 ? 75  THR A C   1 
ATOM   542  O O   . THR A 1 75  ? -3.583  23.237  6.820   1.00 45.59 ? 75  THR A O   1 
ATOM   543  C CB  . THR A 1 75  ? -2.393  26.343  7.159   1.00 46.93 ? 75  THR A CB  1 
ATOM   544  O OG1 . THR A 1 75  ? -2.219  27.647  6.585   1.00 44.86 ? 75  THR A OG1 1 
ATOM   545  C CG2 . THR A 1 75  ? -1.115  25.531  6.930   1.00 45.30 ? 75  THR A CG2 1 
ATOM   546  N N   . ASP A 1 76  ? -4.515  24.465  8.453   1.00 45.57 ? 76  ASP A N   1 
ATOM   547  C CA  . ASP A 1 76  ? -4.831  23.325  9.292   1.00 45.17 ? 76  ASP A CA  1 
ATOM   548  C C   . ASP A 1 76  ? -5.893  22.502  8.622   1.00 44.77 ? 76  ASP A C   1 
ATOM   549  O O   . ASP A 1 76  ? -5.933  21.279  8.761   1.00 44.55 ? 76  ASP A O   1 
ATOM   550  C CB  . ASP A 1 76  ? -5.351  23.801  10.638  1.00 46.90 ? 76  ASP A CB  1 
ATOM   551  C CG  . ASP A 1 76  ? -4.268  24.429  11.498  1.00 48.74 ? 76  ASP A CG  1 
ATOM   552  O OD1 . ASP A 1 76  ? -4.628  25.279  12.339  1.00 50.64 ? 76  ASP A OD1 1 
ATOM   553  O OD2 . ASP A 1 76  ? -3.076  24.067  11.352  1.00 48.31 ? 76  ASP A OD2 1 
ATOM   554  N N   . LEU A 1 77  ? -6.754  23.194  7.887   1.00 44.27 ? 77  LEU A N   1 
ATOM   555  C CA  . LEU A 1 77  ? -7.854  22.565  7.184   1.00 44.34 ? 77  LEU A CA  1 
ATOM   556  C C   . LEU A 1 77  ? -7.382  21.661  6.039   1.00 45.33 ? 77  LEU A C   1 
ATOM   557  O O   . LEU A 1 77  ? -7.989  20.623  5.760   1.00 45.52 ? 77  LEU A O   1 
ATOM   558  C CB  . LEU A 1 77  ? -8.788  23.647  6.657   1.00 43.05 ? 77  LEU A CB  1 
ATOM   559  C CG  . LEU A 1 77  ? -10.259 23.274  6.480   1.00 43.88 ? 77  LEU A CG  1 
ATOM   560  C CD1 . LEU A 1 77  ? -10.845 22.762  7.787   1.00 44.14 ? 77  LEU A CD1 1 
ATOM   561  C CD2 . LEU A 1 77  ? -11.021 24.501  6.027   1.00 43.63 ? 77  LEU A CD2 1 
ATOM   562  N N   . ARG A 1 78  ? -6.297  22.050  5.383   1.00 45.67 ? 78  ARG A N   1 
ATOM   563  C CA  . ARG A 1 78  ? -5.763  21.268  4.280   1.00 45.06 ? 78  ARG A CA  1 
ATOM   564  C C   . ARG A 1 78  ? -5.125  20.005  4.838   1.00 44.80 ? 78  ARG A C   1 
ATOM   565  O O   . ARG A 1 78  ? -5.241  18.926  4.256   1.00 45.86 ? 78  ARG A O   1 
ATOM   566  C CB  . ARG A 1 78  ? -4.731  22.097  3.508   1.00 46.17 ? 78  ARG A CB  1 
ATOM   567  C CG  . ARG A 1 78  ? -4.955  22.133  1.999   1.00 48.71 ? 78  ARG A CG  1 
ATOM   568  C CD  . ARG A 1 78  ? -4.267  23.323  1.318   1.00 50.45 ? 78  ARG A CD  1 
ATOM   569  N NE  . ARG A 1 78  ? -4.993  24.587  1.506   1.00 53.86 ? 78  ARG A NE  1 
ATOM   570  C CZ  . ARG A 1 78  ? -4.662  25.547  2.379   1.00 54.61 ? 78  ARG A CZ  1 
ATOM   571  N NH1 . ARG A 1 78  ? -3.601  25.405  3.167   1.00 56.13 ? 78  ARG A NH1 1 
ATOM   572  N NH2 . ARG A 1 78  ? -5.388  26.660  2.462   1.00 54.00 ? 78  ARG A NH2 1 
ATOM   573  N N   . ARG A 1 79  ? -4.471  20.143  5.986   1.00 44.58 ? 79  ARG A N   1 
ATOM   574  C CA  . ARG A 1 79  ? -3.795  19.022  6.640   1.00 45.19 ? 79  ARG A CA  1 
ATOM   575  C C   . ARG A 1 79  ? -4.741  18.042  7.341   1.00 44.21 ? 79  ARG A C   1 
ATOM   576  O O   . ARG A 1 79  ? -4.352  16.940  7.725   1.00 43.28 ? 79  ARG A O   1 
ATOM   577  C CB  . ARG A 1 79  ? -2.730  19.573  7.602   1.00 47.78 ? 79  ARG A CB  1 
ATOM   578  C CG  . ARG A 1 79  ? -1.487  20.076  6.843   1.00 50.23 ? 79  ARG A CG  1 
ATOM   579  C CD  . ARG A 1 79  ? -0.748  21.241  7.500   1.00 52.15 ? 79  ARG A CD  1 
ATOM   580  N NE  . ARG A 1 79  ? 0.414   21.670  6.698   1.00 55.06 ? 79  ARG A NE  1 
ATOM   581  C CZ  . ARG A 1 79  ? 0.368   22.415  5.585   1.00 56.34 ? 79  ARG A CZ  1 
ATOM   582  N NH1 . ARG A 1 79  ? -0.787  22.855  5.095   1.00 57.42 ? 79  ARG A NH1 1 
ATOM   583  N NH2 . ARG A 1 79  ? 1.491   22.721  4.946   1.00 56.84 ? 79  ARG A NH2 1 
ATOM   584  N N   . ILE A 1 80  ? -5.987  18.459  7.510   1.00 43.11 ? 80  ILE A N   1 
ATOM   585  C CA  . ILE A 1 80  ? -6.989  17.602  8.107   1.00 42.18 ? 80  ILE A CA  1 
ATOM   586  C C   . ILE A 1 80  ? -7.626  16.862  6.931   1.00 42.11 ? 80  ILE A C   1 
ATOM   587  O O   . ILE A 1 80  ? -7.975  15.687  7.037   1.00 43.01 ? 80  ILE A O   1 
ATOM   588  C CB  . ILE A 1 80  ? -8.082  18.413  8.827   1.00 41.80 ? 80  ILE A CB  1 
ATOM   589  C CG1 . ILE A 1 80  ? -7.594  18.879  10.196  1.00 41.11 ? 80  ILE A CG1 1 
ATOM   590  C CG2 . ILE A 1 80  ? -9.325  17.572  8.998   1.00 41.47 ? 80  ILE A CG2 1 
ATOM   591  C CD1 . ILE A 1 80  ? -8.643  19.706  10.943  1.00 39.84 ? 80  ILE A CD1 1 
ATOM   592  N N   . VAL A 1 81  ? -7.774  17.555  5.805   1.00 39.44 ? 81  VAL A N   1 
ATOM   593  C CA  . VAL A 1 81  ? -8.369  16.952  4.624   1.00 36.15 ? 81  VAL A CA  1 
ATOM   594  C C   . VAL A 1 81  ? -7.430  15.915  4.043   1.00 36.35 ? 81  VAL A C   1 
ATOM   595  O O   . VAL A 1 81  ? -7.801  14.766  3.856   1.00 37.52 ? 81  VAL A O   1 
ATOM   596  C CB  . VAL A 1 81  ? -8.694  18.005  3.547   1.00 34.79 ? 81  VAL A CB  1 
ATOM   597  C CG1 . VAL A 1 81  ? -8.998  17.339  2.229   1.00 34.04 ? 81  VAL A CG1 1 
ATOM   598  C CG2 . VAL A 1 81  ? -9.892  18.804  3.967   1.00 32.60 ? 81  VAL A CG2 1 
ATOM   599  N N   . ALA A 1 82  ? -6.205  16.306  3.752   1.00 34.85 ? 82  ALA A N   1 
ATOM   600  C CA  . ALA A 1 82  ? -5.281  15.338  3.204   1.00 33.46 ? 82  ALA A CA  1 
ATOM   601  C C   . ALA A 1 82  ? -5.203  14.137  4.148   1.00 33.62 ? 82  ALA A C   1 
ATOM   602  O O   . ALA A 1 82  ? -4.922  13.013  3.718   1.00 35.19 ? 82  ALA A O   1 
ATOM   603  C CB  . ALA A 1 82  ? -3.917  15.964  3.040   1.00 33.30 ? 82  ALA A CB  1 
ATOM   604  N N   . ALA A 1 83  ? -5.468  14.376  5.431   1.00 32.90 ? 83  ALA A N   1 
ATOM   605  C CA  . ALA A 1 83  ? -5.407  13.321  6.445   1.00 31.91 ? 83  ALA A CA  1 
ATOM   606  C C   . ALA A 1 83  ? -6.445  12.237  6.183   1.00 31.98 ? 83  ALA A C   1 
ATOM   607  O O   . ALA A 1 83  ? -6.263  11.079  6.538   1.00 32.63 ? 83  ALA A O   1 
ATOM   608  C CB  . ALA A 1 83  ? -5.617  13.919  7.827   1.00 31.30 ? 83  ALA A CB  1 
ATOM   609  N N   . ILE A 1 84  ? -7.542  12.625  5.560   1.00 31.02 ? 84  ILE A N   1 
ATOM   610  C CA  . ILE A 1 84  ? -8.609  11.693  5.248   1.00 30.25 ? 84  ILE A CA  1 
ATOM   611  C C   . ILE A 1 84  ? -8.329  10.986  3.912   1.00 30.41 ? 84  ILE A C   1 
ATOM   612  O O   . ILE A 1 84  ? -8.579  9.790   3.758   1.00 30.55 ? 84  ILE A O   1 
ATOM   613  C CB  . ILE A 1 84  ? -9.972  12.450  5.178   1.00 30.34 ? 84  ILE A CB  1 
ATOM   614  C CG1 . ILE A 1 84  ? -10.275 13.100  6.532   1.00 29.25 ? 84  ILE A CG1 1 
ATOM   615  C CG2 . ILE A 1 84  ? -11.106 11.497  4.782   1.00 29.68 ? 84  ILE A CG2 1 
ATOM   616  C CD1 . ILE A 1 84  ? -11.510 13.992  6.519   1.00 29.26 ? 84  ILE A CD1 1 
ATOM   617  N N   . LYS A 1 85  ? -7.813  11.729  2.940   1.00 29.91 ? 85  LYS A N   1 
ATOM   618  C CA  . LYS A 1 85  ? -7.519  11.139  1.648   1.00 29.06 ? 85  LYS A CA  1 
ATOM   619  C C   . LYS A 1 85  ? -6.431  10.089  1.799   1.00 28.29 ? 85  LYS A C   1 
ATOM   620  O O   . LYS A 1 85  ? -6.500  9.013   1.197   1.00 28.30 ? 85  LYS A O   1 
ATOM   621  C CB  . LYS A 1 85  ? -7.058  12.208  0.664   1.00 28.90 ? 85  LYS A CB  1 
ATOM   622  C CG  . LYS A 1 85  ? -8.085  13.293  0.388   1.00 33.22 ? 85  LYS A CG  1 
ATOM   623  C CD  . LYS A 1 85  ? -7.564  14.236  -0.687  1.00 35.28 ? 85  LYS A CD  1 
ATOM   624  C CE  . LYS A 1 85  ? -8.547  15.347  -1.012  1.00 37.01 ? 85  LYS A CE  1 
ATOM   625  N NZ  . LYS A 1 85  ? -8.074  16.161  -2.181  1.00 39.32 ? 85  LYS A NZ  1 
ATOM   626  N N   . ILE A 1 86  ? -5.429  10.399  2.615   1.00 27.15 ? 86  ILE A N   1 
ATOM   627  C CA  . ILE A 1 86  ? -4.319  9.483   2.816   1.00 26.95 ? 86  ILE A CA  1 
ATOM   628  C C   . ILE A 1 86  ? -4.739  8.220   3.576   1.00 27.60 ? 86  ILE A C   1 
ATOM   629  O O   . ILE A 1 86  ? -4.271  7.116   3.278   1.00 25.81 ? 86  ILE A O   1 
ATOM   630  C CB  . ILE A 1 86  ? -3.168  10.204  3.548   1.00 26.05 ? 86  ILE A CB  1 
ATOM   631  C CG1 . ILE A 1 86  ? -2.664  11.363  2.689   1.00 23.80 ? 86  ILE A CG1 1 
ATOM   632  C CG2 . ILE A 1 86  ? -2.035  9.239   3.832   1.00 26.71 ? 86  ILE A CG2 1 
ATOM   633  C CD1 . ILE A 1 86  ? -1.401  12.018  3.225   1.00 23.97 ? 86  ILE A CD1 1 
ATOM   634  N N   . ALA A 1 87  ? -5.635  8.395   4.546   1.00 28.52 ? 87  ALA A N   1 
ATOM   635  C CA  . ALA A 1 87  ? -6.154  7.296   5.363   1.00 29.32 ? 87  ALA A CA  1 
ATOM   636  C C   . ALA A 1 87  ? -6.797  6.232   4.485   1.00 29.21 ? 87  ALA A C   1 
ATOM   637  O O   . ALA A 1 87  ? -6.655  5.029   4.746   1.00 30.53 ? 87  ALA A O   1 
ATOM   638  C CB  . ALA A 1 87  ? -7.183  7.827   6.375   1.00 28.66 ? 87  ALA A CB  1 
ATOM   639  N N   . SER A 1 88  ? -7.518  6.682   3.458   1.00 28.96 ? 88  SER A N   1 
ATOM   640  C CA  . SER A 1 88  ? -8.176  5.778   2.514   1.00 29.87 ? 88  SER A CA  1 
ATOM   641  C C   . SER A 1 88  ? -7.143  4.989   1.731   1.00 30.01 ? 88  SER A C   1 
ATOM   642  O O   . SER A 1 88  ? -7.263  3.778   1.582   1.00 29.96 ? 88  SER A O   1 
ATOM   643  C CB  . SER A 1 88  ? -9.037  6.560   1.530   1.00 29.44 ? 88  SER A CB  1 
ATOM   644  O OG  . SER A 1 88  ? -9.453  5.720   0.472   1.00 31.51 ? 88  SER A OG  1 
ATOM   645  N N   . ASP A 1 89  ? -6.137  5.693   1.223   1.00 31.02 ? 89  ASP A N   1 
ATOM   646  C CA  . ASP A 1 89  ? -5.075  5.064   0.464   1.00 30.88 ? 89  ASP A CA  1 
ATOM   647  C C   . ASP A 1 89  ? -4.383  4.047   1.353   1.00 31.02 ? 89  ASP A C   1 
ATOM   648  O O   . ASP A 1 89  ? -4.036  2.965   0.897   1.00 32.46 ? 89  ASP A O   1 
ATOM   649  C CB  . ASP A 1 89  ? -4.084  6.116   -0.029  1.00 31.66 ? 89  ASP A CB  1 
ATOM   650  C CG  . ASP A 1 89  ? -4.724  7.104   -0.984  1.00 33.70 ? 89  ASP A CG  1 
ATOM   651  O OD1 . ASP A 1 89  ? -5.324  6.648   -1.971  1.00 34.64 ? 89  ASP A OD1 1 
ATOM   652  O OD2 . ASP A 1 89  ? -4.631  8.329   -0.758  1.00 35.10 ? 89  ASP A OD2 1 
ATOM   653  N N   . ILE A 1 90  ? -4.184  4.373   2.624   1.00 29.97 ? 90  ILE A N   1 
ATOM   654  C CA  . ILE A 1 90  ? -3.547  3.405   3.505   1.00 30.62 ? 90  ILE A CA  1 
ATOM   655  C C   . ILE A 1 90  ? -4.464  2.194   3.628   1.00 31.49 ? 90  ILE A C   1 
ATOM   656  O O   . ILE A 1 90  ? -4.000  1.045   3.641   1.00 32.69 ? 90  ILE A O   1 
ATOM   657  C CB  . ILE A 1 90  ? -3.288  3.972   4.902   1.00 30.05 ? 90  ILE A CB  1 
ATOM   658  C CG1 . ILE A 1 90  ? -2.234  5.074   4.813   1.00 30.39 ? 90  ILE A CG1 1 
ATOM   659  C CG2 . ILE A 1 90  ? -2.810  2.860   5.826   1.00 30.30 ? 90  ILE A CG2 1 
ATOM   660  C CD1 . ILE A 1 90  ? -1.843  5.680   6.136   1.00 29.40 ? 90  ILE A CD1 1 
ATOM   661  N N   . GLU A 1 91  ? -5.769  2.467   3.701   1.00 31.56 ? 91  GLU A N   1 
ATOM   662  C CA  . GLU A 1 91  ? -6.791  1.425   3.801   1.00 30.71 ? 91  GLU A CA  1 
ATOM   663  C C   . GLU A 1 91  ? -6.785  0.500   2.580   1.00 29.47 ? 91  GLU A C   1 
ATOM   664  O O   . GLU A 1 91  ? -6.759  -0.719  2.718   1.00 30.26 ? 91  GLU A O   1 
ATOM   665  C CB  . GLU A 1 91  ? -8.178  2.059   3.940   1.00 31.15 ? 91  GLU A CB  1 
ATOM   666  C CG  . GLU A 1 91  ? -9.309  1.068   4.285   1.00 33.59 ? 91  GLU A CG  1 
ATOM   667  C CD  . GLU A 1 91  ? -9.754  0.172   3.121   1.00 36.89 ? 91  GLU A CD  1 
ATOM   668  O OE1 . GLU A 1 91  ? -9.700  -1.079  3.274   1.00 40.67 ? 91  GLU A OE1 1 
ATOM   669  O OE2 . GLU A 1 91  ? -10.170 0.715   2.069   1.00 34.83 ? 91  GLU A OE2 1 
ATOM   670  N N   . ARG A 1 92  ? -6.817  1.083   1.387   1.00 28.32 ? 92  ARG A N   1 
ATOM   671  C CA  . ARG A 1 92  ? -6.829  0.302   0.157   1.00 28.57 ? 92  ARG A CA  1 
ATOM   672  C C   . ARG A 1 92  ? -5.610  -0.591  0.042   1.00 28.69 ? 92  ARG A C   1 
ATOM   673  O O   . ARG A 1 92  ? -5.727  -1.766  -0.312  1.00 28.34 ? 92  ARG A O   1 
ATOM   674  C CB  . ARG A 1 92  ? -6.906  1.223   -1.068  1.00 27.99 ? 92  ARG A CB  1 
ATOM   675  C CG  . ARG A 1 92  ? -8.164  2.072   -1.115  1.00 29.72 ? 92  ARG A CG  1 
ATOM   676  C CD  . ARG A 1 92  ? -9.384  1.270   -0.649  1.00 31.79 ? 92  ARG A CD  1 
ATOM   677  N NE  . ARG A 1 92  ? -9.804  0.217   -1.578  1.00 31.89 ? 92  ARG A NE  1 
ATOM   678  C CZ  . ARG A 1 92  ? -10.415 -0.914  -1.209  1.00 34.24 ? 92  ARG A CZ  1 
ATOM   679  N NH1 . ARG A 1 92  ? -10.677 -1.163  0.083   1.00 32.40 ? 92  ARG A NH1 1 
ATOM   680  N NH2 . ARG A 1 92  ? -10.792 -1.795  -2.136  1.00 34.68 ? 92  ARG A NH2 1 
ATOM   681  N N   . ILE A 1 93  ? -4.447  -0.016  0.338   1.00 27.73 ? 93  ILE A N   1 
ATOM   682  C CA  . ILE A 1 93  ? -3.198  -0.740  0.279   1.00 27.22 ? 93  ILE A CA  1 
ATOM   683  C C   . ILE A 1 93  ? -3.314  -1.923  1.207   1.00 29.37 ? 93  ILE A C   1 
ATOM   684  O O   . ILE A 1 93  ? -3.030  -3.056  0.825   1.00 29.40 ? 93  ILE A O   1 
ATOM   685  C CB  . ILE A 1 93  ? -2.042  0.152   0.729   1.00 27.07 ? 93  ILE A CB  1 
ATOM   686  C CG1 . ILE A 1 93  ? -1.835  1.273   -0.298  1.00 26.55 ? 93  ILE A CG1 1 
ATOM   687  C CG2 . ILE A 1 93  ? -0.797  -0.678  0.940   1.00 22.65 ? 93  ILE A CG2 1 
ATOM   688  C CD1 . ILE A 1 93  ? -0.873  2.388   0.148   1.00 22.86 ? 93  ILE A CD1 1 
ATOM   689  N N   . ALA A 1 94  ? -3.757  -1.655  2.431   1.00 31.55 ? 94  ALA A N   1 
ATOM   690  C CA  . ALA A 1 94  ? -3.919  -2.707  3.437   1.00 33.24 ? 94  ALA A CA  1 
ATOM   691  C C   . ALA A 1 94  ? -4.833  -3.803  2.923   1.00 34.52 ? 94  ALA A C   1 
ATOM   692  O O   . ALA A 1 94  ? -4.646  -4.983  3.223   1.00 35.83 ? 94  ALA A O   1 
ATOM   693  C CB  . ALA A 1 94  ? -4.497  -2.124  4.714   1.00 32.80 ? 94  ALA A CB  1 
ATOM   694  N N   . ASP A 1 95  ? -5.824  -3.398  2.143   1.00 35.83 ? 95  ASP A N   1 
ATOM   695  C CA  . ASP A 1 95  ? -6.783  -4.330  1.598   1.00 36.22 ? 95  ASP A CA  1 
ATOM   696  C C   . ASP A 1 95  ? -6.137  -5.225  0.552   1.00 35.68 ? 95  ASP A C   1 
ATOM   697  O O   . ASP A 1 95  ? -6.424  -6.419  0.515   1.00 37.24 ? 95  ASP A O   1 
ATOM   698  C CB  . ASP A 1 95  ? -7.960  -3.564  0.998   1.00 39.37 ? 95  ASP A CB  1 
ATOM   699  C CG  . ASP A 1 95  ? -9.178  -4.449  0.769   1.00 42.92 ? 95  ASP A CG  1 
ATOM   700  O OD1 . ASP A 1 95  ? -9.658  -5.082  1.748   1.00 42.02 ? 95  ASP A OD1 1 
ATOM   701  O OD2 . ASP A 1 95  ? -9.653  -4.503  -0.396  1.00 45.93 ? 95  ASP A OD2 1 
ATOM   702  N N   . PHE A 1 96  ? -5.264  -4.666  -0.292  1.00 34.25 ? 96  PHE A N   1 
ATOM   703  C CA  . PHE A 1 96  ? -4.599  -5.469  -1.327  1.00 31.17 ? 96  PHE A CA  1 
ATOM   704  C C   . PHE A 1 96  ? -3.759  -6.507  -0.625  1.00 30.62 ? 96  PHE A C   1 
ATOM   705  O O   . PHE A 1 96  ? -3.570  -7.611  -1.124  1.00 29.64 ? 96  PHE A O   1 
ATOM   706  C CB  . PHE A 1 96  ? -3.661  -4.640  -2.205  1.00 30.13 ? 96  PHE A CB  1 
ATOM   707  C CG  . PHE A 1 96  ? -4.237  -3.330  -2.686  1.00 28.47 ? 96  PHE A CG  1 
ATOM   708  C CD1 . PHE A 1 96  ? -5.588  -3.200  -2.985  1.00 26.49 ? 96  PHE A CD1 1 
ATOM   709  C CD2 . PHE A 1 96  ? -3.399  -2.220  -2.865  1.00 28.08 ? 96  PHE A CD2 1 
ATOM   710  C CE1 . PHE A 1 96  ? -6.098  -1.983  -3.453  1.00 23.71 ? 96  PHE A CE1 1 
ATOM   711  C CE2 . PHE A 1 96  ? -3.897  -1.002  -3.335  1.00 26.39 ? 96  PHE A CE2 1 
ATOM   712  C CZ  . PHE A 1 96  ? -5.253  -0.888  -3.628  1.00 24.62 ? 96  PHE A CZ  1 
ATOM   713  N N   . ALA A 1 97  ? -3.244  -6.129  0.540   1.00 31.38 ? 97  ALA A N   1 
ATOM   714  C CA  . ALA A 1 97  ? -2.431  -7.034  1.338   1.00 33.68 ? 97  ALA A CA  1 
ATOM   715  C C   . ALA A 1 97  ? -3.306  -8.238  1.644   1.00 35.49 ? 97  ALA A C   1 
ATOM   716  O O   . ALA A 1 97  ? -2.952  -9.383  1.351   1.00 36.71 ? 97  ALA A O   1 
ATOM   717  C CB  . ALA A 1 97  ? -1.992  -6.357  2.627   1.00 31.54 ? 97  ALA A CB  1 
ATOM   718  N N   . VAL A 1 98  ? -4.462  -7.967  2.231   1.00 36.47 ? 98  VAL A N   1 
ATOM   719  C CA  . VAL A 1 98  ? -5.392  -9.028  2.557   1.00 36.51 ? 98  VAL A CA  1 
ATOM   720  C C   . VAL A 1 98  ? -5.644  -9.904  1.349   1.00 37.87 ? 98  VAL A C   1 
ATOM   721  O O   . VAL A 1 98  ? -5.882  -11.098 1.498   1.00 39.89 ? 98  VAL A O   1 
ATOM   722  C CB  . VAL A 1 98  ? -6.721  -8.451  3.037   1.00 35.20 ? 98  VAL A CB  1 
ATOM   723  C CG1 . VAL A 1 98  ? -7.807  -9.522  3.024   1.00 34.19 ? 98  VAL A CG1 1 
ATOM   724  C CG2 . VAL A 1 98  ? -6.540  -7.890  4.432   1.00 34.96 ? 98  VAL A CG2 1 
ATOM   725  N N   . ASN A 1 99  ? -5.575  -9.321  0.154   1.00 38.60 ? 99  ASN A N   1 
ATOM   726  C CA  . ASN A 1 99  ? -5.829  -10.077 -1.070  1.00 39.18 ? 99  ASN A CA  1 
ATOM   727  C C   . ASN A 1 99  ? -4.652  -10.880 -1.567  1.00 39.25 ? 99  ASN A C   1 
ATOM   728  O O   . ASN A 1 99  ? -4.833  -11.945 -2.166  1.00 40.55 ? 99  ASN A O   1 
ATOM   729  C CB  . ASN A 1 99  ? -6.305  -9.151  -2.174  1.00 40.17 ? 99  ASN A CB  1 
ATOM   730  C CG  . ASN A 1 99  ? -7.715  -8.686  -1.954  1.00 42.59 ? 99  ASN A CG  1 
ATOM   731  O OD1 . ASN A 1 99  ? -8.102  -7.620  -2.419  1.00 46.05 ? 99  ASN A OD1 1 
ATOM   732  N ND2 . ASN A 1 99  ? -8.502  -9.487  -1.242  1.00 43.23 ? 99  ASN A ND2 1 
ATOM   733  N N   . ILE A 1 100 ? -3.449  -10.366 -1.352  1.00 38.38 ? 100 ILE A N   1 
ATOM   734  C CA  . ILE A 1 100 ? -2.262  -11.092 -1.767  1.00 36.78 ? 100 ILE A CA  1 
ATOM   735  C C   . ILE A 1 100 ? -2.232  -12.306 -0.842  1.00 38.00 ? 100 ILE A C   1 
ATOM   736  O O   . ILE A 1 100 ? -1.741  -13.377 -1.206  1.00 38.34 ? 100 ILE A O   1 
ATOM   737  C CB  . ILE A 1 100 ? -0.980  -10.244 -1.566  1.00 35.17 ? 100 ILE A CB  1 
ATOM   738  C CG1 . ILE A 1 100 ? -1.049  -8.980  -2.424  1.00 34.68 ? 100 ILE A CG1 1 
ATOM   739  C CG2 . ILE A 1 100 ? 0.254   -11.048 -1.949  1.00 31.64 ? 100 ILE A CG2 1 
ATOM   740  C CD1 . ILE A 1 100 ? -0.925  -9.243  -3.909  1.00 35.32 ? 100 ILE A CD1 1 
ATOM   741  N N   . ALA A 1 101 ? -2.790  -12.127 0.355   1.00 39.44 ? 101 ALA A N   1 
ATOM   742  C CA  . ALA A 1 101 ? -2.841  -13.182 1.362   1.00 40.55 ? 101 ALA A CA  1 
ATOM   743  C C   . ALA A 1 101 ? -3.864  -14.244 0.991   1.00 41.53 ? 101 ALA A C   1 
ATOM   744  O O   . ALA A 1 101 ? -3.656  -15.418 1.260   1.00 43.64 ? 101 ALA A O   1 
ATOM   745  C CB  . ALA A 1 101 ? -3.162  -12.585 2.730   1.00 39.63 ? 101 ALA A CB  1 
ATOM   746  N N   . LYS A 1 102 ? -4.972  -13.837 0.381   1.00 43.36 ? 102 LYS A N   1 
ATOM   747  C CA  . LYS A 1 102 ? -5.991  -14.792 -0.039  1.00 44.83 ? 102 LYS A CA  1 
ATOM   748  C C   . LYS A 1 102 ? -5.483  -15.583 -1.248  1.00 46.19 ? 102 LYS A C   1 
ATOM   749  O O   . LYS A 1 102 ? -5.835  -16.745 -1.435  1.00 47.07 ? 102 LYS A O   1 
ATOM   750  C CB  . LYS A 1 102 ? -7.272  -14.070 -0.422  1.00 44.67 ? 102 LYS A CB  1 
ATOM   751  C CG  . LYS A 1 102 ? -8.059  -13.530 0.735   1.00 45.59 ? 102 LYS A CG  1 
ATOM   752  C CD  . LYS A 1 102 ? -9.290  -12.817 0.194   1.00 49.64 ? 102 LYS A CD  1 
ATOM   753  C CE  . LYS A 1 102 ? -10.175 -12.232 1.298   1.00 50.32 ? 102 LYS A CE  1 
ATOM   754  N NZ  . LYS A 1 102 ? -11.234 -11.359 0.698   1.00 51.64 ? 102 LYS A NZ  1 
ATOM   755  N N   . ALA A 1 103 ? -4.660  -14.937 -2.070  1.00 47.69 ? 103 ALA A N   1 
ATOM   756  C CA  . ALA A 1 103 ? -4.084  -15.564 -3.258  1.00 48.82 ? 103 ALA A CA  1 
ATOM   757  C C   . ALA A 1 103 ? -3.012  -16.570 -2.842  1.00 50.24 ? 103 ALA A C   1 
ATOM   758  O O   . ALA A 1 103 ? -2.811  -17.595 -3.503  1.00 49.38 ? 103 ALA A O   1 
ATOM   759  C CB  . ALA A 1 103 ? -3.482  -14.505 -4.162  1.00 48.14 ? 103 ALA A CB  1 
ATOM   760  N N   . CYS A 1 104 ? -2.318  -16.263 -1.749  1.00 51.52 ? 104 CYS A N   1 
ATOM   761  C CA  . CYS A 1 104 ? -1.287  -17.148 -1.239  1.00 53.00 ? 104 CYS A CA  1 
ATOM   762  C C   . CYS A 1 104 ? -1.963  -18.453 -0.880  1.00 53.05 ? 104 CYS A C   1 
ATOM   763  O O   . CYS A 1 104 ? -1.376  -19.521 -1.026  1.00 52.88 ? 104 CYS A O   1 
ATOM   764  C CB  . CYS A 1 104 ? -0.625  -16.560 0.007   1.00 54.53 ? 104 CYS A CB  1 
ATOM   765  S SG  . CYS A 1 104 ? 0.247   -17.801 1.041   1.00 56.55 ? 104 CYS A SG  1 
ATOM   766  N N   . ILE A 1 105 ? -3.200  -18.356 -0.405  1.00 54.04 ? 105 ILE A N   1 
ATOM   767  C CA  . ILE A 1 105 ? -3.966  -19.536 -0.040  1.00 55.07 ? 105 ILE A CA  1 
ATOM   768  C C   . ILE A 1 105 ? -4.482  -20.198 -1.313  1.00 57.42 ? 105 ILE A C   1 
ATOM   769  O O   . ILE A 1 105 ? -4.354  -21.403 -1.494  1.00 58.44 ? 105 ILE A O   1 
ATOM   770  C CB  . ILE A 1 105 ? -5.169  -19.181 0.831   1.00 53.58 ? 105 ILE A CB  1 
ATOM   771  C CG1 . ILE A 1 105 ? -4.712  -18.482 2.106   1.00 53.77 ? 105 ILE A CG1 1 
ATOM   772  C CG2 . ILE A 1 105 ? -5.931  -20.436 1.170   1.00 52.31 ? 105 ILE A CG2 1 
ATOM   773  C CD1 . ILE A 1 105 ? -3.928  -19.358 3.041   1.00 54.80 ? 105 ILE A CD1 1 
ATOM   774  N N   . ARG A 1 106 ? -5.070  -19.398 -2.190  1.00 59.62 ? 106 ARG A N   1 
ATOM   775  C CA  . ARG A 1 106 ? -5.602  -19.882 -3.457  1.00 61.18 ? 106 ARG A CA  1 
ATOM   776  C C   . ARG A 1 106 ? -4.734  -21.004 -4.035  1.00 61.73 ? 106 ARG A C   1 
ATOM   777  O O   . ARG A 1 106 ? -5.242  -21.989 -4.574  1.00 62.40 ? 106 ARG A O   1 
ATOM   778  C CB  . ARG A 1 106 ? -5.640  -18.727 -4.463  1.00 62.99 ? 106 ARG A CB  1 
ATOM   779  C CG  . ARG A 1 106 ? -6.847  -18.690 -5.381  1.00 64.80 ? 106 ARG A CG  1 
ATOM   780  C CD  . ARG A 1 106 ? -7.897  -17.745 -4.822  1.00 66.23 ? 106 ARG A CD  1 
ATOM   781  N NE  . ARG A 1 106 ? -7.358  -16.404 -4.633  1.00 67.79 ? 106 ARG A NE  1 
ATOM   782  C CZ  . ARG A 1 106 ? -8.050  -15.385 -4.131  1.00 70.05 ? 106 ARG A CZ  1 
ATOM   783  N NH1 . ARG A 1 106 ? -9.316  -15.557 -3.766  1.00 70.86 ? 106 ARG A NH1 1 
ATOM   784  N NH2 . ARG A 1 106 ? -7.472  -14.193 -3.985  1.00 71.13 ? 106 ARG A NH2 1 
ATOM   785  N N   . ILE A 1 107 ? -3.420  -20.856 -3.917  1.00 62.24 ? 107 ILE A N   1 
ATOM   786  C CA  . ILE A 1 107 ? -2.515  -21.848 -4.475  1.00 64.14 ? 107 ILE A CA  1 
ATOM   787  C C   . ILE A 1 107 ? -1.961  -22.918 -3.537  1.00 64.92 ? 107 ILE A C   1 
ATOM   788  O O   . ILE A 1 107 ? -1.155  -23.738 -3.958  1.00 64.74 ? 107 ILE A O   1 
ATOM   789  C CB  . ILE A 1 107 ? -1.343  -21.158 -5.178  1.00 64.88 ? 107 ILE A CB  1 
ATOM   790  C CG1 . ILE A 1 107 ? -0.609  -20.249 -4.194  1.00 65.02 ? 107 ILE A CG1 1 
ATOM   791  C CG2 . ILE A 1 107 ? -1.858  -20.358 -6.370  1.00 65.51 ? 107 ILE A CG2 1 
ATOM   792  C CD1 . ILE A 1 107 ? 0.607   -19.580 -4.794  1.00 64.51 ? 107 ILE A CD1 1 
ATOM   793  N N   . GLY A 1 108 ? -2.387  -22.912 -2.278  1.00 65.94 ? 108 GLY A N   1 
ATOM   794  C CA  . GLY A 1 108 ? -1.927  -23.916 -1.323  1.00 67.88 ? 108 GLY A CA  1 
ATOM   795  C C   . GLY A 1 108 ? -0.420  -24.052 -1.165  1.00 69.74 ? 108 GLY A C   1 
ATOM   796  O O   . GLY A 1 108 ? 0.275   -23.047 -0.970  1.00 70.54 ? 108 GLY A O   1 
ATOM   797  N N   . GLY A 1 109 ? 0.093   -25.283 -1.240  1.00 70.47 ? 109 GLY A N   1 
ATOM   798  C CA  . GLY A 1 109 ? 1.530   -25.492 -1.100  1.00 71.88 ? 109 GLY A CA  1 
ATOM   799  C C   . GLY A 1 109 ? 2.192   -26.417 -2.119  1.00 72.94 ? 109 GLY A C   1 
ATOM   800  O O   . GLY A 1 109 ? 2.889   -27.355 -1.733  1.00 72.56 ? 109 GLY A O   1 
ATOM   801  N N   . GLN A 1 110 ? 2.000   -26.159 -3.415  1.00 73.92 ? 110 GLN A N   1 
ATOM   802  C CA  . GLN A 1 110 ? 2.603   -27.009 -4.452  1.00 75.14 ? 110 GLN A CA  1 
ATOM   803  C C   . GLN A 1 110 ? 3.678   -26.267 -5.255  1.00 74.23 ? 110 GLN A C   1 
ATOM   804  O O   . GLN A 1 110 ? 3.662   -26.258 -6.489  1.00 74.73 ? 110 GLN A O   1 
ATOM   805  C CB  . GLN A 1 110 ? 1.511   -27.570 -5.397  1.00 76.73 ? 110 GLN A CB  1 
ATOM   806  C CG  . GLN A 1 110 ? 1.153   -26.713 -6.626  1.00 78.94 ? 110 GLN A CG  1 
ATOM   807  C CD  . GLN A 1 110 ? 0.728   -25.295 -6.266  1.00 80.79 ? 110 GLN A CD  1 
ATOM   808  O OE1 . GLN A 1 110 ? 1.429   -24.594 -5.530  1.00 82.02 ? 110 GLN A OE1 1 
ATOM   809  N NE2 . GLN A 1 110 ? -0.421  -24.861 -6.797  1.00 80.93 ? 110 GLN A NE2 1 
ATOM   810  N N   . PRO A 1 111 ? 4.669   -25.700 -4.552  1.00 73.34 ? 111 PRO A N   1 
ATOM   811  C CA  . PRO A 1 111 ? 5.778   -24.945 -5.135  1.00 72.14 ? 111 PRO A CA  1 
ATOM   812  C C   . PRO A 1 111 ? 5.537   -24.310 -6.505  1.00 70.39 ? 111 PRO A C   1 
ATOM   813  O O   . PRO A 1 111 ? 5.147   -24.970 -7.470  1.00 70.68 ? 111 PRO A O   1 
ATOM   814  C CB  . PRO A 1 111 ? 6.897   -25.967 -5.111  1.00 73.78 ? 111 PRO A CB  1 
ATOM   815  C CG  . PRO A 1 111 ? 6.671   -26.617 -3.704  1.00 74.22 ? 111 PRO A CG  1 
ATOM   816  C CD  . PRO A 1 111 ? 5.167   -26.440 -3.379  1.00 73.65 ? 111 PRO A CD  1 
ATOM   817  N N   . PHE A 1 112 ? 5.788   -23.009 -6.563  1.00 67.79 ? 112 PHE A N   1 
ATOM   818  C CA  . PHE A 1 112 ? 5.594   -22.196 -7.759  1.00 65.63 ? 112 PHE A CA  1 
ATOM   819  C C   . PHE A 1 112 ? 6.096   -22.786 -9.074  1.00 65.02 ? 112 PHE A C   1 
ATOM   820  O O   . PHE A 1 112 ? 7.173   -23.388 -9.131  1.00 64.36 ? 112 PHE A O   1 
ATOM   821  C CB  . PHE A 1 112 ? 6.226   -20.828 -7.514  1.00 63.84 ? 112 PHE A CB  1 
ATOM   822  C CG  . PHE A 1 112 ? 5.842   -20.235 -6.190  1.00 62.70 ? 112 PHE A CG  1 
ATOM   823  C CD1 . PHE A 1 112 ? 4.563   -19.715 -5.990  1.00 62.77 ? 112 PHE A CD1 1 
ATOM   824  C CD2 . PHE A 1 112 ? 6.725   -20.271 -5.113  1.00 61.46 ? 112 PHE A CD2 1 
ATOM   825  C CE1 . PHE A 1 112 ? 4.166   -19.241 -4.729  1.00 62.98 ? 112 PHE A CE1 1 
ATOM   826  C CE2 . PHE A 1 112 ? 6.341   -19.800 -3.847  1.00 61.59 ? 112 PHE A CE2 1 
ATOM   827  C CZ  . PHE A 1 112 ? 5.059   -19.285 -3.653  1.00 62.15 ? 112 PHE A CZ  1 
ATOM   828  N N   . VAL A 1 113 ? 5.292   -22.600 -10.124 1.00 64.65 ? 113 VAL A N   1 
ATOM   829  C CA  . VAL A 1 113 ? 5.606   -23.084 -11.471 1.00 63.74 ? 113 VAL A CA  1 
ATOM   830  C C   . VAL A 1 113 ? 6.874   -22.430 -12.013 1.00 63.68 ? 113 VAL A C   1 
ATOM   831  O O   . VAL A 1 113 ? 7.454   -22.889 -13.001 1.00 64.54 ? 113 VAL A O   1 
ATOM   832  C CB  . VAL A 1 113 ? 4.445   -22.804 -12.465 1.00 63.24 ? 113 VAL A CB  1 
ATOM   833  C CG1 . VAL A 1 113 ? 3.203   -23.556 -12.036 1.00 63.98 ? 113 VAL A CG1 1 
ATOM   834  C CG2 . VAL A 1 113 ? 4.153   -21.315 -12.536 1.00 63.07 ? 113 VAL A CG2 1 
ATOM   835  N N   . MET A 1 114 ? 7.294   -21.350 -11.364 1.00 63.13 ? 114 MET A N   1 
ATOM   836  C CA  . MET A 1 114 ? 8.497   -20.644 -11.769 1.00 63.43 ? 114 MET A CA  1 
ATOM   837  C C   . MET A 1 114 ? 9.129   -19.925 -10.582 1.00 62.57 ? 114 MET A C   1 
ATOM   838  O O   . MET A 1 114 ? 8.755   -20.154 -9.431  1.00 62.57 ? 114 MET A O   1 
ATOM   839  C CB  . MET A 1 114 ? 8.181   -19.648 -12.898 1.00 65.15 ? 114 MET A CB  1 
ATOM   840  C CG  . MET A 1 114 ? 6.872   -18.890 -12.724 1.00 65.94 ? 114 MET A CG  1 
ATOM   841  S SD  . MET A 1 114 ? 6.730   -17.414 -13.771 1.00 68.21 ? 114 MET A SD  1 
ATOM   842  C CE  . MET A 1 114 ? 6.832   -16.088 -12.505 1.00 63.66 ? 114 MET A CE  1 
ATOM   843  N N   . ASP A 1 115 ? 10.096  -19.066 -10.870 1.00 61.47 ? 115 ASP A N   1 
ATOM   844  C CA  . ASP A 1 115 ? 10.782  -18.310 -9.832  1.00 60.66 ? 115 ASP A CA  1 
ATOM   845  C C   . ASP A 1 115 ? 10.019  -17.025 -9.466  1.00 59.28 ? 115 ASP A C   1 
ATOM   846  O O   . ASP A 1 115 ? 9.766   -16.165 -10.320 1.00 60.18 ? 115 ASP A O   1 
ATOM   847  C CB  . ASP A 1 115 ? 12.203  -17.975 -10.301 1.00 61.12 ? 115 ASP A CB  1 
ATOM   848  C CG  . ASP A 1 115 ? 12.994  -17.203 -9.263  1.00 61.37 ? 115 ASP A CG  1 
ATOM   849  O OD1 . ASP A 1 115 ? 12.783  -17.456 -8.056  1.00 61.93 ? 115 ASP A OD1 1 
ATOM   850  O OD2 . ASP A 1 115 ? 13.834  -16.355 -9.651  1.00 62.04 ? 115 ASP A OD2 1 
ATOM   851  N N   . ILE A 1 116 ? 9.658   -16.902 -8.192  1.00 56.85 ? 116 ILE A N   1 
ATOM   852  C CA  . ILE A 1 116 ? 8.925   -15.735 -7.720  1.00 54.42 ? 116 ILE A CA  1 
ATOM   853  C C   . ILE A 1 116 ? 9.850   -14.606 -7.268  1.00 53.41 ? 116 ILE A C   1 
ATOM   854  O O   . ILE A 1 116 ? 9.416   -13.656 -6.624  1.00 53.63 ? 116 ILE A O   1 
ATOM   855  C CB  . ILE A 1 116 ? 8.003   -16.111 -6.552  1.00 53.48 ? 116 ILE A CB  1 
ATOM   856  C CG1 . ILE A 1 116 ? 8.816   -16.787 -5.450  1.00 54.02 ? 116 ILE A CG1 1 
ATOM   857  C CG2 . ILE A 1 116 ? 6.894   -17.017 -7.047  1.00 53.38 ? 116 ILE A CG2 1 
ATOM   858  C CD1 . ILE A 1 116 ? 8.059   -16.972 -4.166  1.00 53.61 ? 116 ILE A CD1 1 
ATOM   859  N N   . GLY A 1 117 ? 11.123  -14.707 -7.624  1.00 51.60 ? 117 GLY A N   1 
ATOM   860  C CA  . GLY A 1 117 ? 12.088  -13.693 -7.234  1.00 51.21 ? 117 GLY A CA  1 
ATOM   861  C C   . GLY A 1 117 ? 11.790  -12.273 -7.681  1.00 50.69 ? 117 GLY A C   1 
ATOM   862  O O   . GLY A 1 117 ? 11.721  -11.367 -6.851  1.00 51.30 ? 117 GLY A O   1 
ATOM   863  N N   . PRO A 1 118 ? 11.623  -12.035 -8.989  1.00 49.69 ? 118 PRO A N   1 
ATOM   864  C CA  . PRO A 1 118 ? 11.335  -10.688 -9.495  1.00 48.42 ? 118 PRO A CA  1 
ATOM   865  C C   . PRO A 1 118 ? 10.013  -10.119 -8.957  1.00 47.03 ? 118 PRO A C   1 
ATOM   866  O O   . PRO A 1 118 ? 9.874   -8.905  -8.767  1.00 46.55 ? 118 PRO A O   1 
ATOM   867  C CB  . PRO A 1 118 ? 11.306  -10.893 -11.008 1.00 48.37 ? 118 PRO A CB  1 
ATOM   868  C CG  . PRO A 1 118 ? 12.225  -12.054 -11.208 1.00 48.45 ? 118 PRO A CG  1 
ATOM   869  C CD  . PRO A 1 118 ? 11.813  -12.977 -10.103 1.00 48.60 ? 118 PRO A CD  1 
ATOM   870  N N   . LEU A 1 119 ? 9.045   -11.002 -8.724  1.00 45.70 ? 119 LEU A N   1 
ATOM   871  C CA  . LEU A 1 119 ? 7.749   -10.582 -8.208  1.00 44.05 ? 119 LEU A CA  1 
ATOM   872  C C   . LEU A 1 119 ? 7.938   -10.112 -6.766  1.00 43.70 ? 119 LEU A C   1 
ATOM   873  O O   . LEU A 1 119 ? 7.401   -9.081  -6.359  1.00 43.98 ? 119 LEU A O   1 
ATOM   874  C CB  . LEU A 1 119 ? 6.751   -11.741 -8.265  1.00 42.31 ? 119 LEU A CB  1 
ATOM   875  C CG  . LEU A 1 119 ? 5.266   -11.403 -8.100  1.00 41.75 ? 119 LEU A CG  1 
ATOM   876  C CD1 . LEU A 1 119 ? 4.777   -10.563 -9.273  1.00 41.38 ? 119 LEU A CD1 1 
ATOM   877  C CD2 . LEU A 1 119 ? 4.466   -12.685 -8.015  1.00 41.69 ? 119 LEU A CD2 1 
ATOM   878  N N   . VAL A 1 120 ? 8.713   -10.868 -5.995  1.00 42.45 ? 120 VAL A N   1 
ATOM   879  C CA  . VAL A 1 120 ? 8.981   -10.499 -4.614  1.00 40.47 ? 120 VAL A CA  1 
ATOM   880  C C   . VAL A 1 120 ? 9.622   -9.110  -4.565  1.00 40.68 ? 120 VAL A C   1 
ATOM   881  O O   . VAL A 1 120 ? 9.238   -8.266  -3.751  1.00 41.39 ? 120 VAL A O   1 
ATOM   882  C CB  . VAL A 1 120 ? 9.915   -11.525 -3.943  1.00 40.77 ? 120 VAL A CB  1 
ATOM   883  C CG1 . VAL A 1 120 ? 10.451  -10.978 -2.634  1.00 40.77 ? 120 VAL A CG1 1 
ATOM   884  C CG2 . VAL A 1 120 ? 9.160   -12.810 -3.692  1.00 39.47 ? 120 VAL A CG2 1 
ATOM   885  N N   . LEU A 1 121 ? 10.592  -8.869  -5.446  1.00 39.77 ? 121 LEU A N   1 
ATOM   886  C CA  . LEU A 1 121 ? 11.264  -7.576  -5.482  1.00 39.10 ? 121 LEU A CA  1 
ATOM   887  C C   . LEU A 1 121 ? 10.319  -6.485  -5.955  1.00 38.01 ? 121 LEU A C   1 
ATOM   888  O O   . LEU A 1 121 ? 10.451  -5.335  -5.548  1.00 38.87 ? 121 LEU A O   1 
ATOM   889  C CB  . LEU A 1 121 ? 12.488  -7.616  -6.401  1.00 38.76 ? 121 LEU A CB  1 
ATOM   890  C CG  . LEU A 1 121 ? 13.568  -8.664  -6.122  1.00 40.67 ? 121 LEU A CG  1 
ATOM   891  C CD1 . LEU A 1 121 ? 14.679  -8.461  -7.143  1.00 40.89 ? 121 LEU A CD1 1 
ATOM   892  C CD2 . LEU A 1 121 ? 14.104  -8.557  -4.693  1.00 37.91 ? 121 LEU A CD2 1 
ATOM   893  N N   . MET A 1 122 ? 9.373   -6.837  -6.818  1.00 37.67 ? 122 MET A N   1 
ATOM   894  C CA  . MET A 1 122 ? 8.413   -5.858  -7.316  1.00 37.13 ? 122 MET A CA  1 
ATOM   895  C C   . MET A 1 122 ? 7.495   -5.445  -6.160  1.00 36.81 ? 122 MET A C   1 
ATOM   896  O O   . MET A 1 122 ? 7.083   -4.287  -6.043  1.00 36.37 ? 122 MET A O   1 
ATOM   897  C CB  . MET A 1 122 ? 7.598   -6.456  -8.467  1.00 36.50 ? 122 MET A CB  1 
ATOM   898  C CG  . MET A 1 122 ? 6.724   -5.448  -9.179  1.00 35.64 ? 122 MET A CG  1 
ATOM   899  S SD  . MET A 1 122 ? 5.873   -6.138  -10.582 1.00 35.97 ? 122 MET A SD  1 
ATOM   900  C CE  . MET A 1 122 ? 4.478   -6.801  -9.803  1.00 35.89 ? 122 MET A CE  1 
ATOM   901  N N   . TYR A 1 123 ? 7.195   -6.400  -5.295  1.00 36.64 ? 123 TYR A N   1 
ATOM   902  C CA  . TYR A 1 123 ? 6.349   -6.150  -4.140  1.00 38.03 ? 123 TYR A CA  1 
ATOM   903  C C   . TYR A 1 123 ? 7.060   -5.220  -3.177  1.00 38.64 ? 123 TYR A C   1 
ATOM   904  O O   . TYR A 1 123 ? 6.533   -4.171  -2.811  1.00 39.04 ? 123 TYR A O   1 
ATOM   905  C CB  . TYR A 1 123 ? 6.066   -7.449  -3.413  1.00 40.76 ? 123 TYR A CB  1 
ATOM   906  C CG  . TYR A 1 123 ? 5.182   -7.309  -2.198  1.00 43.74 ? 123 TYR A CG  1 
ATOM   907  C CD1 . TYR A 1 123 ? 3.804   -7.538  -2.289  1.00 43.98 ? 123 TYR A CD1 1 
ATOM   908  C CD2 . TYR A 1 123 ? 5.720   -6.977  -0.946  1.00 45.89 ? 123 TYR A CD2 1 
ATOM   909  C CE1 . TYR A 1 123 ? 2.968   -7.451  -1.166  1.00 45.67 ? 123 TYR A CE1 1 
ATOM   910  C CE2 . TYR A 1 123 ? 4.888   -6.878  0.198   1.00 47.97 ? 123 TYR A CE2 1 
ATOM   911  C CZ  . TYR A 1 123 ? 3.509   -7.122  0.074   1.00 47.71 ? 123 TYR A CZ  1 
ATOM   912  O OH  . TYR A 1 123 ? 2.673   -7.058  1.178   1.00 49.37 ? 123 TYR A OH  1 
ATOM   913  N N   . ARG A 1 124 ? 8.261   -5.625  -2.761  1.00 38.86 ? 124 ARG A N   1 
ATOM   914  C CA  . ARG A 1 124 ? 9.065   -4.844  -1.819  1.00 37.80 ? 124 ARG A CA  1 
ATOM   915  C C   . ARG A 1 124 ? 9.324   -3.411  -2.309  1.00 35.77 ? 124 ARG A C   1 
ATOM   916  O O   . ARG A 1 124 ? 9.343   -2.466  -1.517  1.00 32.68 ? 124 ARG A O   1 
ATOM   917  C CB  . ARG A 1 124 ? 10.394  -5.576  -1.532  1.00 38.68 ? 124 ARG A CB  1 
ATOM   918  C CG  . ARG A 1 124 ? 10.216  -6.955  -0.862  1.00 39.73 ? 124 ARG A CG  1 
ATOM   919  C CD  . ARG A 1 124 ? 11.527  -7.463  -0.242  1.00 42.10 ? 124 ARG A CD  1 
ATOM   920  N NE  . ARG A 1 124 ? 11.470  -8.851  0.244   1.00 43.69 ? 124 ARG A NE  1 
ATOM   921  C CZ  . ARG A 1 124 ? 10.626  -9.308  1.174   1.00 43.96 ? 124 ARG A CZ  1 
ATOM   922  N NH1 . ARG A 1 124 ? 9.736   -8.495  1.746   1.00 45.08 ? 124 ARG A NH1 1 
ATOM   923  N NH2 . ARG A 1 124 ? 10.673  -10.588 1.538   1.00 42.05 ? 124 ARG A NH2 1 
ATOM   924  N N   . LEU A 1 125 ? 9.504   -3.273  -3.619  1.00 34.49 ? 125 LEU A N   1 
ATOM   925  C CA  . LEU A 1 125 ? 9.748   -1.993  -4.277  1.00 33.78 ? 125 LEU A CA  1 
ATOM   926  C C   . LEU A 1 125 ? 8.566   -1.063  -4.019  1.00 33.93 ? 125 LEU A C   1 
ATOM   927  O O   . LEU A 1 125 ? 8.729   0.122   -3.719  1.00 34.69 ? 125 LEU A O   1 
ATOM   928  C CB  . LEU A 1 125 ? 9.888   -2.234  -5.775  1.00 34.26 ? 125 LEU A CB  1 
ATOM   929  C CG  . LEU A 1 125 ? 10.949  -1.458  -6.537  1.00 35.31 ? 125 LEU A CG  1 
ATOM   930  C CD1 . LEU A 1 125 ? 10.943  -1.895  -7.996  1.00 35.27 ? 125 LEU A CD1 1 
ATOM   931  C CD2 . LEU A 1 125 ? 10.680  0.028   -6.393  1.00 36.58 ? 125 LEU A CD2 1 
ATOM   932  N N   . ALA A 1 126 ? 7.369   -1.626  -4.155  1.00 33.62 ? 126 ALA A N   1 
ATOM   933  C CA  . ALA A 1 126 ? 6.128   -0.899  -3.937  1.00 32.21 ? 126 ALA A CA  1 
ATOM   934  C C   . ALA A 1 126 ? 5.987   -0.608  -2.444  1.00 32.50 ? 126 ALA A C   1 
ATOM   935  O O   . ALA A 1 126 ? 5.688   0.513   -2.037  1.00 33.68 ? 126 ALA A O   1 
ATOM   936  C CB  . ALA A 1 126 ? 4.966   -1.732  -4.427  1.00 28.76 ? 126 ALA A CB  1 
ATOM   937  N N   . THR A 1 127 ? 6.203   -1.637  -1.638  1.00 32.50 ? 127 THR A N   1 
ATOM   938  C CA  . THR A 1 127 ? 6.140   -1.530  -0.192  1.00 32.80 ? 127 THR A CA  1 
ATOM   939  C C   . THR A 1 127 ? 6.919   -0.305  0.266   1.00 32.71 ? 127 THR A C   1 
ATOM   940  O O   . THR A 1 127 ? 6.415   0.519   1.023   1.00 31.13 ? 127 THR A O   1 
ATOM   941  C CB  . THR A 1 127 ? 6.763   -2.763  0.439   1.00 33.34 ? 127 THR A CB  1 
ATOM   942  O OG1 . THR A 1 127 ? 6.009   -3.914  0.048   1.00 33.81 ? 127 THR A OG1 1 
ATOM   943  C CG2 . THR A 1 127 ? 6.775   -2.646  1.946   1.00 38.18 ? 127 THR A CG2 1 
ATOM   944  N N   . ASP A 1 128 ? 8.161   -0.207  -0.202  1.00 34.02 ? 128 ASP A N   1 
ATOM   945  C CA  . ASP A 1 128 ? 9.042   0.911   0.130   1.00 34.39 ? 128 ASP A CA  1 
ATOM   946  C C   . ASP A 1 128 ? 8.431   2.219   -0.322  1.00 34.07 ? 128 ASP A C   1 
ATOM   947  O O   . ASP A 1 128 ? 8.545   3.236   0.374   1.00 34.53 ? 128 ASP A O   1 
ATOM   948  C CB  . ASP A 1 128 ? 10.395  0.748   -0.543  1.00 36.70 ? 128 ASP A CB  1 
ATOM   949  C CG  . ASP A 1 128 ? 11.248  -0.300  0.125   1.00 40.89 ? 128 ASP A CG  1 
ATOM   950  O OD1 . ASP A 1 128 ? 10.714  -1.391  0.436   1.00 43.95 ? 128 ASP A OD1 1 
ATOM   951  O OD2 . ASP A 1 128 ? 12.454  -0.033  0.329   1.00 42.67 ? 128 ASP A OD2 1 
ATOM   952  N N   . MET A 1 129 ? 7.805   2.210   -1.498  1.00 32.42 ? 129 MET A N   1 
ATOM   953  C CA  . MET A 1 129 ? 7.158   3.421   -1.990  1.00 30.84 ? 129 MET A CA  1 
ATOM   954  C C   . MET A 1 129 ? 6.169   3.895   -0.914  1.00 30.79 ? 129 MET A C   1 
ATOM   955  O O   . MET A 1 129 ? 6.010   5.097   -0.670  1.00 30.77 ? 129 MET A O   1 
ATOM   956  C CB  . MET A 1 129 ? 6.431   3.137   -3.307  1.00 26.58 ? 129 MET A CB  1 
ATOM   957  C CG  . MET A 1 129 ? 7.366   3.002   -4.481  1.00 21.29 ? 129 MET A CG  1 
ATOM   958  S SD  . MET A 1 129 ? 6.544   2.402   -5.944  1.00 17.03 ? 129 MET A SD  1 
ATOM   959  C CE  . MET A 1 129 ? 5.744   3.815   -6.491  1.00 16.07 ? 129 MET A CE  1 
ATOM   960  N N   . VAL A 1 130 ? 5.533   2.934   -0.251  1.00 30.59 ? 130 VAL A N   1 
ATOM   961  C CA  . VAL A 1 130 ? 4.568   3.231   0.798   1.00 31.29 ? 130 VAL A CA  1 
ATOM   962  C C   . VAL A 1 130 ? 5.277   3.852   1.988   1.00 32.56 ? 130 VAL A C   1 
ATOM   963  O O   . VAL A 1 130 ? 4.996   4.988   2.357   1.00 32.93 ? 130 VAL A O   1 
ATOM   964  C CB  . VAL A 1 130 ? 3.863   1.954   1.262   1.00 32.96 ? 130 VAL A CB  1 
ATOM   965  C CG1 . VAL A 1 130 ? 2.506   2.290   1.819   1.00 32.55 ? 130 VAL A CG1 1 
ATOM   966  C CG2 . VAL A 1 130 ? 3.732   0.973   0.095   1.00 34.08 ? 130 VAL A CG2 1 
ATOM   967  N N   . SER A 1 131 ? 6.195   3.099   2.587   1.00 33.24 ? 131 SER A N   1 
ATOM   968  C CA  . SER A 1 131 ? 6.957   3.593   3.727   1.00 34.33 ? 131 SER A CA  1 
ATOM   969  C C   . SER A 1 131 ? 7.380   5.024   3.430   1.00 35.09 ? 131 SER A C   1 
ATOM   970  O O   . SER A 1 131 ? 7.152   5.926   4.237   1.00 37.12 ? 131 SER A O   1 
ATOM   971  C CB  . SER A 1 131 ? 8.212   2.754   3.937   1.00 35.78 ? 131 SER A CB  1 
ATOM   972  O OG  . SER A 1 131 ? 7.949   1.380   3.742   1.00 42.35 ? 131 SER A OG  1 
ATOM   973  N N   . THR A 1 132 ? 7.995   5.212   2.263   1.00 34.32 ? 132 THR A N   1 
ATOM   974  C CA  . THR A 1 132 ? 8.484   6.516   1.798   1.00 34.67 ? 132 THR A CA  1 
ATOM   975  C C   . THR A 1 132 ? 7.385   7.572   1.841   1.00 33.45 ? 132 THR A C   1 
ATOM   976  O O   . THR A 1 132 ? 7.531   8.608   2.487   1.00 33.49 ? 132 THR A O   1 
ATOM   977  C CB  . THR A 1 132 ? 9.014   6.438   0.312   1.00 34.86 ? 132 THR A CB  1 
ATOM   978  O OG1 . THR A 1 132 ? 10.004  5.407   0.197   1.00 35.27 ? 132 THR A OG1 1 
ATOM   979  C CG2 . THR A 1 132 ? 9.630   7.765   -0.123  1.00 31.66 ? 132 THR A CG2 1 
ATOM   980  N N   . ALA A 1 133 ? 6.292   7.290   1.135   1.00 32.51 ? 133 ALA A N   1 
ATOM   981  C CA  . ALA A 1 133 ? 5.150   8.187   1.043   1.00 32.21 ? 133 ALA A CA  1 
ATOM   982  C C   . ALA A 1 133 ? 4.601   8.531   2.425   1.00 33.16 ? 133 ALA A C   1 
ATOM   983  O O   . ALA A 1 133 ? 4.282   9.690   2.708   1.00 33.68 ? 133 ALA A O   1 
ATOM   984  C CB  . ALA A 1 133 ? 4.072   7.546   0.188   1.00 30.71 ? 133 ALA A CB  1 
ATOM   985  N N   . ILE A 1 134 ? 4.497   7.519   3.281   1.00 33.44 ? 134 ILE A N   1 
ATOM   986  C CA  . ILE A 1 134 ? 3.999   7.700   4.638   1.00 33.99 ? 134 ILE A CA  1 
ATOM   987  C C   . ILE A 1 134 ? 5.009   8.497   5.469   1.00 36.29 ? 134 ILE A C   1 
ATOM   988  O O   . ILE A 1 134 ? 4.636   9.339   6.298   1.00 37.08 ? 134 ILE A O   1 
ATOM   989  C CB  . ILE A 1 134 ? 3.759   6.342   5.304   1.00 32.16 ? 134 ILE A CB  1 
ATOM   990  C CG1 . ILE A 1 134 ? 2.673   5.583   4.542   1.00 28.21 ? 134 ILE A CG1 1 
ATOM   991  C CG2 . ILE A 1 134 ? 3.388   6.541   6.775   1.00 34.34 ? 134 ILE A CG2 1 
ATOM   992  C CD1 . ILE A 1 134 ? 2.465   4.187   5.021   1.00 26.17 ? 134 ILE A CD1 1 
ATOM   993  N N   . ALA A 1 135 ? 6.289   8.215   5.249   1.00 36.77 ? 135 ALA A N   1 
ATOM   994  C CA  . ALA A 1 135 ? 7.341   8.916   5.952   1.00 37.07 ? 135 ALA A CA  1 
ATOM   995  C C   . ALA A 1 135 ? 7.260   10.361  5.491   1.00 37.90 ? 135 ALA A C   1 
ATOM   996  O O   . ALA A 1 135 ? 7.333   11.280  6.295   1.00 38.94 ? 135 ALA A O   1 
ATOM   997  C CB  . ALA A 1 135 ? 8.675   8.333   5.592   1.00 37.06 ? 135 ALA A CB  1 
ATOM   998  N N   . ALA A 1 136 ? 7.098   10.548  4.187   1.00 38.64 ? 136 ALA A N   1 
ATOM   999  C CA  . ALA A 1 136 ? 6.998   11.880  3.614   1.00 39.38 ? 136 ALA A CA  1 
ATOM   1000 C C   . ALA A 1 136 ? 5.848   12.624  4.265   1.00 40.20 ? 136 ALA A C   1 
ATOM   1001 O O   . ALA A 1 136 ? 5.938   13.820  4.515   1.00 38.79 ? 136 ALA A O   1 
ATOM   1002 C CB  . ALA A 1 136 ? 6.768   11.794  2.119   1.00 40.16 ? 136 ALA A CB  1 
ATOM   1003 N N   . TYR A 1 137 ? 4.761   11.910  4.530   1.00 41.59 ? 137 TYR A N   1 
ATOM   1004 C CA  . TYR A 1 137 ? 3.600   12.519  5.163   1.00 42.98 ? 137 TYR A CA  1 
ATOM   1005 C C   . TYR A 1 137 ? 3.942   12.901  6.598   1.00 44.00 ? 137 TYR A C   1 
ATOM   1006 O O   . TYR A 1 137 ? 3.650   14.006  7.057   1.00 42.73 ? 137 TYR A O   1 
ATOM   1007 C CB  . TYR A 1 137 ? 2.418   11.547  5.182   1.00 42.07 ? 137 TYR A CB  1 
ATOM   1008 C CG  . TYR A 1 137 ? 1.342   11.988  6.143   1.00 42.27 ? 137 TYR A CG  1 
ATOM   1009 C CD1 . TYR A 1 137 ? 0.564   13.113  5.874   1.00 43.14 ? 137 TYR A CD1 1 
ATOM   1010 C CD2 . TYR A 1 137 ? 1.161   11.339  7.370   1.00 41.55 ? 137 TYR A CD2 1 
ATOM   1011 C CE1 . TYR A 1 137 ? -0.369  13.591  6.810   1.00 42.67 ? 137 TYR A CE1 1 
ATOM   1012 C CE2 . TYR A 1 137 ? 0.234   11.806  8.318   1.00 39.97 ? 137 TYR A CE2 1 
ATOM   1013 C CZ  . TYR A 1 137 ? -0.527  12.933  8.031   1.00 41.78 ? 137 TYR A CZ  1 
ATOM   1014 O OH  . TYR A 1 137 ? -1.450  13.416  8.943   1.00 43.15 ? 137 TYR A OH  1 
ATOM   1015 N N   . ASP A 1 138 ? 4.552   11.967  7.309   1.00 45.09 ? 138 ASP A N   1 
ATOM   1016 C CA  . ASP A 1 138 ? 4.907   12.213  8.687   1.00 46.56 ? 138 ASP A CA  1 
ATOM   1017 C C   . ASP A 1 138 ? 5.691   13.506  8.779   1.00 46.88 ? 138 ASP A C   1 
ATOM   1018 O O   . ASP A 1 138 ? 5.196   14.504  9.284   1.00 47.50 ? 138 ASP A O   1 
ATOM   1019 C CB  . ASP A 1 138 ? 5.750   11.070  9.224   1.00 48.29 ? 138 ASP A CB  1 
ATOM   1020 C CG  . ASP A 1 138 ? 5.738   11.012  10.725  1.00 49.82 ? 138 ASP A CG  1 
ATOM   1021 O OD1 . ASP A 1 138 ? 6.633   10.357  11.294  1.00 53.70 ? 138 ASP A OD1 1 
ATOM   1022 O OD2 . ASP A 1 138 ? 4.826   11.605  11.339  1.00 48.62 ? 138 ASP A OD2 1 
ATOM   1023 N N   . ARG A 1 139 ? 6.920   13.483  8.283   1.00 46.45 ? 139 ARG A N   1 
ATOM   1024 C CA  . ARG A 1 139 ? 7.770   14.661  8.319   1.00 45.63 ? 139 ARG A CA  1 
ATOM   1025 C C   . ARG A 1 139 ? 7.160   15.801  7.522   1.00 46.53 ? 139 ARG A C   1 
ATOM   1026 O O   . ARG A 1 139 ? 7.474   16.971  7.750   1.00 47.15 ? 139 ARG A O   1 
ATOM   1027 C CB  . ARG A 1 139 ? 9.132   14.355  7.721   1.00 45.77 ? 139 ARG A CB  1 
ATOM   1028 C CG  . ARG A 1 139 ? 9.733   13.036  8.127   1.00 47.57 ? 139 ARG A CG  1 
ATOM   1029 C CD  . ARG A 1 139 ? 11.111  12.912  7.506   1.00 49.00 ? 139 ARG A CD  1 
ATOM   1030 N NE  . ARG A 1 139 ? 11.542  11.524  7.420   1.00 52.56 ? 139 ARG A NE  1 
ATOM   1031 C CZ  . ARG A 1 139 ? 10.971  10.618  6.631   1.00 54.58 ? 139 ARG A CZ  1 
ATOM   1032 N NH1 . ARG A 1 139 ? 9.944   10.963  5.859   1.00 54.96 ? 139 ARG A NH1 1 
ATOM   1033 N NH2 . ARG A 1 139 ? 11.424  9.367   6.616   1.00 55.37 ? 139 ARG A NH2 1 
ATOM   1034 N N   . GLU A 1 140 ? 6.305   15.460  6.566   1.00 47.37 ? 140 GLU A N   1 
ATOM   1035 C CA  . GLU A 1 140 ? 5.669   16.469  5.718   1.00 47.65 ? 140 GLU A CA  1 
ATOM   1036 C C   . GLU A 1 140 ? 6.720   17.004  4.744   1.00 47.35 ? 140 GLU A C   1 
ATOM   1037 O O   . GLU A 1 140 ? 6.827   18.202  4.497   1.00 46.27 ? 140 GLU A O   1 
ATOM   1038 C CB  . GLU A 1 140 ? 5.083   17.589  6.585   1.00 48.80 ? 140 GLU A CB  1 
ATOM   1039 C CG  . GLU A 1 140 ? 4.072   18.482  5.882   1.00 51.31 ? 140 GLU A CG  1 
ATOM   1040 C CD  . GLU A 1 140 ? 3.122   19.171  6.861   1.00 54.31 ? 140 GLU A CD  1 
ATOM   1041 O OE1 . GLU A 1 140 ? 2.559   20.225  6.482   1.00 55.17 ? 140 GLU A OE1 1 
ATOM   1042 O OE2 . GLU A 1 140 ? 2.927   18.656  7.997   1.00 54.46 ? 140 GLU A OE2 1 
ATOM   1043 N N   . ASP A 1 141 ? 7.495   16.070  4.204   1.00 48.52 ? 141 ASP A N   1 
ATOM   1044 C CA  . ASP A 1 141 ? 8.553   16.344  3.239   1.00 49.42 ? 141 ASP A CA  1 
ATOM   1045 C C   . ASP A 1 141 ? 7.950   16.128  1.839   1.00 49.65 ? 141 ASP A C   1 
ATOM   1046 O O   . ASP A 1 141 ? 7.682   14.991  1.440   1.00 50.48 ? 141 ASP A O   1 
ATOM   1047 C CB  . ASP A 1 141 ? 9.705   15.361  3.486   1.00 49.95 ? 141 ASP A CB  1 
ATOM   1048 C CG  . ASP A 1 141 ? 10.882  15.593  2.572   1.00 51.36 ? 141 ASP A CG  1 
ATOM   1049 O OD1 . ASP A 1 141 ? 10.665  15.993  1.410   1.00 51.79 ? 141 ASP A OD1 1 
ATOM   1050 O OD2 . ASP A 1 141 ? 12.025  15.355  3.011   1.00 52.03 ? 141 ASP A OD2 1 
ATOM   1051 N N   . ALA A 1 142 ? 7.737   17.212  1.099   1.00 48.88 ? 142 ALA A N   1 
ATOM   1052 C CA  . ALA A 1 142 ? 7.145   17.112  -0.234  1.00 48.17 ? 142 ALA A CA  1 
ATOM   1053 C C   . ALA A 1 142 ? 8.142   16.828  -1.360  1.00 48.06 ? 142 ALA A C   1 
ATOM   1054 O O   . ALA A 1 142 ? 7.815   16.993  -2.534  1.00 49.30 ? 142 ALA A O   1 
ATOM   1055 C CB  . ALA A 1 142 ? 6.374   18.386  -0.542  1.00 47.53 ? 142 ALA A CB  1 
ATOM   1056 N N   . SER A 1 143 ? 9.348   16.390  -1.019  1.00 47.06 ? 143 SER A N   1 
ATOM   1057 C CA  . SER A 1 143 ? 10.343  16.129  -2.044  1.00 46.38 ? 143 SER A CA  1 
ATOM   1058 C C   . SER A 1 143 ? 10.693  14.666  -2.196  1.00 46.64 ? 143 SER A C   1 
ATOM   1059 O O   . SER A 1 143 ? 11.295  14.276  -3.192  1.00 47.63 ? 143 SER A O   1 
ATOM   1060 C CB  . SER A 1 143 ? 11.605  16.935  -1.761  1.00 45.97 ? 143 SER A CB  1 
ATOM   1061 O OG  . SER A 1 143 ? 12.042  16.727  -0.436  1.00 45.85 ? 143 SER A OG  1 
ATOM   1062 N N   . LEU A 1 144 ? 10.331  13.857  -1.209  1.00 46.74 ? 144 LEU A N   1 
ATOM   1063 C CA  . LEU A 1 144 ? 10.592  12.428  -1.287  1.00 47.59 ? 144 LEU A CA  1 
ATOM   1064 C C   . LEU A 1 144 ? 9.797   11.912  -2.470  1.00 48.00 ? 144 LEU A C   1 
ATOM   1065 O O   . LEU A 1 144 ? 10.137  10.908  -3.086  1.00 48.10 ? 144 LEU A O   1 
ATOM   1066 C CB  . LEU A 1 144 ? 10.143  11.732  -0.004  1.00 47.53 ? 144 LEU A CB  1 
ATOM   1067 C CG  . LEU A 1 144 ? 11.122  11.891  1.162   1.00 47.82 ? 144 LEU A CG  1 
ATOM   1068 C CD1 . LEU A 1 144 ? 10.504  11.428  2.466   1.00 46.61 ? 144 LEU A CD1 1 
ATOM   1069 C CD2 . LEU A 1 144 ? 12.372  11.095  0.845   1.00 47.64 ? 144 LEU A CD2 1 
ATOM   1070 N N   . ALA A 1 145 ? 8.734   12.636  -2.789  1.00 48.32 ? 145 ALA A N   1 
ATOM   1071 C CA  . ALA A 1 145 ? 7.875   12.289  -3.900  1.00 49.18 ? 145 ALA A CA  1 
ATOM   1072 C C   . ALA A 1 145 ? 8.672   11.936  -5.146  1.00 50.30 ? 145 ALA A C   1 
ATOM   1073 O O   . ALA A 1 145 ? 8.766   10.774  -5.504  1.00 52.43 ? 145 ALA A O   1 
ATOM   1074 C CB  . ALA A 1 145 ? 6.930   13.436  -4.192  1.00 47.99 ? 145 ALA A CB  1 
ATOM   1075 N N   . ALA A 1 146 ? 9.251   12.932  -5.806  1.00 51.14 ? 146 ALA A N   1 
ATOM   1076 C CA  . ALA A 1 146 ? 10.013  12.694  -7.032  1.00 51.42 ? 146 ALA A CA  1 
ATOM   1077 C C   . ALA A 1 146 ? 10.907  11.449  -6.959  1.00 50.08 ? 146 ALA A C   1 
ATOM   1078 O O   . ALA A 1 146 ? 11.236  10.836  -7.979  1.00 49.75 ? 146 ALA A O   1 
ATOM   1079 C CB  . ALA A 1 146 ? 10.841  13.923  -7.368  1.00 53.26 ? 146 ALA A CB  1 
ATOM   1080 N N   . GLN A 1 147 ? 11.302  11.081  -5.748  1.00 48.18 ? 147 GLN A N   1 
ATOM   1081 C CA  . GLN A 1 147 ? 12.126  9.894   -5.555  1.00 46.68 ? 147 GLN A CA  1 
ATOM   1082 C C   . GLN A 1 147 ? 11.251  8.647   -5.671  1.00 43.37 ? 147 GLN A C   1 
ATOM   1083 O O   . GLN A 1 147 ? 11.677  7.612   -6.164  1.00 42.30 ? 147 GLN A O   1 
ATOM   1084 C CB  . GLN A 1 147 ? 12.785  9.935   -4.182  1.00 49.01 ? 147 GLN A CB  1 
ATOM   1085 C CG  . GLN A 1 147 ? 13.231  8.576   -3.699  1.00 53.31 ? 147 GLN A CG  1 
ATOM   1086 C CD  . GLN A 1 147 ? 13.695  8.594   -2.258  1.00 56.30 ? 147 GLN A CD  1 
ATOM   1087 O OE1 . GLN A 1 147 ? 13.870  7.540   -1.646  1.00 56.65 ? 147 GLN A OE1 1 
ATOM   1088 N NE2 . GLN A 1 147 ? 13.901  9.795   -1.706  1.00 57.21 ? 147 GLN A NE2 1 
ATOM   1089 N N   . ILE A 1 148 ? 10.025  8.763   -5.184  1.00 39.75 ? 148 ILE A N   1 
ATOM   1090 C CA  . ILE A 1 148 ? 9.060   7.686   -5.248  1.00 38.13 ? 148 ILE A CA  1 
ATOM   1091 C C   . ILE A 1 148 ? 8.751   7.450   -6.729  1.00 37.20 ? 148 ILE A C   1 
ATOM   1092 O O   . ILE A 1 148 ? 8.468   6.331   -7.153  1.00 36.24 ? 148 ILE A O   1 
ATOM   1093 C CB  . ILE A 1 148 ? 7.763   8.080   -4.494  1.00 37.97 ? 148 ILE A CB  1 
ATOM   1094 C CG1 . ILE A 1 148 ? 8.084   8.334   -3.025  1.00 38.24 ? 148 ILE A CG1 1 
ATOM   1095 C CG2 . ILE A 1 148 ? 6.716   6.981   -4.601  1.00 37.86 ? 148 ILE A CG2 1 
ATOM   1096 C CD1 . ILE A 1 148 ? 6.908   8.822   -2.221  1.00 38.75 ? 148 ILE A CD1 1 
ATOM   1097 N N   . ALA A 1 149 ? 8.814   8.517   -7.513  1.00 36.84 ? 149 ALA A N   1 
ATOM   1098 C CA  . ALA A 1 149 ? 8.549   8.430   -8.943  1.00 36.33 ? 149 ALA A CA  1 
ATOM   1099 C C   . ALA A 1 149 ? 9.447   7.379   -9.598  1.00 36.91 ? 149 ALA A C   1 
ATOM   1100 O O   . ALA A 1 149 ? 9.003   6.592   -10.435 1.00 36.93 ? 149 ALA A O   1 
ATOM   1101 C CB  . ALA A 1 149 ? 8.781   9.790   -9.587  1.00 35.00 ? 149 ALA A CB  1 
ATOM   1102 N N   . ASP A 1 150 ? 10.711  7.364   -9.197  1.00 36.86 ? 150 ASP A N   1 
ATOM   1103 C CA  . ASP A 1 150 ? 11.681  6.440   -9.754  1.00 35.57 ? 150 ASP A CA  1 
ATOM   1104 C C   . ASP A 1 150 ? 11.505  5.008   -9.323  1.00 32.36 ? 150 ASP A C   1 
ATOM   1105 O O   . ASP A 1 150 ? 11.807  4.093   -10.079 1.00 31.91 ? 150 ASP A O   1 
ATOM   1106 C CB  . ASP A 1 150 ? 13.084  6.931   -9.428  1.00 39.85 ? 150 ASP A CB  1 
ATOM   1107 C CG  . ASP A 1 150 ? 13.352  8.303   -10.015 1.00 45.41 ? 150 ASP A CG  1 
ATOM   1108 O OD1 . ASP A 1 150 ? 13.255  8.440   -11.263 1.00 48.66 ? 150 ASP A OD1 1 
ATOM   1109 O OD2 . ASP A 1 150 ? 13.643  9.242   -9.233  1.00 48.15 ? 150 ASP A OD2 1 
ATOM   1110 N N   . MET A 1 151 ? 11.027  4.803   -8.106  1.00 31.17 ? 151 MET A N   1 
ATOM   1111 C CA  . MET A 1 151 ? 10.793  3.447   -7.630  1.00 32.23 ? 151 MET A CA  1 
ATOM   1112 C C   . MET A 1 151 ? 9.623   2.922   -8.469  1.00 33.58 ? 151 MET A C   1 
ATOM   1113 O O   . MET A 1 151 ? 9.335   1.725   -8.518  1.00 32.51 ? 151 MET A O   1 
ATOM   1114 C CB  . MET A 1 151 ? 10.412  3.446   -6.141  1.00 29.95 ? 151 MET A CB  1 
ATOM   1115 C CG  . MET A 1 151 ? 11.399  4.160   -5.253  1.00 31.93 ? 151 MET A CG  1 
ATOM   1116 S SD  . MET A 1 151 ? 10.912  4.173   -3.526  1.00 32.71 ? 151 MET A SD  1 
ATOM   1117 C CE  . MET A 1 151 ? 11.426  2.537   -3.088  1.00 33.86 ? 151 MET A CE  1 
ATOM   1118 N N   . ASP A 1 152 ? 8.944   3.837   -9.139  1.00 35.33 ? 152 ASP A N   1 
ATOM   1119 C CA  . ASP A 1 152 ? 7.823   3.431   -9.941  1.00 37.85 ? 152 ASP A CA  1 
ATOM   1120 C C   . ASP A 1 152 ? 8.320   2.936   -11.290 1.00 39.63 ? 152 ASP A C   1 
ATOM   1121 O O   . ASP A 1 152 ? 7.850   1.917   -11.782 1.00 40.45 ? 152 ASP A O   1 
ATOM   1122 C CB  . ASP A 1 152 ? 6.848   4.591   -10.095 1.00 38.29 ? 152 ASP A CB  1 
ATOM   1123 C CG  . ASP A 1 152 ? 5.407   4.129   -10.155 1.00 40.30 ? 152 ASP A CG  1 
ATOM   1124 O OD1 . ASP A 1 152 ? 5.131   2.941   -9.859  1.00 39.34 ? 152 ASP A OD1 1 
ATOM   1125 O OD2 . ASP A 1 152 ? 4.538   4.960   -10.491 1.00 43.99 ? 152 ASP A OD2 1 
ATOM   1126 N N   . HIS A 1 153 ? 9.283   3.640   -11.881 1.00 40.64 ? 153 HIS A N   1 
ATOM   1127 C CA  . HIS A 1 153 ? 9.826   3.224   -13.168 1.00 40.61 ? 153 HIS A CA  1 
ATOM   1128 C C   . HIS A 1 153 ? 10.420  1.862   -12.925 1.00 39.76 ? 153 HIS A C   1 
ATOM   1129 O O   . HIS A 1 153 ? 10.408  0.997   -13.796 1.00 40.51 ? 153 HIS A O   1 
ATOM   1130 C CB  . HIS A 1 153 ? 10.924  4.167   -13.649 1.00 41.86 ? 153 HIS A CB  1 
ATOM   1131 C CG  . HIS A 1 153 ? 10.498  5.597   -13.714 1.00 45.38 ? 153 HIS A CG  1 
ATOM   1132 N ND1 . HIS A 1 153 ? 9.323   5.995   -14.315 1.00 46.94 ? 153 HIS A ND1 1 
ATOM   1133 C CD2 . HIS A 1 153 ? 11.083  6.725   -13.243 1.00 47.83 ? 153 HIS A CD2 1 
ATOM   1134 C CE1 . HIS A 1 153 ? 9.200   7.306   -14.211 1.00 48.64 ? 153 HIS A CE1 1 
ATOM   1135 N NE2 . HIS A 1 153 ? 10.255  7.775   -13.565 1.00 49.30 ? 153 HIS A NE2 1 
ATOM   1136 N N   . ARG A 1 154 ? 10.938  1.676   -11.722 1.00 38.17 ? 154 ARG A N   1 
ATOM   1137 C CA  . ARG A 1 154 ? 11.539  0.410   -11.361 1.00 37.14 ? 154 ARG A CA  1 
ATOM   1138 C C   . ARG A 1 154 ? 10.487  -0.677  -11.191 1.00 36.90 ? 154 ARG A C   1 
ATOM   1139 O O   . ARG A 1 154 ? 10.750  -1.852  -11.416 1.00 36.37 ? 154 ARG A O   1 
ATOM   1140 C CB  . ARG A 1 154 ? 12.345  0.575   -10.080 1.00 36.88 ? 154 ARG A CB  1 
ATOM   1141 C CG  . ARG A 1 154 ? 13.688  1.221   -10.302 1.00 36.50 ? 154 ARG A CG  1 
ATOM   1142 C CD  . ARG A 1 154 ? 14.776  0.174   -10.132 1.00 36.44 ? 154 ARG A CD  1 
ATOM   1143 N NE  . ARG A 1 154 ? 14.565  -0.994  -10.984 1.00 35.63 ? 154 ARG A NE  1 
ATOM   1144 C CZ  . ARG A 1 154 ? 14.813  -2.248  -10.616 1.00 35.49 ? 154 ARG A CZ  1 
ATOM   1145 N NH1 . ARG A 1 154 ? 15.282  -2.509  -9.397  1.00 36.25 ? 154 ARG A NH1 1 
ATOM   1146 N NH2 . ARG A 1 154 ? 14.592  -3.247  -11.466 1.00 35.56 ? 154 ARG A NH2 1 
ATOM   1147 N N   . VAL A 1 155 ? 9.295   -0.278  -10.779 1.00 37.37 ? 155 VAL A N   1 
ATOM   1148 C CA  . VAL A 1 155 ? 8.219   -1.232  -10.608 1.00 36.51 ? 155 VAL A CA  1 
ATOM   1149 C C   . VAL A 1 155 ? 7.696   -1.605  -11.973 1.00 37.30 ? 155 VAL A C   1 
ATOM   1150 O O   . VAL A 1 155 ? 7.170   -2.686  -12.166 1.00 36.16 ? 155 VAL A O   1 
ATOM   1151 C CB  . VAL A 1 155 ? 7.104   -0.635  -9.792  1.00 36.32 ? 155 VAL A CB  1 
ATOM   1152 C CG1 . VAL A 1 155 ? 5.792   -1.336  -10.115 1.00 34.31 ? 155 VAL A CG1 1 
ATOM   1153 C CG2 . VAL A 1 155 ? 7.456   -0.749  -8.315  1.00 34.89 ? 155 VAL A CG2 1 
ATOM   1154 N N   . ASP A 1 156 ? 7.847   -0.692  -12.920 1.00 40.41 ? 156 ASP A N   1 
ATOM   1155 C CA  . ASP A 1 156 ? 7.423   -0.928  -14.289 1.00 43.27 ? 156 ASP A CA  1 
ATOM   1156 C C   . ASP A 1 156 ? 8.350   -1.933  -14.953 1.00 46.10 ? 156 ASP A C   1 
ATOM   1157 O O   . ASP A 1 156 ? 7.911   -3.004  -15.373 1.00 47.63 ? 156 ASP A O   1 
ATOM   1158 C CB  . ASP A 1 156 ? 7.466   0.360   -15.110 1.00 44.32 ? 156 ASP A CB  1 
ATOM   1159 C CG  . ASP A 1 156 ? 6.209   1.191   -14.975 1.00 45.69 ? 156 ASP A CG  1 
ATOM   1160 O OD1 . ASP A 1 156 ? 5.116   0.583   -14.905 1.00 45.65 ? 156 ASP A OD1 1 
ATOM   1161 O OD2 . ASP A 1 156 ? 6.319   2.444   -14.963 1.00 46.73 ? 156 ASP A OD2 1 
ATOM   1162 N N   . GLU A 1 157 ? 9.632   -1.576  -15.059 1.00 48.34 ? 157 GLU A N   1 
ATOM   1163 C CA  . GLU A 1 157 ? 10.612  -2.448  -15.687 1.00 51.23 ? 157 GLU A CA  1 
ATOM   1164 C C   . GLU A 1 157 ? 10.616  -3.788  -14.957 1.00 53.38 ? 157 GLU A C   1 
ATOM   1165 O O   . GLU A 1 157 ? 10.876  -4.836  -15.555 1.00 54.83 ? 157 GLU A O   1 
ATOM   1166 C CB  . GLU A 1 157 ? 12.010  -1.802  -15.674 1.00 50.93 ? 157 GLU A CB  1 
ATOM   1167 C CG  . GLU A 1 157 ? 12.736  -1.851  -14.340 1.00 51.49 ? 157 GLU A CG  1 
ATOM   1168 C CD  . GLU A 1 157 ? 14.084  -1.125  -14.363 1.00 50.97 ? 157 GLU A CD  1 
ATOM   1169 O OE1 . GLU A 1 157 ? 14.109  0.103   -14.595 1.00 50.42 ? 157 GLU A OE1 1 
ATOM   1170 O OE2 . GLU A 1 157 ? 15.121  -1.786  -14.141 1.00 51.87 ? 157 GLU A OE2 1 
ATOM   1171 N N   . GLN A 1 158 ? 10.306  -3.752  -13.667 1.00 55.29 ? 158 GLN A N   1 
ATOM   1172 C CA  . GLN A 1 158 ? 10.238  -4.967  -12.863 1.00 58.44 ? 158 GLN A CA  1 
ATOM   1173 C C   . GLN A 1 158 ? 9.035   -5.807  -13.331 1.00 60.60 ? 158 GLN A C   1 
ATOM   1174 O O   . GLN A 1 158 ? 9.096   -7.039  -13.353 1.00 61.07 ? 158 GLN A O   1 
ATOM   1175 C CB  . GLN A 1 158 ? 10.063  -4.597  -11.384 1.00 59.25 ? 158 GLN A CB  1 
ATOM   1176 C CG  . GLN A 1 158 ? 10.414  -5.690  -10.388 1.00 59.44 ? 158 GLN A CG  1 
ATOM   1177 C CD  . GLN A 1 158 ? 11.862  -6.103  -10.504 1.00 61.82 ? 158 GLN A CD  1 
ATOM   1178 O OE1 . GLN A 1 158 ? 12.743  -5.270  -10.744 1.00 61.11 ? 158 GLN A OE1 1 
ATOM   1179 N NE2 . GLN A 1 158 ? 12.123  -7.393  -10.326 1.00 63.10 ? 158 GLN A NE2 1 
ATOM   1180 N N   . TYR A 1 159 ? 7.950   -5.126  -13.704 1.00 62.72 ? 159 TYR A N   1 
ATOM   1181 C CA  . TYR A 1 159 ? 6.726   -5.774  -14.169 1.00 64.87 ? 159 TYR A CA  1 
ATOM   1182 C C   . TYR A 1 159 ? 6.919   -6.463  -15.511 1.00 66.28 ? 159 TYR A C   1 
ATOM   1183 O O   . TYR A 1 159 ? 6.590   -7.631  -15.666 1.00 65.73 ? 159 TYR A O   1 
ATOM   1184 C CB  . TYR A 1 159 ? 5.603   -4.748  -14.298 1.00 66.14 ? 159 TYR A CB  1 
ATOM   1185 C CG  . TYR A 1 159 ? 4.208   -5.347  -14.353 1.00 69.02 ? 159 TYR A CG  1 
ATOM   1186 C CD1 . TYR A 1 159 ? 3.805   -6.171  -15.411 1.00 69.68 ? 159 TYR A CD1 1 
ATOM   1187 C CD2 . TYR A 1 159 ? 3.276   -5.067  -13.352 1.00 70.40 ? 159 TYR A CD2 1 
ATOM   1188 C CE1 . TYR A 1 159 ? 2.501   -6.692  -15.467 1.00 70.60 ? 159 TYR A CE1 1 
ATOM   1189 C CE2 . TYR A 1 159 ? 1.977   -5.583  -13.398 1.00 71.35 ? 159 TYR A CE2 1 
ATOM   1190 C CZ  . TYR A 1 159 ? 1.595   -6.388  -14.454 1.00 71.40 ? 159 TYR A CZ  1 
ATOM   1191 O OH  . TYR A 1 159 ? 0.302   -6.863  -14.486 1.00 73.36 ? 159 TYR A OH  1 
ATOM   1192 N N   . GLY A 1 160 ? 7.422   -5.729  -16.495 1.00 67.99 ? 160 GLY A N   1 
ATOM   1193 C CA  . GLY A 1 160 ? 7.648   -6.335  -17.791 1.00 69.31 ? 160 GLY A CA  1 
ATOM   1194 C C   . GLY A 1 160 ? 8.445   -7.600  -17.560 1.00 71.02 ? 160 GLY A C   1 
ATOM   1195 O O   . GLY A 1 160 ? 8.082   -8.673  -18.037 1.00 71.46 ? 160 GLY A O   1 
ATOM   1196 N N   . GLU A 1 161 ? 9.526   -7.475  -16.796 1.00 72.77 ? 161 GLU A N   1 
ATOM   1197 C CA  . GLU A 1 161 ? 10.386  -8.607  -16.483 1.00 74.90 ? 161 GLU A CA  1 
ATOM   1198 C C   . GLU A 1 161 ? 9.605   -9.680  -15.722 1.00 76.00 ? 161 GLU A C   1 
ATOM   1199 O O   . GLU A 1 161 ? 10.167  -10.654 -15.219 1.00 76.08 ? 161 GLU A O   1 
ATOM   1200 C CB  . GLU A 1 161 ? 11.581  -8.135  -15.652 1.00 75.76 ? 161 GLU A CB  1 
ATOM   1201 C CG  . GLU A 1 161 ? 12.630  -9.217  -15.416 1.00 76.56 ? 161 GLU A CG  1 
ATOM   1202 C CD  . GLU A 1 161 ? 13.855  -8.711  -14.675 1.00 76.37 ? 161 GLU A CD  1 
ATOM   1203 O OE1 . GLU A 1 161 ? 14.820  -9.493  -14.540 1.00 75.91 ? 161 GLU A OE1 1 
ATOM   1204 O OE2 . GLU A 1 161 ? 13.850  -7.539  -14.229 1.00 76.82 ? 161 GLU A OE2 1 
ATOM   1205 N N   . MET A 1 162 ? 8.295   -9.485  -15.641 1.00 77.28 ? 162 MET A N   1 
ATOM   1206 C CA  . MET A 1 162 ? 7.417   -10.423 -14.965 1.00 78.19 ? 162 MET A CA  1 
ATOM   1207 C C   . MET A 1 162 ? 6.688   -11.212 -16.036 1.00 78.22 ? 162 MET A C   1 
ATOM   1208 O O   . MET A 1 162 ? 6.723   -12.436 -16.050 1.00 76.62 ? 162 MET A O   1 
ATOM   1209 C CB  . MET A 1 162 ? 6.405   -9.671  -14.103 1.00 78.93 ? 162 MET A CB  1 
ATOM   1210 C CG  . MET A 1 162 ? 5.427   -10.555 -13.374 1.00 79.80 ? 162 MET A CG  1 
ATOM   1211 S SD  . MET A 1 162 ? 6.273   -11.508 -12.124 1.00 79.71 ? 162 MET A SD  1 
ATOM   1212 C CE  . MET A 1 162 ? 6.897   -12.884 -13.094 1.00 81.75 ? 162 MET A CE  1 
ATOM   1213 N N   . MET A 1 163 ? 6.028   -10.484 -16.932 1.00 79.88 ? 163 MET A N   1 
ATOM   1214 C CA  . MET A 1 163 ? 5.289   -11.082 -18.037 1.00 81.34 ? 163 MET A CA  1 
ATOM   1215 C C   . MET A 1 163 ? 6.285   -11.926 -18.816 1.00 81.55 ? 163 MET A C   1 
ATOM   1216 O O   . MET A 1 163 ? 5.929   -12.947 -19.400 1.00 81.53 ? 163 MET A O   1 
ATOM   1217 C CB  . MET A 1 163 ? 4.720   -9.995  -18.960 1.00 81.96 ? 163 MET A CB  1 
ATOM   1218 C CG  . MET A 1 163 ? 4.030   -8.828  -18.245 1.00 82.87 ? 163 MET A CG  1 
ATOM   1219 S SD  . MET A 1 163 ? 2.393   -9.173  -17.533 1.00 83.32 ? 163 MET A SD  1 
ATOM   1220 C CE  . MET A 1 163 ? 2.836   -9.958  -15.964 1.00 83.37 ? 163 MET A CE  1 
ATOM   1221 N N   . ALA A 1 164 ? 7.539   -11.485 -18.820 1.00 81.76 ? 164 ALA A N   1 
ATOM   1222 C CA  . ALA A 1 164 ? 8.600   -12.197 -19.520 1.00 82.34 ? 164 ALA A CA  1 
ATOM   1223 C C   . ALA A 1 164 ? 8.652   -13.662 -19.080 1.00 82.76 ? 164 ALA A C   1 
ATOM   1224 O O   . ALA A 1 164 ? 8.144   -14.547 -19.771 1.00 83.49 ? 164 ALA A O   1 
ATOM   1225 C CB  . ALA A 1 164 ? 9.950   -11.520 -19.259 1.00 81.70 ? 164 ALA A CB  1 
ATOM   1226 N N   . SER A 1 165 ? 9.264   -13.903 -17.923 1.00 82.70 ? 165 SER A N   1 
ATOM   1227 C CA  . SER A 1 165 ? 9.406   -15.249 -17.363 1.00 82.16 ? 165 SER A CA  1 
ATOM   1228 C C   . SER A 1 165 ? 8.074   -15.977 -17.187 1.00 81.54 ? 165 SER A C   1 
ATOM   1229 O O   . SER A 1 165 ? 8.043   -17.146 -16.784 1.00 81.51 ? 165 SER A O   1 
ATOM   1230 C CB  . SER A 1 165 ? 10.125  -15.171 -16.006 1.00 82.81 ? 165 SER A CB  1 
ATOM   1231 O OG  . SER A 1 165 ? 9.479   -14.265 -15.116 1.00 82.97 ? 165 SER A OG  1 
ATOM   1232 N N   . LEU A 1 166 ? 6.982   -15.286 -17.505 1.00 80.93 ? 166 LEU A N   1 
ATOM   1233 C CA  . LEU A 1 166 ? 5.639   -15.838 -17.357 1.00 79.98 ? 166 LEU A CA  1 
ATOM   1234 C C   . LEU A 1 166 ? 5.004   -16.348 -18.660 1.00 79.50 ? 166 LEU A C   1 
ATOM   1235 O O   . LEU A 1 166 ? 4.885   -17.560 -18.856 1.00 79.94 ? 166 LEU A O   1 
ATOM   1236 C CB  . LEU A 1 166 ? 4.732   -14.790 -16.701 1.00 79.81 ? 166 LEU A CB  1 
ATOM   1237 C CG  . LEU A 1 166 ? 3.450   -15.262 -16.014 1.00 79.08 ? 166 LEU A CG  1 
ATOM   1238 C CD1 . LEU A 1 166 ? 3.757   -16.378 -15.020 1.00 78.87 ? 166 LEU A CD1 1 
ATOM   1239 C CD2 . LEU A 1 166 ? 2.810   -14.081 -15.309 1.00 78.68 ? 166 LEU A CD2 1 
ATOM   1240 N N   . LEU A 1 167 ? 4.593   -15.439 -19.545 1.00 78.61 ? 167 LEU A N   1 
ATOM   1241 C CA  . LEU A 1 167 ? 3.969   -15.851 -20.809 1.00 77.41 ? 167 LEU A CA  1 
ATOM   1242 C C   . LEU A 1 167 ? 4.916   -16.558 -21.790 1.00 76.34 ? 167 LEU A C   1 
ATOM   1243 O O   . LEU A 1 167 ? 4.519   -16.899 -22.911 1.00 77.09 ? 167 LEU A O   1 
ATOM   1244 C CB  . LEU A 1 167 ? 3.303   -14.655 -21.506 1.00 77.67 ? 167 LEU A CB  1 
ATOM   1245 C CG  . LEU A 1 167 ? 4.092   -13.392 -21.873 1.00 78.47 ? 167 LEU A CG  1 
ATOM   1246 C CD1 . LEU A 1 167 ? 5.364   -13.732 -22.656 1.00 78.61 ? 167 LEU A CD1 1 
ATOM   1247 C CD2 . LEU A 1 167 ? 3.174   -12.479 -22.692 1.00 78.21 ? 167 LEU A CD2 1 
ATOM   1248 N N   . ALA A 1 168 ? 6.166   -16.763 -21.369 1.00 74.28 ? 168 ALA A N   1 
ATOM   1249 C CA  . ALA A 1 168 ? 7.169   -17.455 -22.184 1.00 72.61 ? 168 ALA A CA  1 
ATOM   1250 C C   . ALA A 1 168 ? 7.095   -18.954 -21.804 1.00 72.16 ? 168 ALA A C   1 
ATOM   1251 O O   . ALA A 1 168 ? 6.735   -19.817 -22.655 1.00 72.03 ? 168 ALA A O   1 
ATOM   1252 C CB  . ALA A 1 168 ? 8.573   -16.893 -21.885 1.00 71.62 ? 168 ALA A CB  1 
ATOM   1253 N N   . VAL A 1 169 ? 7.403   -19.254 -20.527 1.00 71.91 ? 169 VAL A N   1 
ATOM   1254 C CA  . VAL A 1 169 ? 7.390   -20.645 -20.019 1.00 70.20 ? 169 VAL A CA  1 
ATOM   1255 C C   . VAL A 1 169 ? 6.251   -21.473 -20.608 1.00 69.32 ? 169 VAL A C   1 
ATOM   1256 O O   . VAL A 1 169 ? 5.042   -21.188 -20.370 1.00 69.31 ? 169 VAL A O   1 
ATOM   1257 C CB  . VAL A 1 169 ? 7.267   -20.723 -18.445 1.00 70.01 ? 169 VAL A CB  1 
ATOM   1258 C CG1 . VAL A 1 169 ? 6.215   -19.707 -17.937 1.00 69.42 ? 169 VAL A CG1 1 
ATOM   1259 C CG2 . VAL A 1 169 ? 6.829   -22.155 -18.018 1.00 69.41 ? 169 VAL A CG2 1 
ATOM   1260 N N   . ALA A 1 170 ? 6.639   -22.482 -21.395 1.00 68.56 ? 170 ALA A N   1 
ATOM   1261 C CA  . ALA A 1 170 ? 5.657   -23.398 -22.013 1.00 67.21 ? 170 ALA A CA  1 
ATOM   1262 C C   . ALA A 1 170 ? 5.580   -24.667 -21.145 1.00 65.53 ? 170 ALA A C   1 
ATOM   1263 O O   . ALA A 1 170 ? 6.618   -25.266 -20.773 1.00 64.28 ? 170 ALA A O   1 
ATOM   1264 C CB  . ALA A 1 170 ? 6.066   -23.757 -23.474 1.00 67.09 ? 170 ALA A CB  1 
ATOM   1265 N N   . LYS A 1 171 ? 4.343   -25.043 -20.822 1.00 63.55 ? 171 LYS A N   1 
ATOM   1266 C CA  . LYS A 1 171 ? 4.046   -26.202 -19.978 1.00 61.87 ? 171 LYS A CA  1 
ATOM   1267 C C   . LYS A 1 171 ? 2.572   -25.969 -19.647 1.00 62.16 ? 171 LYS A C   1 
ATOM   1268 O O   . LYS A 1 171 ? 2.170   -25.944 -18.470 1.00 61.48 ? 171 LYS A O   1 
ATOM   1269 C CB  . LYS A 1 171 ? 4.872   -26.154 -18.693 1.00 60.02 ? 171 LYS A CB  1 
ATOM   1270 C CG  . LYS A 1 171 ? 4.771   -27.425 -17.848 1.00 58.09 ? 171 LYS A CG  1 
ATOM   1271 C CD  . LYS A 1 171 ? 5.148   -27.149 -16.373 1.00 56.97 ? 171 LYS A CD  1 
ATOM   1272 C CE  . LYS A 1 171 ? 6.426   -26.278 -16.226 1.00 55.33 ? 171 LYS A CE  1 
ATOM   1273 N NZ  . LYS A 1 171 ? 6.814   -26.087 -14.767 1.00 52.74 ? 171 LYS A NZ  1 
ATOM   1274 N N   . THR A 1 172 ? 1.792   -25.795 -20.719 1.00 62.75 ? 172 THR A N   1 
ATOM   1275 C CA  . THR A 1 172 ? 0.358   -25.496 -20.674 1.00 63.40 ? 172 THR A CA  1 
ATOM   1276 C C   . THR A 1 172 ? -0.547  -26.606 -20.113 1.00 65.46 ? 172 THR A C   1 
ATOM   1277 O O   . THR A 1 172 ? -0.684  -27.686 -20.721 1.00 64.99 ? 172 THR A O   1 
ATOM   1278 C CB  . THR A 1 172 ? -0.129  -25.093 -22.111 1.00 62.08 ? 172 THR A CB  1 
ATOM   1279 O OG1 . THR A 1 172 ? 0.867   -24.253 -22.751 1.00 59.24 ? 172 THR A OG1 1 
ATOM   1280 C CG2 . THR A 1 172 ? -1.488  -24.345 -22.026 1.00 60.43 ? 172 THR A CG2 1 
ATOM   1281 N N   . ASP A 1 173 ? -1.170  -26.329 -18.966 1.00 67.98 ? 173 ASP A N   1 
ATOM   1282 C CA  . ASP A 1 173 ? -2.061  -27.281 -18.315 1.00 70.42 ? 173 ASP A CA  1 
ATOM   1283 C C   . ASP A 1 173 ? -2.976  -26.621 -17.279 1.00 70.45 ? 173 ASP A C   1 
ATOM   1284 O O   . ASP A 1 173 ? -2.541  -25.768 -16.514 1.00 70.57 ? 173 ASP A O   1 
ATOM   1285 C CB  . ASP A 1 173 ? -1.247  -28.379 -17.637 1.00 72.46 ? 173 ASP A CB  1 
ATOM   1286 C CG  . ASP A 1 173 ? -2.086  -29.216 -16.695 1.00 74.96 ? 173 ASP A CG  1 
ATOM   1287 O OD1 . ASP A 1 173 ? -2.997  -29.935 -17.173 1.00 76.73 ? 173 ASP A OD1 1 
ATOM   1288 O OD2 . ASP A 1 173 ? -1.839  -29.137 -15.470 1.00 76.69 ? 173 ASP A OD2 1 
ATOM   1289 N N   . ALA A 1 174 ? -4.238  -27.041 -17.250 1.00 70.14 ? 174 ALA A N   1 
ATOM   1290 C CA  . ALA A 1 174 ? -5.227  -26.493 -16.325 1.00 70.24 ? 174 ALA A CA  1 
ATOM   1291 C C   . ALA A 1 174 ? -4.669  -26.046 -14.970 1.00 70.18 ? 174 ALA A C   1 
ATOM   1292 O O   . ALA A 1 174 ? -4.695  -24.859 -14.646 1.00 69.74 ? 174 ALA A O   1 
ATOM   1293 C CB  . ALA A 1 174 ? -6.347  -27.502 -16.112 1.00 70.93 ? 174 ALA A CB  1 
ATOM   1294 N N   . ALA A 1 175 ? -4.169  -26.994 -14.183 1.00 70.10 ? 175 ALA A N   1 
ATOM   1295 C CA  . ALA A 1 175 ? -3.633  -26.691 -12.856 1.00 70.11 ? 175 ALA A CA  1 
ATOM   1296 C C   . ALA A 1 175 ? -2.525  -25.633 -12.852 1.00 70.80 ? 175 ALA A C   1 
ATOM   1297 O O   . ALA A 1 175 ? -2.538  -24.710 -12.033 1.00 71.10 ? 175 ALA A O   1 
ATOM   1298 C CB  . ALA A 1 175 ? -3.136  -27.975 -12.197 1.00 68.89 ? 175 ALA A CB  1 
ATOM   1299 N N   . THR A 1 176 ? -1.566  -25.770 -13.763 1.00 71.47 ? 176 THR A N   1 
ATOM   1300 C CA  . THR A 1 176 ? -0.444  -24.832 -13.861 1.00 71.06 ? 176 THR A CA  1 
ATOM   1301 C C   . THR A 1 176 ? -0.825  -23.458 -14.395 1.00 70.07 ? 176 THR A C   1 
ATOM   1302 O O   . THR A 1 176 ? -0.124  -22.486 -14.147 1.00 70.11 ? 176 THR A O   1 
ATOM   1303 C CB  . THR A 1 176 ? 0.683   -25.401 -14.753 1.00 72.06 ? 176 THR A CB  1 
ATOM   1304 O OG1 . THR A 1 176 ? 0.119   -26.273 -15.747 1.00 73.51 ? 176 THR A OG1 1 
ATOM   1305 C CG2 . THR A 1 176 ? 1.686   -26.170 -13.913 1.00 71.76 ? 176 THR A CG2 1 
ATOM   1306 N N   . LEU A 1 177 ? -1.922  -23.386 -15.142 1.00 69.87 ? 177 LEU A N   1 
ATOM   1307 C CA  . LEU A 1 177 ? -2.395  -22.118 -15.688 1.00 69.89 ? 177 LEU A CA  1 
ATOM   1308 C C   . LEU A 1 177 ? -3.111  -21.386 -14.574 1.00 69.16 ? 177 LEU A C   1 
ATOM   1309 O O   . LEU A 1 177 ? -2.795  -20.240 -14.278 1.00 68.31 ? 177 LEU A O   1 
ATOM   1310 C CB  . LEU A 1 177 ? -3.357  -22.359 -16.848 1.00 70.94 ? 177 LEU A CB  1 
ATOM   1311 C CG  . LEU A 1 177 ? -2.760  -22.618 -18.237 1.00 71.94 ? 177 LEU A CG  1 
ATOM   1312 C CD1 . LEU A 1 177 ? -1.548  -23.534 -18.155 1.00 72.22 ? 177 LEU A CD1 1 
ATOM   1313 C CD2 . LEU A 1 177 ? -3.833  -23.224 -19.125 1.00 71.49 ? 177 LEU A CD2 1 
ATOM   1314 N N   . ALA A 1 178 ? -4.073  -22.071 -13.955 1.00 68.99 ? 178 ALA A N   1 
ATOM   1315 C CA  . ALA A 1 178 ? -4.841  -21.522 -12.839 1.00 68.25 ? 178 ALA A CA  1 
ATOM   1316 C C   . ALA A 1 178 ? -3.831  -20.996 -11.834 1.00 67.32 ? 178 ALA A C   1 
ATOM   1317 O O   . ALA A 1 178 ? -4.139  -20.173 -10.979 1.00 67.65 ? 178 ALA A O   1 
ATOM   1318 C CB  . ALA A 1 178 ? -5.697  -22.618 -12.199 1.00 67.57 ? 178 ALA A CB  1 
ATOM   1319 N N   . GLN A 1 179 ? -2.611  -21.491 -11.975 1.00 66.41 ? 179 GLN A N   1 
ATOM   1320 C CA  . GLN A 1 179 ? -1.493  -21.128 -11.132 1.00 65.50 ? 179 GLN A CA  1 
ATOM   1321 C C   . GLN A 1 179 ? -0.859  -19.818 -11.572 1.00 64.36 ? 179 GLN A C   1 
ATOM   1322 O O   . GLN A 1 179 ? -0.582  -18.961 -10.740 1.00 63.61 ? 179 GLN A O   1 
ATOM   1323 C CB  . GLN A 1 179 ? -0.447  -22.238 -11.186 1.00 67.22 ? 179 GLN A CB  1 
ATOM   1324 C CG  . GLN A 1 179 ? 0.943   -21.837 -10.714 1.00 67.62 ? 179 GLN A CG  1 
ATOM   1325 C CD  . GLN A 1 179 ? 1.066   -21.780 -9.212  1.00 67.72 ? 179 GLN A CD  1 
ATOM   1326 O OE1 . GLN A 1 179 ? 2.169   -21.698 -8.680  1.00 67.01 ? 179 GLN A OE1 1 
ATOM   1327 N NE2 . GLN A 1 179 ? -0.068  -21.821 -8.515  1.00 68.67 ? 179 GLN A NE2 1 
ATOM   1328 N N   . MET A 1 180 ? -0.614  -19.679 -12.875 1.00 63.77 ? 180 MET A N   1 
ATOM   1329 C CA  . MET A 1 180 ? 0.009   -18.474 -13.435 1.00 62.90 ? 180 MET A CA  1 
ATOM   1330 C C   . MET A 1 180 ? -0.887  -17.260 -13.221 1.00 61.22 ? 180 MET A C   1 
ATOM   1331 O O   . MET A 1 180 ? -0.405  -16.149 -13.008 1.00 59.55 ? 180 MET A O   1 
ATOM   1332 C CB  . MET A 1 180 ? 0.270   -18.642 -14.944 1.00 64.96 ? 180 MET A CB  1 
ATOM   1333 C CG  . MET A 1 180 ? 1.240   -19.771 -15.328 1.00 65.79 ? 180 MET A CG  1 
ATOM   1334 S SD  . MET A 1 180 ? 1.451   -19.980 -17.140 1.00 67.90 ? 180 MET A SD  1 
ATOM   1335 C CE  . MET A 1 180 ? 3.201   -20.319 -17.273 1.00 65.10 ? 180 MET A CE  1 
ATOM   1336 N N   . ASN A 1 181 ? -2.195  -17.497 -13.288 1.00 59.95 ? 181 ASN A N   1 
ATOM   1337 C CA  . ASN A 1 181 ? -3.205  -16.456 -13.113 1.00 57.84 ? 181 ASN A CA  1 
ATOM   1338 C C   . ASN A 1 181 ? -3.079  -15.813 -11.754 1.00 55.21 ? 181 ASN A C   1 
ATOM   1339 O O   . ASN A 1 181 ? -2.991  -14.599 -11.649 1.00 54.95 ? 181 ASN A O   1 
ATOM   1340 C CB  . ASN A 1 181 ? -4.604  -17.046 -13.279 1.00 60.59 ? 181 ASN A CB  1 
ATOM   1341 C CG  . ASN A 1 181 ? -4.855  -17.555 -14.696 1.00 64.23 ? 181 ASN A CG  1 
ATOM   1342 O OD1 . ASN A 1 181 ? -4.236  -18.529 -15.144 1.00 66.54 ? 181 ASN A OD1 1 
ATOM   1343 N ND2 . ASN A 1 181 ? -5.759  -16.887 -15.412 1.00 65.99 ? 181 ASN A ND2 1 
ATOM   1344 N N   . VAL A 1 182 ? -3.080  -16.632 -10.713 1.00 52.00 ? 182 VAL A N   1 
ATOM   1345 C CA  . VAL A 1 182 ? -2.924  -16.129 -9.360  1.00 49.43 ? 182 VAL A CA  1 
ATOM   1346 C C   . VAL A 1 182 ? -1.680  -15.240 -9.336  1.00 48.21 ? 182 VAL A C   1 
ATOM   1347 O O   . VAL A 1 182 ? -1.703  -14.141 -8.795  1.00 47.64 ? 182 VAL A O   1 
ATOM   1348 C CB  . VAL A 1 182 ? -2.732  -17.283 -8.366  1.00 49.08 ? 182 VAL A CB  1 
ATOM   1349 C CG1 . VAL A 1 182 ? -2.764  -16.760 -6.948  1.00 48.27 ? 182 VAL A CG1 1 
ATOM   1350 C CG2 . VAL A 1 182 ? -3.809  -18.328 -8.579  1.00 49.31 ? 182 VAL A CG2 1 
ATOM   1351 N N   . LEU A 1 183 ? -0.595  -15.722 -9.935  1.00 47.42 ? 183 LEU A N   1 
ATOM   1352 C CA  . LEU A 1 183 ? 0.657   -14.968 -9.993  1.00 46.16 ? 183 LEU A CA  1 
ATOM   1353 C C   . LEU A 1 183 ? 0.424   -13.622 -10.670 1.00 46.20 ? 183 LEU A C   1 
ATOM   1354 O O   . LEU A 1 183 ? 0.946   -12.596 -10.224 1.00 45.16 ? 183 LEU A O   1 
ATOM   1355 C CB  . LEU A 1 183 ? 1.725   -15.745 -10.778 1.00 46.21 ? 183 LEU A CB  1 
ATOM   1356 C CG  . LEU A 1 183 ? 2.449   -16.947 -10.144 1.00 47.47 ? 183 LEU A CG  1 
ATOM   1357 C CD1 . LEU A 1 183 ? 2.950   -17.879 -11.242 1.00 47.02 ? 183 LEU A CD1 1 
ATOM   1358 C CD2 . LEU A 1 183 ? 3.603   -16.470 -9.263  1.00 48.41 ? 183 LEU A CD2 1 
ATOM   1359 N N   . ALA A 1 184 ? -0.363  -13.637 -11.747 1.00 45.95 ? 184 ALA A N   1 
ATOM   1360 C CA  . ALA A 1 184 ? -0.680  -12.423 -12.503 1.00 46.16 ? 184 ALA A CA  1 
ATOM   1361 C C   . ALA A 1 184 ? -1.517  -11.466 -11.653 1.00 46.76 ? 184 ALA A C   1 
ATOM   1362 O O   . ALA A 1 184 ? -1.304  -10.248 -11.654 1.00 46.84 ? 184 ALA A O   1 
ATOM   1363 C CB  . ALA A 1 184 ? -1.437  -12.786 -13.773 1.00 45.61 ? 184 ALA A CB  1 
ATOM   1364 N N   . LEU A 1 185 ? -2.480  -12.041 -10.943 1.00 46.38 ? 185 LEU A N   1 
ATOM   1365 C CA  . LEU A 1 185 ? -3.361  -11.295 -10.065 1.00 45.53 ? 185 LEU A CA  1 
ATOM   1366 C C   . LEU A 1 185 ? -2.495  -10.561 -9.055  1.00 45.44 ? 185 LEU A C   1 
ATOM   1367 O O   . LEU A 1 185 ? -2.674  -9.366  -8.842  1.00 46.36 ? 185 LEU A O   1 
ATOM   1368 C CB  . LEU A 1 185 ? -4.287  -12.259 -9.337  1.00 45.88 ? 185 LEU A CB  1 
ATOM   1369 C CG  . LEU A 1 185 ? -5.333  -11.674 -8.401  1.00 47.10 ? 185 LEU A CG  1 
ATOM   1370 C CD1 . LEU A 1 185 ? -6.360  -10.869 -9.205  1.00 48.06 ? 185 LEU A CD1 1 
ATOM   1371 C CD2 . LEU A 1 185 ? -5.998  -12.819 -7.650  1.00 47.13 ? 185 LEU A CD2 1 
ATOM   1372 N N   . VAL A 1 186 ? -1.560  -11.291 -8.442  1.00 44.22 ? 186 VAL A N   1 
ATOM   1373 C CA  . VAL A 1 186 ? -0.640  -10.737 -7.448  1.00 43.10 ? 186 VAL A CA  1 
ATOM   1374 C C   . VAL A 1 186 ? 0.181   -9.595  -8.033  1.00 42.72 ? 186 VAL A C   1 
ATOM   1375 O O   . VAL A 1 186 ? 0.440   -8.596  -7.356  1.00 42.21 ? 186 VAL A O   1 
ATOM   1376 C CB  . VAL A 1 186 ? 0.352   -11.806 -6.929  1.00 43.74 ? 186 VAL A CB  1 
ATOM   1377 C CG1 . VAL A 1 186 ? 1.458   -11.142 -6.131  1.00 44.16 ? 186 VAL A CG1 1 
ATOM   1378 C CG2 . VAL A 1 186 ? -0.368  -12.826 -6.067  1.00 44.05 ? 186 VAL A CG2 1 
ATOM   1379 N N   . ALA A 1 187 ? 0.599   -9.757  -9.287  1.00 41.54 ? 187 ALA A N   1 
ATOM   1380 C CA  . ALA A 1 187 ? 1.393   -8.744  -9.960  1.00 40.33 ? 187 ALA A CA  1 
ATOM   1381 C C   . ALA A 1 187 ? 0.597   -7.452  -10.065 1.00 39.58 ? 187 ALA A C   1 
ATOM   1382 O O   . ALA A 1 187 ? 1.161   -6.366  -9.972  1.00 40.54 ? 187 ALA A O   1 
ATOM   1383 C CB  . ALA A 1 187 ? 1.797   -9.227  -11.339 1.00 40.06 ? 187 ALA A CB  1 
ATOM   1384 N N   . ARG A 1 188 ? -0.717  -7.582  -10.250 1.00 39.14 ? 188 ARG A N   1 
ATOM   1385 C CA  . ARG A 1 188 ? -1.626  -6.429  -10.379 1.00 37.95 ? 188 ARG A CA  1 
ATOM   1386 C C   . ARG A 1 188 ? -1.847  -5.721  -9.035  1.00 36.59 ? 188 ARG A C   1 
ATOM   1387 O O   . ARG A 1 188 ? -1.813  -4.494  -8.967  1.00 36.79 ? 188 ARG A O   1 
ATOM   1388 C CB  . ARG A 1 188 ? -2.977  -6.871  -10.985 1.00 37.16 ? 188 ARG A CB  1 
ATOM   1389 C CG  . ARG A 1 188 ? -3.986  -5.743  -11.259 1.00 35.94 ? 188 ARG A CG  1 
ATOM   1390 C CD  . ARG A 1 188 ? -3.512  -4.757  -12.337 1.00 36.08 ? 188 ARG A CD  1 
ATOM   1391 N NE  . ARG A 1 188 ? -4.266  -3.496  -12.322 1.00 37.42 ? 188 ARG A NE  1 
ATOM   1392 C CZ  . ARG A 1 188 ? -5.488  -3.315  -12.833 1.00 39.01 ? 188 ARG A CZ  1 
ATOM   1393 N NH1 . ARG A 1 188 ? -6.139  -4.307  -13.434 1.00 37.61 ? 188 ARG A NH1 1 
ATOM   1394 N NH2 . ARG A 1 188 ? -6.086  -2.135  -12.712 1.00 40.25 ? 188 ARG A NH2 1 
ATOM   1395 N N   . TYR A 1 189 ? -2.064  -6.488  -7.969  1.00 35.06 ? 189 TYR A N   1 
ATOM   1396 C CA  . TYR A 1 189 ? -2.261  -5.913  -6.646  1.00 34.20 ? 189 TYR A CA  1 
ATOM   1397 C C   . TYR A 1 189 ? -1.009  -5.174  -6.190  1.00 33.50 ? 189 TYR A C   1 
ATOM   1398 O O   . TYR A 1 189 ? -1.068  -4.273  -5.354  1.00 30.22 ? 189 TYR A O   1 
ATOM   1399 C CB  . TYR A 1 189 ? -2.609  -7.013  -5.650  1.00 35.54 ? 189 TYR A CB  1 
ATOM   1400 C CG  . TYR A 1 189 ? -4.089  -7.321  -5.570  1.00 37.06 ? 189 TYR A CG  1 
ATOM   1401 C CD1 . TYR A 1 189 ? -4.955  -6.496  -4.844  1.00 38.16 ? 189 TYR A CD1 1 
ATOM   1402 C CD2 . TYR A 1 189 ? -4.631  -8.435  -6.218  1.00 38.34 ? 189 TYR A CD2 1 
ATOM   1403 C CE1 . TYR A 1 189 ? -6.324  -6.774  -4.760  1.00 38.48 ? 189 TYR A CE1 1 
ATOM   1404 C CE2 . TYR A 1 189 ? -6.003  -8.723  -6.146  1.00 39.76 ? 189 TYR A CE2 1 
ATOM   1405 C CZ  . TYR A 1 189 ? -6.842  -7.888  -5.412  1.00 40.31 ? 189 TYR A CZ  1 
ATOM   1406 O OH  . TYR A 1 189 ? -8.193  -8.165  -5.337  1.00 43.06 ? 189 TYR A OH  1 
ATOM   1407 N N   . ILE A 1 190 ? 0.134   -5.566  -6.736  1.00 34.63 ? 190 ILE A N   1 
ATOM   1408 C CA  . ILE A 1 190 ? 1.382   -4.908  -6.390  1.00 34.21 ? 190 ILE A CA  1 
ATOM   1409 C C   . ILE A 1 190 ? 1.425   -3.581  -7.126  1.00 35.07 ? 190 ILE A C   1 
ATOM   1410 O O   . ILE A 1 190 ? 1.940   -2.594  -6.620  1.00 37.84 ? 190 ILE A O   1 
ATOM   1411 C CB  . ILE A 1 190 ? 2.604   -5.795  -6.754  1.00 32.55 ? 190 ILE A CB  1 
ATOM   1412 C CG1 . ILE A 1 190 ? 2.746   -6.903  -5.696  1.00 31.53 ? 190 ILE A CG1 1 
ATOM   1413 C CG2 . ILE A 1 190 ? 3.872   -4.954  -6.849  1.00 29.97 ? 190 ILE A CG2 1 
ATOM   1414 C CD1 . ILE A 1 190 ? 3.656   -8.062  -6.071  1.00 29.22 ? 190 ILE A CD1 1 
ATOM   1415 N N   . GLU A 1 191 ? 0.838   -3.539  -8.309  1.00 35.10 ? 191 GLU A N   1 
ATOM   1416 C CA  . GLU A 1 191 ? 0.831   -2.311  -9.074  1.00 36.73 ? 191 GLU A CA  1 
ATOM   1417 C C   . GLU A 1 191 ? -0.234  -1.335  -8.525  1.00 36.08 ? 191 GLU A C   1 
ATOM   1418 O O   . GLU A 1 191 ? -0.111  -0.111  -8.665  1.00 37.17 ? 191 GLU A O   1 
ATOM   1419 C CB  . GLU A 1 191 ? 0.595   -2.666  -10.542 1.00 39.19 ? 191 GLU A CB  1 
ATOM   1420 C CG  . GLU A 1 191 ? 0.915   -1.585  -11.563 1.00 42.17 ? 191 GLU A CG  1 
ATOM   1421 C CD  . GLU A 1 191 ? 1.030   -2.174  -12.976 1.00 46.42 ? 191 GLU A CD  1 
ATOM   1422 O OE1 . GLU A 1 191 ? 0.244   -3.108  -13.291 1.00 48.01 ? 191 GLU A OE1 1 
ATOM   1423 O OE2 . GLU A 1 191 ? 1.892   -1.717  -13.769 1.00 46.66 ? 191 GLU A OE2 1 
ATOM   1424 N N   . ARG A 1 192 ? -1.277  -1.874  -7.899  1.00 34.04 ? 192 ARG A N   1 
ATOM   1425 C CA  . ARG A 1 192 ? -2.317  -1.032  -7.316  1.00 32.42 ? 192 ARG A CA  1 
ATOM   1426 C C   . ARG A 1 192 ? -1.760  -0.415  -6.041  1.00 32.79 ? 192 ARG A C   1 
ATOM   1427 O O   . ARG A 1 192 ? -2.088  0.714   -5.693  1.00 34.36 ? 192 ARG A O   1 
ATOM   1428 C CB  . ARG A 1 192 ? -3.553  -1.845  -6.937  1.00 31.93 ? 192 ARG A CB  1 
ATOM   1429 C CG  . ARG A 1 192 ? -4.358  -2.412  -8.085  1.00 32.58 ? 192 ARG A CG  1 
ATOM   1430 C CD  . ARG A 1 192 ? -5.658  -3.040  -7.589  1.00 32.11 ? 192 ARG A CD  1 
ATOM   1431 N NE  . ARG A 1 192 ? -6.420  -3.591  -8.703  1.00 36.00 ? 192 ARG A NE  1 
ATOM   1432 C CZ  . ARG A 1 192 ? -6.531  -4.890  -8.974  1.00 36.05 ? 192 ARG A CZ  1 
ATOM   1433 N NH1 . ARG A 1 192 ? -5.932  -5.787  -8.202  1.00 35.55 ? 192 ARG A NH1 1 
ATOM   1434 N NH2 . ARG A 1 192 ? -7.232  -5.290  -10.033 1.00 36.15 ? 192 ARG A NH2 1 
ATOM   1435 N N   . THR A 1 193 ? -0.931  -1.188  -5.344  1.00 30.94 ? 193 THR A N   1 
ATOM   1436 C CA  . THR A 1 193 ? -0.296  -0.768  -4.100  1.00 28.53 ? 193 THR A CA  1 
ATOM   1437 C C   . THR A 1 193 ? 0.707   0.353   -4.370  1.00 29.68 ? 193 THR A C   1 
ATOM   1438 O O   . THR A 1 193 ? 0.938   1.230   -3.526  1.00 30.43 ? 193 THR A O   1 
ATOM   1439 C CB  . THR A 1 193 ? 0.462   -1.932  -3.468  1.00 26.13 ? 193 THR A CB  1 
ATOM   1440 O OG1 . THR A 1 193 ? -0.404  -3.067  -3.375  1.00 23.80 ? 193 THR A OG1 1 
ATOM   1441 C CG2 . THR A 1 193 ? 0.958   -1.551  -2.091  1.00 24.71 ? 193 THR A CG2 1 
ATOM   1442 N N   . ALA A 1 194 ? 1.310   0.300   -5.552  1.00 28.50 ? 194 ALA A N   1 
ATOM   1443 C CA  . ALA A 1 194 ? 2.284   1.286   -5.976  1.00 27.13 ? 194 ALA A CA  1 
ATOM   1444 C C   . ALA A 1 194 ? 1.568   2.572   -6.361  1.00 28.67 ? 194 ALA A C   1 
ATOM   1445 O O   . ALA A 1 194 ? 1.969   3.677   -5.988  1.00 29.32 ? 194 ALA A O   1 
ATOM   1446 C CB  . ALA A 1 194 ? 3.063   0.751   -7.170  1.00 24.74 ? 194 ALA A CB  1 
ATOM   1447 N N   . ASP A 1 195 ? 0.491   2.427   -7.109  1.00 30.81 ? 195 ASP A N   1 
ATOM   1448 C CA  . ASP A 1 195 ? -0.228  3.592   -7.542  1.00 32.48 ? 195 ASP A CA  1 
ATOM   1449 C C   . ASP A 1 195 ? -0.843  4.347   -6.380  1.00 31.12 ? 195 ASP A C   1 
ATOM   1450 O O   . ASP A 1 195 ? -1.122  5.539   -6.480  1.00 31.27 ? 195 ASP A O   1 
ATOM   1451 C CB  . ASP A 1 195 ? -1.281  3.212   -8.566  1.00 36.02 ? 195 ASP A CB  1 
ATOM   1452 C CG  . ASP A 1 195 ? -1.774  4.413   -9.334  1.00 41.57 ? 195 ASP A CG  1 
ATOM   1453 O OD1 . ASP A 1 195 ? -0.993  5.387   -9.479  1.00 45.98 ? 195 ASP A OD1 1 
ATOM   1454 O OD2 . ASP A 1 195 ? -2.930  4.390   -9.805  1.00 45.20 ? 195 ASP A OD2 1 
ATOM   1455 N N   . HIS A 1 196 ? -1.042  3.661   -5.270  1.00 30.19 ? 196 HIS A N   1 
ATOM   1456 C CA  . HIS A 1 196 ? -1.589  4.325   -4.107  1.00 30.77 ? 196 HIS A CA  1 
ATOM   1457 C C   . HIS A 1 196 ? -0.495  5.090   -3.378  1.00 29.97 ? 196 HIS A C   1 
ATOM   1458 O O   . HIS A 1 196 ? -0.723  6.205   -2.918  1.00 32.14 ? 196 HIS A O   1 
ATOM   1459 C CB  . HIS A 1 196 ? -2.275  3.323   -3.179  1.00 32.58 ? 196 HIS A CB  1 
ATOM   1460 C CG  . HIS A 1 196 ? -3.750  3.225   -3.411  1.00 35.30 ? 196 HIS A CG  1 
ATOM   1461 N ND1 . HIS A 1 196 ? -4.289  2.703   -4.570  1.00 36.27 ? 196 HIS A ND1 1 
ATOM   1462 C CD2 . HIS A 1 196 ? -4.800  3.649   -2.667  1.00 35.69 ? 196 HIS A CD2 1 
ATOM   1463 C CE1 . HIS A 1 196 ? -5.606  2.813   -4.530  1.00 34.85 ? 196 HIS A CE1 1 
ATOM   1464 N NE2 . HIS A 1 196 ? -5.941  3.384   -3.386  1.00 36.04 ? 196 HIS A NE2 1 
ATOM   1465 N N   . ALA A 1 197 ? 0.693   4.508   -3.278  1.00 28.19 ? 197 ALA A N   1 
ATOM   1466 C CA  . ALA A 1 197 ? 1.794   5.197   -2.628  1.00 26.57 ? 197 ALA A CA  1 
ATOM   1467 C C   . ALA A 1 197 ? 1.940   6.499   -3.371  1.00 26.77 ? 197 ALA A C   1 
ATOM   1468 O O   . ALA A 1 197 ? 2.169   7.551   -2.793  1.00 27.28 ? 197 ALA A O   1 
ATOM   1469 C CB  . ALA A 1 197 ? 3.056   4.395   -2.766  1.00 27.74 ? 197 ALA A CB  1 
ATOM   1470 N N   . THR A 1 198 ? 1.796   6.394   -4.677  1.00 27.28 ? 198 THR A N   1 
ATOM   1471 C CA  . THR A 1 198 ? 1.904   7.518   -5.583  1.00 28.17 ? 198 THR A CA  1 
ATOM   1472 C C   . THR A 1 198 ? 0.806   8.535   -5.321  1.00 29.07 ? 198 THR A C   1 
ATOM   1473 O O   . THR A 1 198 ? 0.996   9.765   -5.427  1.00 29.85 ? 198 THR A O   1 
ATOM   1474 C CB  . THR A 1 198 ? 1.814   6.999   -7.017  1.00 28.67 ? 198 THR A CB  1 
ATOM   1475 O OG1 . THR A 1 198 ? 3.128   6.651   -7.470  1.00 29.77 ? 198 THR A OG1 1 
ATOM   1476 C CG2 . THR A 1 198 ? 1.176   8.014   -7.931  1.00 27.67 ? 198 THR A CG2 1 
ATOM   1477 N N   . ASN A 1 199 ? -0.351  7.994   -4.972  1.00 29.14 ? 199 ASN A N   1 
ATOM   1478 C CA  . ASN A 1 199 ? -1.522  8.794   -4.695  1.00 29.00 ? 199 ASN A CA  1 
ATOM   1479 C C   . ASN A 1 199 ? -1.279  9.586   -3.424  1.00 28.01 ? 199 ASN A C   1 
ATOM   1480 O O   . ASN A 1 199 ? -1.568  10.773  -3.362  1.00 27.82 ? 199 ASN A O   1 
ATOM   1481 C CB  . ASN A 1 199 ? -2.722  7.869   -4.546  1.00 32.15 ? 199 ASN A CB  1 
ATOM   1482 C CG  . ASN A 1 199 ? -4.019  8.580   -4.774  1.00 37.11 ? 199 ASN A CG  1 
ATOM   1483 O OD1 . ASN A 1 199 ? -4.148  9.345   -5.732  1.00 40.49 ? 199 ASN A OD1 1 
ATOM   1484 N ND2 . ASN A 1 199 ? -5.001  8.342   -3.902  1.00 39.17 ? 199 ASN A ND2 1 
ATOM   1485 N N   . ILE A 1 200 ? -0.737  8.915   -2.416  1.00 25.97 ? 200 ILE A N   1 
ATOM   1486 C CA  . ILE A 1 200 ? -0.421  9.543   -1.149  1.00 24.42 ? 200 ILE A CA  1 
ATOM   1487 C C   . ILE A 1 200 ? 0.619   10.628  -1.374  1.00 25.96 ? 200 ILE A C   1 
ATOM   1488 O O   . ILE A 1 200 ? 0.591   11.667  -0.730  1.00 27.36 ? 200 ILE A O   1 
ATOM   1489 C CB  . ILE A 1 200 ? 0.160   8.529   -0.182  1.00 22.45 ? 200 ILE A CB  1 
ATOM   1490 C CG1 . ILE A 1 200 ? -0.929  7.573   0.277   1.00 19.42 ? 200 ILE A CG1 1 
ATOM   1491 C CG2 . ILE A 1 200 ? 0.816   9.235   0.966   1.00 21.18 ? 200 ILE A CG2 1 
ATOM   1492 C CD1 . ILE A 1 200 ? -0.432  6.533   1.218   1.00 18.51 ? 200 ILE A CD1 1 
ATOM   1493 N N   . ALA A 1 201 ? 1.542   10.370  -2.291  1.00 26.86 ? 201 ALA A N   1 
ATOM   1494 C CA  . ALA A 1 201 ? 2.591   11.321  -2.614  1.00 27.56 ? 201 ALA A CA  1 
ATOM   1495 C C   . ALA A 1 201 ? 1.967   12.556  -3.240  1.00 29.14 ? 201 ALA A C   1 
ATOM   1496 O O   . ALA A 1 201 ? 2.380   13.678  -2.987  1.00 29.19 ? 201 ALA A O   1 
ATOM   1497 C CB  . ALA A 1 201 ? 3.573   10.691  -3.574  1.00 25.72 ? 201 ALA A CB  1 
ATOM   1498 N N   . GLU A 1 202 ? 0.973   12.342  -4.078  1.00 31.95 ? 202 GLU A N   1 
ATOM   1499 C CA  . GLU A 1 202 ? 0.298   13.452  -4.709  1.00 34.38 ? 202 GLU A CA  1 
ATOM   1500 C C   . GLU A 1 202 ? -0.280  14.411  -3.664  1.00 35.63 ? 202 GLU A C   1 
ATOM   1501 O O   . GLU A 1 202 ? -0.075  15.623  -3.743  1.00 36.99 ? 202 GLU A O   1 
ATOM   1502 C CB  . GLU A 1 202 ? -0.826  12.937  -5.595  1.00 35.97 ? 202 GLU A CB  1 
ATOM   1503 C CG  . GLU A 1 202 ? -0.743  13.473  -6.993  1.00 38.34 ? 202 GLU A CG  1 
ATOM   1504 C CD  . GLU A 1 202 ? -0.667  14.992  -7.038  1.00 39.06 ? 202 GLU A CD  1 
ATOM   1505 O OE1 . GLU A 1 202 ? -1.693  15.653  -6.743  1.00 39.60 ? 202 GLU A OE1 1 
ATOM   1506 O OE2 . GLU A 1 202 ? 0.421   15.519  -7.369  1.00 38.64 ? 202 GLU A OE2 1 
ATOM   1507 N N   . HIS A 1 203 ? -1.010  13.872  -2.690  1.00 35.91 ? 203 HIS A N   1 
ATOM   1508 C CA  . HIS A 1 203 ? -1.615  14.688  -1.638  1.00 35.81 ? 203 HIS A CA  1 
ATOM   1509 C C   . HIS A 1 203 ? -0.580  15.485  -0.895  1.00 36.70 ? 203 HIS A C   1 
ATOM   1510 O O   . HIS A 1 203 ? -0.698  16.699  -0.731  1.00 39.34 ? 203 HIS A O   1 
ATOM   1511 C CB  . HIS A 1 203 ? -2.320  13.805  -0.637  1.00 34.07 ? 203 HIS A CB  1 
ATOM   1512 C CG  . HIS A 1 203 ? -3.300  12.878  -1.262  1.00 35.01 ? 203 HIS A CG  1 
ATOM   1513 N ND1 . HIS A 1 203 ? -4.231  13.302  -2.185  1.00 34.62 ? 203 HIS A ND1 1 
ATOM   1514 C CD2 . HIS A 1 203 ? -3.502  11.552  -1.094  1.00 35.15 ? 203 HIS A CD2 1 
ATOM   1515 C CE1 . HIS A 1 203 ? -4.967  12.273  -2.560  1.00 34.40 ? 203 HIS A CE1 1 
ATOM   1516 N NE2 . HIS A 1 203 ? -4.547  11.200  -1.912  1.00 35.43 ? 203 HIS A NE2 1 
ATOM   1517 N N   . LEU A 1 204 ? 0.424   14.768  -0.428  1.00 35.82 ? 204 LEU A N   1 
ATOM   1518 C CA  . LEU A 1 204 ? 1.511   15.350  0.303   1.00 36.98 ? 204 LEU A CA  1 
ATOM   1519 C C   . LEU A 1 204 ? 2.089   16.502  -0.511  1.00 38.87 ? 204 LEU A C   1 
ATOM   1520 O O   . LEU A 1 204 ? 2.383   17.562  0.039   1.00 39.95 ? 204 LEU A O   1 
ATOM   1521 C CB  . LEU A 1 204 ? 2.551   14.264  0.557   1.00 38.10 ? 204 LEU A CB  1 
ATOM   1522 C CG  . LEU A 1 204 ? 3.463   14.325  1.781   1.00 40.00 ? 204 LEU A CG  1 
ATOM   1523 C CD1 . LEU A 1 204 ? 4.763   15.051  1.450   1.00 40.59 ? 204 LEU A CD1 1 
ATOM   1524 C CD2 . LEU A 1 204 ? 2.704   14.990  2.929   1.00 40.69 ? 204 LEU A CD2 1 
ATOM   1525 N N   . VAL A 1 205 ? 2.220   16.318  -1.822  1.00 40.22 ? 205 VAL A N   1 
ATOM   1526 C CA  . VAL A 1 205 ? 2.780   17.374  -2.670  1.00 42.29 ? 205 VAL A CA  1 
ATOM   1527 C C   . VAL A 1 205 ? 1.838   18.542  -2.923  1.00 44.06 ? 205 VAL A C   1 
ATOM   1528 O O   . VAL A 1 205 ? 2.266   19.684  -2.889  1.00 44.41 ? 205 VAL A O   1 
ATOM   1529 C CB  . VAL A 1 205 ? 3.282   16.820  -4.041  1.00 42.67 ? 205 VAL A CB  1 
ATOM   1530 C CG1 . VAL A 1 205 ? 3.580   17.974  -4.998  1.00 40.97 ? 205 VAL A CG1 1 
ATOM   1531 C CG2 . VAL A 1 205 ? 4.550   15.979  -3.832  1.00 40.80 ? 205 VAL A CG2 1 
ATOM   1532 N N   . TYR A 1 206 ? 0.570   18.274  -3.191  1.00 46.96 ? 206 TYR A N   1 
ATOM   1533 C CA  . TYR A 1 206 ? -0.375  19.369  -3.414  1.00 49.91 ? 206 TYR A CA  1 
ATOM   1534 C C   . TYR A 1 206 ? -0.556  20.180  -2.123  1.00 49.18 ? 206 TYR A C   1 
ATOM   1535 O O   . TYR A 1 206 ? -0.592  21.419  -2.147  1.00 49.55 ? 206 TYR A O   1 
ATOM   1536 C CB  . TYR A 1 206 ? -1.752  18.844  -3.853  1.00 55.04 ? 206 TYR A CB  1 
ATOM   1537 C CG  . TYR A 1 206 ? -2.889  19.755  -3.403  1.00 59.39 ? 206 TYR A CG  1 
ATOM   1538 C CD1 . TYR A 1 206 ? -3.250  20.890  -4.148  1.00 61.35 ? 206 TYR A CD1 1 
ATOM   1539 C CD2 . TYR A 1 206 ? -3.521  19.549  -2.162  1.00 61.11 ? 206 TYR A CD2 1 
ATOM   1540 C CE1 . TYR A 1 206 ? -4.206  21.804  -3.660  1.00 63.83 ? 206 TYR A CE1 1 
ATOM   1541 C CE2 . TYR A 1 206 ? -4.471  20.453  -1.663  1.00 62.79 ? 206 TYR A CE2 1 
ATOM   1542 C CZ  . TYR A 1 206 ? -4.808  21.578  -2.412  1.00 64.85 ? 206 TYR A CZ  1 
ATOM   1543 O OH  . TYR A 1 206 ? -5.722  22.484  -1.898  1.00 66.24 ? 206 TYR A OH  1 
ATOM   1544 N N   . LEU A 1 207 ? -0.712  19.474  -1.007  1.00 47.86 ? 207 LEU A N   1 
ATOM   1545 C CA  . LEU A 1 207 ? -0.881  20.128  0.280   1.00 48.44 ? 207 LEU A CA  1 
ATOM   1546 C C   . LEU A 1 207 ? 0.231   21.164  0.494   1.00 50.69 ? 207 LEU A C   1 
ATOM   1547 O O   . LEU A 1 207 ? -0.022  22.319  0.868   1.00 51.98 ? 207 LEU A O   1 
ATOM   1548 C CB  . LEU A 1 207 ? -0.842  19.088  1.402   1.00 45.82 ? 207 LEU A CB  1 
ATOM   1549 C CG  . LEU A 1 207 ? -0.489  19.647  2.784   1.00 44.38 ? 207 LEU A CG  1 
ATOM   1550 C CD1 . LEU A 1 207 ? -1.378  20.826  3.105   1.00 43.55 ? 207 LEU A CD1 1 
ATOM   1551 C CD2 . LEU A 1 207 ? -0.636  18.568  3.827   1.00 42.53 ? 207 LEU A CD2 1 
ATOM   1552 N N   . VAL A 1 208 ? 1.461   20.723  0.230   1.00 51.78 ? 208 VAL A N   1 
ATOM   1553 C CA  . VAL A 1 208 ? 2.670   21.522  0.377   1.00 50.94 ? 208 VAL A CA  1 
ATOM   1554 C C   . VAL A 1 208 ? 2.939   22.480  -0.794  1.00 52.24 ? 208 VAL A C   1 
ATOM   1555 O O   . VAL A 1 208 ? 2.719   23.681  -0.684  1.00 53.03 ? 208 VAL A O   1 
ATOM   1556 C CB  . VAL A 1 208 ? 3.883   20.586  0.556   1.00 49.72 ? 208 VAL A CB  1 
ATOM   1557 C CG1 . VAL A 1 208 ? 5.146   21.380  0.672   1.00 49.33 ? 208 VAL A CG1 1 
ATOM   1558 C CG2 . VAL A 1 208 ? 3.685   19.717  1.784   1.00 49.30 ? 208 VAL A CG2 1 
ATOM   1559 N N   . LYS A 1 209 ? 3.413   21.948  -1.915  1.00 54.00 ? 209 LYS A N   1 
ATOM   1560 C CA  . LYS A 1 209 ? 3.731   22.780  -3.078  1.00 55.80 ? 209 LYS A CA  1 
ATOM   1561 C C   . LYS A 1 209 ? 2.540   23.307  -3.869  1.00 57.78 ? 209 LYS A C   1 
ATOM   1562 O O   . LYS A 1 209 ? 2.740   24.041  -4.834  1.00 59.41 ? 209 LYS A O   1 
ATOM   1563 C CB  . LYS A 1 209 ? 4.663   22.027  -4.054  1.00 55.60 ? 209 LYS A CB  1 
ATOM   1564 C CG  . LYS A 1 209 ? 6.075   21.774  -3.530  1.00 55.27 ? 209 LYS A CG  1 
ATOM   1565 C CD  . LYS A 1 209 ? 6.946   21.023  -4.535  1.00 56.36 ? 209 LYS A CD  1 
ATOM   1566 C CE  . LYS A 1 209 ? 8.324   20.695  -3.924  1.00 57.08 ? 209 LYS A CE  1 
ATOM   1567 N NZ  . LYS A 1 209 ? 9.227   19.857  -4.791  1.00 56.24 ? 209 LYS A NZ  1 
ATOM   1568 N N   . GLY A 1 210 ? 1.314   22.954  -3.484  1.00 59.22 ? 210 GLY A N   1 
ATOM   1569 C CA  . GLY A 1 210 ? 0.155   23.409  -4.244  1.00 61.05 ? 210 GLY A CA  1 
ATOM   1570 C C   . GLY A 1 210 ? 0.226   22.930  -5.696  1.00 62.68 ? 210 GLY A C   1 
ATOM   1571 O O   . GLY A 1 210 ? -0.777  22.942  -6.421  1.00 62.57 ? 210 GLY A O   1 
ATOM   1572 N N   . LYS A 1 211 ? 1.430   22.511  -6.105  1.00 63.99 ? 211 LYS A N   1 
ATOM   1573 C CA  . LYS A 1 211 ? 1.735   21.995  -7.448  1.00 65.89 ? 211 LYS A CA  1 
ATOM   1574 C C   . LYS A 1 211 ? 1.420   20.495  -7.510  1.00 67.34 ? 211 LYS A C   1 
ATOM   1575 O O   . LYS A 1 211 ? 0.881   19.921  -6.553  1.00 68.15 ? 211 LYS A O   1 
ATOM   1576 C CB  . LYS A 1 211 ? 3.232   22.203  -7.792  1.00 65.16 ? 211 LYS A CB  1 
ATOM   1577 C CG  . LYS A 1 211 ? 3.636   23.612  -8.252  1.00 65.03 ? 211 LYS A CG  1 
ATOM   1578 C CD  . LYS A 1 211 ? 3.620   23.781  -9.780  1.00 65.23 ? 211 LYS A CD  1 
ATOM   1579 C CE  . LYS A 1 211 ? 4.826   23.093  -10.442 1.00 66.06 ? 211 LYS A CE  1 
ATOM   1580 N NZ  . LYS A 1 211 ? 4.962   23.360  -11.913 1.00 63.57 ? 211 LYS A NZ  1 
ATOM   1581 N N   . HIS A 1 212 ? 1.782   19.861  -8.626  1.00 68.41 ? 212 HIS A N   1 
ATOM   1582 C CA  . HIS A 1 212 ? 1.521   18.438  -8.801  1.00 68.65 ? 212 HIS A CA  1 
ATOM   1583 C C   . HIS A 1 212 ? 2.712   17.491  -8.840  1.00 68.69 ? 212 HIS A C   1 
ATOM   1584 O O   . HIS A 1 212 ? 3.815   17.840  -9.280  1.00 67.63 ? 212 HIS A O   1 
ATOM   1585 C CB  . HIS A 1 212 ? 0.664   18.213  -10.049 1.00 68.92 ? 212 HIS A CB  1 
ATOM   1586 C CG  . HIS A 1 212 ? -0.808  18.276  -9.784  1.00 68.79 ? 212 HIS A CG  1 
ATOM   1587 N ND1 . HIS A 1 212 ? -1.748  18.264  -10.792 1.00 68.73 ? 212 HIS A ND1 1 
ATOM   1588 C CD2 . HIS A 1 212 ? -1.500  18.338  -8.622  1.00 68.72 ? 212 HIS A CD2 1 
ATOM   1589 C CE1 . HIS A 1 212 ? -2.957  18.318  -10.261 1.00 68.30 ? 212 HIS A CE1 1 
ATOM   1590 N NE2 . HIS A 1 212 ? -2.834  18.363  -8.946  1.00 68.33 ? 212 HIS A NE2 1 
ATOM   1591 N N   . TYR A 1 213 ? 2.435   16.278  -8.362  1.00 69.22 ? 213 TYR A N   1 
ATOM   1592 C CA  . TYR A 1 213 ? 3.370   15.161  -8.304  1.00 70.16 ? 213 TYR A CA  1 
ATOM   1593 C C   . TYR A 1 213 ? 3.985   14.978  -9.696  1.00 71.70 ? 213 TYR A C   1 
ATOM   1594 O O   . TYR A 1 213 ? 3.261   14.891  -10.695 1.00 71.71 ? 213 TYR A O   1 
ATOM   1595 C CB  . TYR A 1 213 ? 2.597   13.899  -7.880  1.00 68.46 ? 213 TYR A CB  1 
ATOM   1596 C CG  . TYR A 1 213 ? 3.421   12.635  -7.781  1.00 67.70 ? 213 TYR A CG  1 
ATOM   1597 C CD1 . TYR A 1 213 ? 4.430   12.506  -6.821  1.00 67.23 ? 213 TYR A CD1 1 
ATOM   1598 C CD2 . TYR A 1 213 ? 3.192   11.565  -8.646  1.00 66.52 ? 213 TYR A CD2 1 
ATOM   1599 C CE1 . TYR A 1 213 ? 5.195   11.341  -6.723  1.00 66.61 ? 213 TYR A CE1 1 
ATOM   1600 C CE2 . TYR A 1 213 ? 3.948   10.394  -8.558  1.00 66.37 ? 213 TYR A CE2 1 
ATOM   1601 C CZ  . TYR A 1 213 ? 4.948   10.288  -7.594  1.00 66.41 ? 213 TYR A CZ  1 
ATOM   1602 O OH  . TYR A 1 213 ? 5.694   9.129   -7.501  1.00 65.27 ? 213 TYR A OH  1 
ATOM   1603 N N   . ASP A 1 214 ? 5.314   14.914  -9.763  1.00 73.47 ? 214 ASP A N   1 
ATOM   1604 C CA  . ASP A 1 214 ? 5.997   14.774  -11.049 1.00 75.68 ? 214 ASP A CA  1 
ATOM   1605 C C   . ASP A 1 214 ? 5.865   13.409  -11.740 1.00 77.00 ? 214 ASP A C   1 
ATOM   1606 O O   . ASP A 1 214 ? 5.103   12.541  -11.291 1.00 76.98 ? 214 ASP A O   1 
ATOM   1607 C CB  . ASP A 1 214 ? 7.473   15.147  -10.904 1.00 75.46 ? 214 ASP A CB  1 
ATOM   1608 C CG  . ASP A 1 214 ? 7.907   16.165  -11.940 1.00 75.42 ? 214 ASP A CG  1 
ATOM   1609 O OD1 . ASP A 1 214 ? 7.904   15.819  -13.143 1.00 75.06 ? 214 ASP A OD1 1 
ATOM   1610 O OD2 . ASP A 1 214 ? 8.235   17.311  -11.552 1.00 75.72 ? 214 ASP A OD2 1 
ATOM   1611 N N   . PHE A 1 215 ? 6.606   13.229  -12.837 1.00 78.05 ? 215 PHE A N   1 
ATOM   1612 C CA  . PHE A 1 215 ? 6.536   11.988  -13.608 1.00 78.97 ? 215 PHE A CA  1 
ATOM   1613 C C   . PHE A 1 215 ? 6.543   10.735  -12.745 1.00 78.86 ? 215 PHE A C   1 
ATOM   1614 O O   . PHE A 1 215 ? 6.800   10.850  -11.529 1.00 79.19 ? 215 PHE A O   1 
ATOM   1615 C CB  . PHE A 1 215 ? 7.659   11.931  -14.682 1.00 79.84 ? 215 PHE A CB  1 
ATOM   1616 C CG  . PHE A 1 215 ? 9.066   12.097  -14.143 1.00 80.36 ? 215 PHE A CG  1 
ATOM   1617 C CD1 . PHE A 1 215 ? 9.703   11.057  -13.462 1.00 80.71 ? 215 PHE A CD1 1 
ATOM   1618 C CD2 . PHE A 1 215 ? 9.768   13.290  -14.350 1.00 80.77 ? 215 PHE A CD2 1 
ATOM   1619 C CE1 . PHE A 1 215 ? 11.020  11.199  -12.995 1.00 80.62 ? 215 PHE A CE1 1 
ATOM   1620 C CE2 . PHE A 1 215 ? 11.087  13.445  -13.888 1.00 80.38 ? 215 PHE A CE2 1 
ATOM   1621 C CZ  . PHE A 1 215 ? 11.713  12.396  -13.210 1.00 80.46 ? 215 PHE A CZ  1 
HETATM 1622 O O   . HOH B 2 .   ? -8.754  -11.362 -5.982  1.00 42.46 ? 301 HOH A O   1 
HETATM 1623 O O   . HOH B 2 .   ? 5.473   13.868  -15.814 1.00 51.81 ? 302 HOH A O   1 
HETATM 1624 O O   . HOH B 2 .   ? -4.040  16.988  -6.971  1.00 44.71 ? 303 HOH A O   1 
HETATM 1625 O O   . HOH B 2 .   ? 2.164   -17.091 -24.899 1.00 39.58 ? 304 HOH A O   1 
HETATM 1626 O O   . HOH B 2 .   ? -8.704  -2.922  4.646   1.00 49.06 ? 305 HOH A O   1 
# 
